data_1I32
#
_entry.id   1I32
#
_cell.length_a   80.385
_cell.length_b   394.105
_cell.length_c   70.963
_cell.angle_alpha   90.00
_cell.angle_beta   90.00
_cell.angle_gamma   90.00
#
_symmetry.space_group_name_H-M   'P 21 21 2'
#
loop_
_entity.id
_entity.type
_entity.pdbx_description
1 polymer 'GLYCERALDEHYDE 3-PHOSPHATE DEHYDROGENASE'
2 non-polymer "N-NAPHTHALEN-1-YLMETHYL-2'-[3,5-DIMETHOXYBENZAMIDO]-2'-DEOXY-ADENOSINE"
3 water water
#
_entity_poly.entity_id   1
_entity_poly.type   'polypeptide(L)'
_entity_poly.pdbx_seq_one_letter_code
;APIKVGINGFGRIGRMVFQAICDQGLIGTEIDVVAVVDMSTNAEYFAYQMKHDTVHGRPKYTVEAVKSSPSVETADVLVV
NGHRIKCVKAQRNPADLPWGKLGVDYVIESTGLFTDKLKAEGHIKGGAKKVVISAPASGGAKTIVMGVNQHEYSPASHHV
VSNASCTTNCLAPIVHVLTKENFGIETGLMTTIHSYTATQKTVDGVSLKDWRGGRAAAVNIIPSTTGAAKAVGMVIPSTK
GKLTGMSFRVPTPDVSVVDLTFRATRDTSIQEIDKAIKKAAQTYMKGILGFTDEELVSADFINDNRSSVYDSKATLQNNL
PGEKRFFKVVSWYDNEWAYSHRVVDLVRYMAAKDAASSKM
;
_entity_poly.pdbx_strand_id   A,B,C,D,E,F
#
# COMPACT_ATOMS: atom_id res chain seq x y z
N ALA A 1 8.57 37.50 51.75
CA ALA A 1 10.03 37.37 52.07
C ALA A 1 10.70 36.41 51.09
N PRO A 2 11.28 36.94 50.01
CA PRO A 2 11.97 36.15 48.97
C PRO A 2 13.13 35.33 49.55
N ILE A 3 13.14 34.04 49.23
CA ILE A 3 14.19 33.15 49.70
C ILE A 3 15.52 33.56 49.07
N LYS A 4 16.50 33.90 49.91
CA LYS A 4 17.82 34.28 49.41
C LYS A 4 18.64 33.03 49.09
N VAL A 5 18.90 32.79 47.81
CA VAL A 5 19.66 31.62 47.44
C VAL A 5 20.91 31.95 46.64
N GLY A 6 21.86 31.02 46.71
CA GLY A 6 23.10 31.15 46.00
C GLY A 6 23.47 29.84 45.36
N ILE A 7 23.95 29.88 44.13
CA ILE A 7 24.33 28.66 43.44
C ILE A 7 25.84 28.51 43.38
N ASN A 8 26.38 27.48 44.03
CA ASN A 8 27.82 27.27 43.94
C ASN A 8 28.09 26.19 42.91
N GLY A 9 28.59 26.62 41.75
CA GLY A 9 28.87 25.72 40.65
C GLY A 9 27.81 25.90 39.58
N PHE A 10 28.15 26.58 38.49
CA PHE A 10 27.17 26.85 37.47
C PHE A 10 27.33 26.00 36.21
N GLY A 11 27.46 24.69 36.38
CA GLY A 11 27.58 23.79 35.25
C GLY A 11 26.21 23.31 34.80
N ARG A 12 26.14 22.14 34.17
CA ARG A 12 24.84 21.61 33.75
C ARG A 12 23.84 21.67 34.90
N ILE A 13 24.17 20.97 35.98
CA ILE A 13 23.31 20.90 37.17
C ILE A 13 22.92 22.28 37.66
N GLY A 14 23.91 23.13 37.91
CA GLY A 14 23.63 24.46 38.40
C GLY A 14 22.65 25.22 37.53
N ARG A 15 22.99 25.39 36.26
CA ARG A 15 22.11 26.09 35.32
C ARG A 15 20.72 25.50 35.35
N MET A 16 20.63 24.18 35.16
CA MET A 16 19.36 23.46 35.16
C MET A 16 18.51 23.88 36.36
N VAL A 17 19.12 23.90 37.53
CA VAL A 17 18.42 24.31 38.74
C VAL A 17 17.97 25.76 38.62
N PHE A 18 18.87 26.61 38.19
CA PHE A 18 18.53 28.02 38.04
C PHE A 18 17.40 28.18 37.03
N GLN A 19 17.47 27.44 35.93
CA GLN A 19 16.44 27.50 34.89
C GLN A 19 15.12 26.94 35.42
N ALA A 20 15.20 25.94 36.29
CA ALA A 20 14.00 25.36 36.88
C ALA A 20 13.26 26.44 37.66
N ILE A 21 14.04 27.25 38.40
CA ILE A 21 13.48 28.35 39.19
C ILE A 21 12.77 29.33 38.27
N CYS A 22 13.52 29.87 37.32
CA CYS A 22 12.98 30.82 36.36
C CYS A 22 11.78 30.23 35.64
N ASP A 23 11.93 29.01 35.14
CA ASP A 23 10.87 28.32 34.42
C ASP A 23 9.58 28.33 35.25
N GLN A 24 9.71 28.03 36.53
CA GLN A 24 8.55 28.00 37.42
C GLN A 24 8.05 29.42 37.69
N GLY A 25 8.76 30.42 37.16
CA GLY A 25 8.36 31.79 37.35
C GLY A 25 8.53 32.26 38.78
N LEU A 26 9.46 31.64 39.49
CA LEU A 26 9.75 31.95 40.88
C LEU A 26 10.80 33.04 41.01
N ILE A 27 11.64 33.18 39.99
CA ILE A 27 12.69 34.18 40.02
C ILE A 27 12.15 35.56 40.35
N GLY A 28 12.72 36.19 41.37
CA GLY A 28 12.28 37.51 41.76
C GLY A 28 11.25 37.50 42.88
N THR A 29 10.04 37.04 42.57
CA THR A 29 8.95 37.00 43.55
C THR A 29 9.24 36.06 44.73
N GLU A 30 9.19 34.75 44.48
CA GLU A 30 9.40 33.75 45.52
C GLU A 30 10.87 33.56 45.88
N ILE A 31 11.70 33.28 44.88
CA ILE A 31 13.11 33.05 45.13
C ILE A 31 13.98 34.16 44.58
N ASP A 32 14.94 34.57 45.37
CA ASP A 32 15.87 35.61 44.97
C ASP A 32 17.25 35.03 44.79
N VAL A 33 17.62 34.74 43.55
CA VAL A 33 18.95 34.21 43.31
C VAL A 33 19.94 35.37 43.35
N VAL A 34 20.44 35.62 44.54
CA VAL A 34 21.40 36.69 44.78
C VAL A 34 22.61 36.57 43.89
N ALA A 35 23.11 35.35 43.71
CA ALA A 35 24.28 35.18 42.87
C ALA A 35 24.57 33.73 42.57
N VAL A 36 25.46 33.53 41.61
CA VAL A 36 25.94 32.22 41.19
C VAL A 36 27.47 32.22 41.23
N VAL A 37 28.07 31.13 41.65
CA VAL A 37 29.53 31.12 41.74
C VAL A 37 30.15 30.09 40.81
N ASP A 38 31.21 30.51 40.11
CA ASP A 38 31.91 29.61 39.19
C ASP A 38 33.29 30.15 38.85
N MET A 39 34.12 29.30 38.24
CA MET A 39 35.49 29.63 37.84
C MET A 39 35.53 30.86 36.95
N SER A 40 34.38 31.21 36.38
CA SER A 40 34.31 32.38 35.51
C SER A 40 33.14 33.26 35.92
N THR A 41 33.23 34.53 35.57
CA THR A 41 32.17 35.49 35.89
C THR A 41 31.68 36.17 34.60
N ASN A 42 32.02 35.56 33.46
CA ASN A 42 31.62 36.07 32.16
C ASN A 42 30.13 35.85 31.93
N ALA A 43 29.33 36.81 32.39
CA ALA A 43 27.87 36.72 32.26
C ALA A 43 27.42 36.47 30.83
N GLU A 44 28.14 37.02 29.86
CA GLU A 44 27.76 36.83 28.48
C GLU A 44 27.75 35.35 28.10
N TYR A 45 28.73 34.62 28.60
CA TYR A 45 28.80 33.20 28.30
C TYR A 45 27.64 32.46 28.95
N PHE A 46 27.32 32.83 30.18
CA PHE A 46 26.23 32.19 30.90
C PHE A 46 24.90 32.44 30.21
N ALA A 47 24.70 33.67 29.73
CA ALA A 47 23.47 33.97 29.01
C ALA A 47 23.36 33.05 27.80
N TYR A 48 24.46 32.91 27.07
CA TYR A 48 24.53 32.05 25.90
C TYR A 48 24.07 30.64 26.26
N GLN A 49 24.72 30.08 27.27
CA GLN A 49 24.41 28.74 27.74
C GLN A 49 22.95 28.57 28.17
N MET A 50 22.36 29.63 28.71
CA MET A 50 20.98 29.56 29.17
C MET A 50 19.98 29.78 28.07
N LYS A 51 20.34 30.58 27.08
CA LYS A 51 19.41 30.86 26.00
C LYS A 51 19.39 29.74 24.98
N HIS A 52 20.39 28.86 25.01
CA HIS A 52 20.44 27.78 24.03
C HIS A 52 20.80 26.45 24.67
N ASP A 53 19.85 25.50 24.60
CA ASP A 53 20.04 24.16 25.16
C ASP A 53 19.70 23.07 24.14
N THR A 54 20.70 22.26 23.81
CA THR A 54 20.57 21.19 22.82
C THR A 54 19.36 20.31 23.08
N VAL A 55 19.07 20.04 24.34
CA VAL A 55 17.98 19.16 24.70
C VAL A 55 16.70 19.87 25.06
N HIS A 56 16.78 20.90 25.89
CA HIS A 56 15.57 21.57 26.38
C HIS A 56 15.15 22.78 25.57
N GLY A 57 15.92 23.13 24.54
CA GLY A 57 15.54 24.24 23.69
C GLY A 57 15.72 25.63 24.29
N ARG A 58 14.87 26.54 23.85
CA ARG A 58 14.92 27.92 24.29
C ARG A 58 14.08 28.16 25.54
N PRO A 59 14.52 29.08 26.40
CA PRO A 59 13.84 29.45 27.65
C PRO A 59 12.59 30.30 27.40
N LYS A 60 11.65 30.23 28.34
CA LYS A 60 10.40 31.00 28.24
C LYS A 60 10.57 32.41 28.82
N TYR A 61 11.76 32.67 29.33
CA TYR A 61 12.09 33.95 29.94
C TYR A 61 13.23 34.63 29.20
N THR A 62 13.41 35.92 29.46
CA THR A 62 14.46 36.68 28.81
C THR A 62 15.75 36.67 29.64
N VAL A 63 16.87 36.48 28.97
CA VAL A 63 18.17 36.48 29.64
C VAL A 63 19.10 37.48 28.99
N GLU A 64 19.69 38.34 29.82
CA GLU A 64 20.59 39.36 29.33
C GLU A 64 21.78 39.53 30.26
N ALA A 65 22.94 39.85 29.69
CA ALA A 65 24.15 40.03 30.49
C ALA A 65 24.54 41.50 30.51
N VAL A 66 24.76 42.02 31.71
CA VAL A 66 25.14 43.41 31.86
C VAL A 66 26.38 43.54 32.74
N LYS A 67 26.81 44.78 32.94
CA LYS A 67 27.98 45.06 33.76
C LYS A 67 27.59 45.70 35.08
N SER A 68 28.17 45.22 36.17
CA SER A 68 27.90 45.77 37.50
C SER A 68 28.24 47.26 37.50
N SER A 69 29.37 47.56 36.90
CA SER A 69 29.87 48.93 36.75
C SER A 69 30.31 49.15 35.31
N PRO A 70 30.00 50.32 34.74
CA PRO A 70 30.42 50.58 33.36
C PRO A 70 31.94 50.50 33.21
N SER A 71 32.62 50.16 34.29
CA SER A 71 34.08 50.05 34.33
C SER A 71 34.56 48.68 33.84
N VAL A 72 33.96 47.62 34.39
CA VAL A 72 34.32 46.24 34.04
C VAL A 72 34.33 46.02 32.52
N GLU A 73 35.31 45.25 32.04
CA GLU A 73 35.44 44.99 30.61
C GLU A 73 34.45 43.93 30.12
N THR A 74 34.20 42.90 30.93
CA THR A 74 33.26 41.85 30.56
C THR A 74 32.13 41.72 31.59
N ALA A 75 30.90 41.73 31.09
CA ALA A 75 29.71 41.62 31.93
C ALA A 75 29.90 40.61 33.04
N ASP A 76 29.38 40.93 34.22
CA ASP A 76 29.51 40.06 35.39
C ASP A 76 28.18 39.96 36.13
N VAL A 77 27.12 40.39 35.45
CA VAL A 77 25.79 40.34 36.04
C VAL A 77 24.77 39.79 35.05
N LEU A 78 23.91 38.91 35.55
CA LEU A 78 22.86 38.29 34.73
C LEU A 78 21.52 38.93 35.04
N VAL A 79 20.72 39.19 34.01
CA VAL A 79 19.42 39.81 34.22
C VAL A 79 18.29 39.00 33.61
N VAL A 80 17.63 38.23 34.46
CA VAL A 80 16.51 37.40 34.04
C VAL A 80 15.20 38.06 34.46
N ASN A 81 14.31 38.28 33.50
CA ASN A 81 13.02 38.90 33.76
C ASN A 81 13.15 40.10 34.70
N GLY A 82 14.21 40.87 34.53
CA GLY A 82 14.42 42.05 35.36
C GLY A 82 15.29 41.78 36.58
N HIS A 83 15.12 40.62 37.20
CA HIS A 83 15.90 40.30 38.39
C HIS A 83 17.40 40.27 38.09
N ARG A 84 18.19 40.84 38.99
CA ARG A 84 19.64 40.89 38.83
C ARG A 84 20.36 39.77 39.60
N ILE A 85 21.24 39.04 38.90
CA ILE A 85 22.01 37.96 39.54
C ILE A 85 23.50 38.21 39.39
N LYS A 86 24.18 38.22 40.52
CA LYS A 86 25.63 38.46 40.56
C LYS A 86 26.42 37.23 40.17
N CYS A 87 27.44 37.44 39.34
CA CYS A 87 28.31 36.36 38.93
C CYS A 87 29.62 36.45 39.72
N VAL A 88 29.70 35.67 40.79
CA VAL A 88 30.85 35.69 41.69
C VAL A 88 31.93 34.67 41.34
N LYS A 89 33.15 35.03 41.70
CA LYS A 89 34.35 34.22 41.49
C LYS A 89 34.38 33.05 42.46
N ALA A 90 34.69 31.87 41.93
CA ALA A 90 34.74 30.65 42.74
C ALA A 90 35.89 30.67 43.74
N GLN A 91 35.77 29.83 44.75
CA GLN A 91 36.77 29.69 45.81
C GLN A 91 37.15 28.22 46.02
N ARG A 92 38.35 27.96 46.52
CA ARG A 92 38.77 26.58 46.75
C ARG A 92 38.03 26.01 47.96
N ASN A 93 37.83 26.86 48.96
CA ASN A 93 37.13 26.45 50.17
C ASN A 93 35.84 27.25 50.35
N PRO A 94 34.70 26.56 50.46
CA PRO A 94 33.36 27.13 50.64
C PRO A 94 33.32 28.17 51.74
N ALA A 95 34.18 28.03 52.74
CA ALA A 95 34.20 28.97 53.84
C ALA A 95 34.67 30.36 53.40
N ASP A 96 35.36 30.42 52.26
CA ASP A 96 35.88 31.69 51.73
C ASP A 96 34.85 32.41 50.87
N LEU A 97 33.65 31.86 50.75
CA LEU A 97 32.61 32.51 49.95
C LEU A 97 31.87 33.54 50.78
N PRO A 98 31.72 34.77 50.25
CA PRO A 98 31.06 35.90 50.90
C PRO A 98 29.55 35.71 51.02
N TRP A 99 29.11 34.52 51.44
CA TRP A 99 27.67 34.26 51.57
C TRP A 99 27.01 35.22 52.55
N GLY A 100 27.65 35.43 53.70
CA GLY A 100 27.09 36.33 54.69
C GLY A 100 27.06 37.75 54.17
N LYS A 101 28.14 38.12 53.49
CA LYS A 101 28.29 39.46 52.92
C LYS A 101 27.25 39.74 51.83
N LEU A 102 26.83 38.69 51.12
CA LEU A 102 25.84 38.83 50.05
C LEU A 102 24.40 38.66 50.54
N GLY A 103 24.25 38.14 51.75
CA GLY A 103 22.92 37.96 52.31
C GLY A 103 22.25 36.69 51.82
N VAL A 104 23.05 35.67 51.53
CA VAL A 104 22.57 34.37 51.05
C VAL A 104 22.33 33.40 52.20
N ASP A 105 21.11 32.87 52.30
CA ASP A 105 20.77 31.93 53.34
C ASP A 105 20.88 30.49 52.86
N TYR A 106 20.29 30.21 51.70
CA TYR A 106 20.29 28.87 51.15
C TYR A 106 21.25 28.73 49.98
N VAL A 107 22.26 27.90 50.15
CA VAL A 107 23.24 27.67 49.09
C VAL A 107 23.03 26.32 48.43
N ILE A 108 23.01 26.33 47.10
CA ILE A 108 22.85 25.11 46.34
C ILE A 108 24.22 24.61 45.90
N GLU A 109 24.70 23.57 46.58
CA GLU A 109 26.00 23.02 46.26
C GLU A 109 25.92 22.08 45.08
N SER A 110 26.37 22.56 43.92
CA SER A 110 26.31 21.75 42.72
C SER A 110 27.62 21.75 41.95
N THR A 111 28.74 21.74 42.66
CA THR A 111 30.05 21.69 42.02
C THR A 111 30.52 20.23 41.93
N GLY A 112 29.91 19.38 42.76
CA GLY A 112 30.25 17.98 42.78
C GLY A 112 31.52 17.70 43.56
N LEU A 113 32.13 18.77 44.07
CA LEU A 113 33.37 18.63 44.82
C LEU A 113 33.15 18.66 46.33
N PHE A 114 31.95 19.06 46.73
CA PHE A 114 31.66 19.15 48.16
C PHE A 114 30.45 18.32 48.54
N THR A 115 30.45 17.06 48.10
CA THR A 115 29.36 16.15 48.42
C THR A 115 29.52 15.59 49.82
N ASP A 116 30.61 15.96 50.49
CA ASP A 116 30.87 15.49 51.85
C ASP A 116 30.31 16.46 52.90
N LYS A 117 29.45 15.93 53.77
CA LYS A 117 28.79 16.68 54.84
C LYS A 117 29.71 17.72 55.48
N LEU A 118 30.91 17.30 55.87
CA LEU A 118 31.87 18.17 56.52
C LEU A 118 32.31 19.34 55.63
N LYS A 119 32.69 19.05 54.39
CA LYS A 119 33.14 20.08 53.47
C LYS A 119 32.02 21.05 53.10
N ALA A 120 30.82 20.52 52.89
CA ALA A 120 29.67 21.34 52.53
C ALA A 120 29.32 22.35 53.62
N GLU A 121 29.56 22.00 54.88
CA GLU A 121 29.27 22.90 55.99
C GLU A 121 30.08 24.18 55.88
N GLY A 122 31.11 24.14 55.04
CA GLY A 122 31.94 25.31 54.84
C GLY A 122 31.14 26.51 54.38
N HIS A 123 30.05 26.25 53.65
CA HIS A 123 29.18 27.31 53.17
C HIS A 123 28.53 28.05 54.33
N ILE A 124 28.15 27.29 55.35
CA ILE A 124 27.53 27.86 56.54
C ILE A 124 28.57 28.69 57.30
N LYS A 125 29.81 28.21 57.29
CA LYS A 125 30.89 28.92 57.94
C LYS A 125 31.19 30.20 57.15
N GLY A 126 30.81 30.18 55.88
CA GLY A 126 31.00 31.34 55.02
C GLY A 126 29.91 32.39 55.22
N GLY A 127 28.92 32.05 56.06
CA GLY A 127 27.85 32.99 56.34
C GLY A 127 26.47 32.48 55.92
N ALA A 128 26.42 31.32 55.25
CA ALA A 128 25.15 30.77 54.81
C ALA A 128 24.39 30.10 55.97
N LYS A 129 23.11 29.83 55.74
CA LYS A 129 22.27 29.20 56.75
C LYS A 129 22.05 27.70 56.45
N LYS A 130 21.52 27.42 55.27
CA LYS A 130 21.24 26.05 54.83
C LYS A 130 21.95 25.75 53.52
N VAL A 131 22.26 24.47 53.32
CA VAL A 131 22.93 24.04 52.10
C VAL A 131 22.24 22.81 51.51
N VAL A 132 21.95 22.86 50.22
CA VAL A 132 21.34 21.73 49.55
C VAL A 132 22.30 21.20 48.51
N ILE A 133 22.72 19.95 48.68
CA ILE A 133 23.64 19.33 47.74
C ILE A 133 22.86 18.65 46.61
N SER A 134 23.02 19.18 45.41
CA SER A 134 22.34 18.66 44.23
C SER A 134 22.95 17.33 43.77
N ALA A 135 23.25 16.44 44.71
CA ALA A 135 23.82 15.16 44.37
C ALA A 135 23.90 14.27 45.60
N PRO A 136 24.15 12.96 45.41
CA PRO A 136 24.23 12.12 46.60
C PRO A 136 25.31 12.64 47.54
N ALA A 137 25.06 12.59 48.84
CA ALA A 137 26.04 13.10 49.81
C ALA A 137 26.59 12.01 50.72
N SER A 138 27.75 12.31 51.29
CA SER A 138 28.46 11.44 52.22
C SER A 138 28.78 12.20 53.50
N GLY A 139 29.08 11.48 54.58
CA GLY A 139 29.39 12.17 55.82
C GLY A 139 28.20 12.28 56.76
N GLY A 140 27.11 11.60 56.43
CA GLY A 140 25.95 11.61 57.29
C GLY A 140 25.00 12.78 57.06
N ALA A 141 24.86 13.21 55.81
CA ALA A 141 23.94 14.31 55.51
C ALA A 141 22.53 13.78 55.29
N LYS A 142 21.53 14.53 55.76
CA LYS A 142 20.15 14.10 55.59
C LYS A 142 19.74 14.08 54.11
N THR A 143 19.36 12.90 53.63
CA THR A 143 18.93 12.77 52.25
C THR A 143 17.41 12.78 52.17
N ILE A 144 16.87 13.64 51.30
CA ILE A 144 15.43 13.76 51.16
C ILE A 144 14.98 13.66 49.73
N VAL A 145 13.85 12.97 49.55
CA VAL A 145 13.24 12.80 48.25
C VAL A 145 11.81 13.34 48.30
N MET A 146 11.60 14.52 47.72
CA MET A 146 10.28 15.12 47.72
C MET A 146 9.22 14.12 47.30
N GLY A 147 8.13 14.08 48.05
CA GLY A 147 7.07 13.14 47.75
C GLY A 147 7.26 11.83 48.47
N VAL A 148 8.39 11.68 49.15
CA VAL A 148 8.63 10.43 49.85
C VAL A 148 8.96 10.63 51.33
N ASN A 149 9.78 11.63 51.66
CA ASN A 149 10.12 11.81 53.07
C ASN A 149 10.55 13.24 53.42
N GLN A 150 9.93 14.23 52.79
CA GLN A 150 10.32 15.60 53.10
C GLN A 150 9.90 15.97 54.52
N HIS A 151 8.91 15.27 55.05
CA HIS A 151 8.42 15.54 56.40
C HIS A 151 9.48 15.24 57.46
N GLU A 152 10.46 14.41 57.11
CA GLU A 152 11.52 14.06 58.07
C GLU A 152 12.58 15.15 58.18
N TYR A 153 12.34 16.29 57.55
CA TYR A 153 13.30 17.39 57.61
C TYR A 153 13.19 18.14 58.93
N SER A 154 14.32 18.30 59.61
CA SER A 154 14.36 19.02 60.88
C SER A 154 15.13 20.34 60.74
N PRO A 155 14.39 21.47 60.78
CA PRO A 155 14.99 22.81 60.65
C PRO A 155 16.13 23.05 61.64
N ALA A 156 16.05 22.40 62.80
CA ALA A 156 17.05 22.59 63.84
C ALA A 156 18.18 21.54 63.79
N SER A 157 17.92 20.38 63.20
CA SER A 157 18.92 19.31 63.16
C SER A 157 19.65 19.20 61.82
N HIS A 158 18.94 19.39 60.73
CA HIS A 158 19.55 19.27 59.39
C HIS A 158 19.89 20.63 58.80
N HIS A 159 21.17 20.83 58.51
CA HIS A 159 21.64 22.08 57.93
C HIS A 159 22.28 21.85 56.57
N VAL A 160 22.65 20.59 56.34
CA VAL A 160 23.23 20.16 55.07
C VAL A 160 22.41 18.99 54.52
N VAL A 161 21.53 19.29 53.57
CA VAL A 161 20.64 18.31 52.97
C VAL A 161 21.07 17.90 51.57
N SER A 162 20.73 16.66 51.22
CA SER A 162 21.04 16.09 49.91
C SER A 162 19.76 15.71 49.18
N ASN A 163 19.62 16.17 47.94
CA ASN A 163 18.43 15.89 47.13
C ASN A 163 18.55 14.51 46.45
N ALA A 164 19.59 13.76 46.81
CA ALA A 164 19.83 12.44 46.25
C ALA A 164 20.25 12.56 44.79
N SER A 165 19.94 11.52 44.00
CA SER A 165 20.28 11.55 42.58
C SER A 165 19.02 11.45 41.73
N CYS A 166 19.16 11.79 40.46
CA CYS A 166 18.03 11.72 39.53
C CYS A 166 17.41 10.32 39.55
N THR A 167 18.24 9.29 39.49
CA THR A 167 17.75 7.91 39.50
C THR A 167 16.98 7.60 40.78
N THR A 168 17.52 8.02 41.92
CA THR A 168 16.86 7.76 43.21
C THR A 168 15.50 8.45 43.27
N ASN A 169 15.39 9.63 42.68
CA ASN A 169 14.13 10.38 42.67
C ASN A 169 13.11 9.71 41.76
N CYS A 170 13.56 8.74 40.97
CA CYS A 170 12.66 8.00 40.09
C CYS A 170 12.24 6.71 40.74
N LEU A 171 13.19 5.98 41.32
CA LEU A 171 12.88 4.69 41.93
C LEU A 171 12.18 4.81 43.28
N ALA A 172 12.61 5.77 44.10
CA ALA A 172 12.03 5.96 45.43
C ALA A 172 10.49 6.10 45.37
N PRO A 173 9.98 7.02 44.54
CA PRO A 173 8.54 7.20 44.46
C PRO A 173 7.81 5.89 44.22
N ILE A 174 8.33 5.08 43.30
CA ILE A 174 7.71 3.80 42.98
C ILE A 174 7.73 2.88 44.19
N VAL A 175 8.92 2.69 44.74
CA VAL A 175 9.05 1.82 45.89
C VAL A 175 8.17 2.31 47.02
N HIS A 176 8.13 3.62 47.22
CA HIS A 176 7.32 4.20 48.28
C HIS A 176 5.87 3.72 48.23
N VAL A 177 5.21 3.86 47.08
CA VAL A 177 3.83 3.40 47.00
C VAL A 177 3.74 1.88 47.04
N LEU A 178 4.78 1.18 46.60
CA LEU A 178 4.77 -0.28 46.64
C LEU A 178 4.71 -0.76 48.10
N THR A 179 5.38 -0.04 48.97
CA THR A 179 5.39 -0.40 50.38
C THR A 179 4.17 0.18 51.08
N LYS A 180 3.92 1.48 50.85
CA LYS A 180 2.78 2.14 51.47
C LYS A 180 1.46 1.42 51.17
N GLU A 181 1.27 0.95 49.94
CA GLU A 181 0.03 0.25 49.59
C GLU A 181 0.07 -1.18 50.07
N ASN A 182 1.04 -1.45 50.93
CA ASN A 182 1.20 -2.75 51.55
C ASN A 182 1.39 -3.91 50.58
N PHE A 183 2.00 -3.65 49.42
CA PHE A 183 2.26 -4.74 48.49
C PHE A 183 3.43 -5.54 48.99
N GLY A 184 4.30 -4.83 49.70
CA GLY A 184 5.47 -5.44 50.28
C GLY A 184 6.57 -5.64 49.28
N ILE A 185 7.77 -5.82 49.79
CA ILE A 185 8.91 -6.02 48.92
C ILE A 185 10.00 -6.82 49.62
N GLU A 186 9.99 -8.13 49.35
CA GLU A 186 10.96 -9.06 49.90
C GLU A 186 12.39 -8.62 49.53
N THR A 187 12.67 -8.65 48.23
CA THR A 187 13.96 -8.22 47.68
C THR A 187 13.72 -7.58 46.31
N GLY A 188 14.63 -6.71 45.88
CA GLY A 188 14.42 -6.08 44.60
C GLY A 188 15.70 -5.69 43.90
N LEU A 189 15.69 -5.84 42.58
CA LEU A 189 16.82 -5.48 41.74
C LEU A 189 16.36 -4.52 40.66
N MET A 190 17.08 -3.41 40.49
CA MET A 190 16.66 -2.46 39.49
C MET A 190 17.77 -2.11 38.52
N THR A 191 17.40 -2.12 37.25
CA THR A 191 18.31 -1.75 36.19
C THR A 191 17.84 -0.41 35.61
N THR A 192 18.77 0.50 35.33
CA THR A 192 18.35 1.77 34.76
C THR A 192 19.05 2.03 33.43
N ILE A 193 18.27 2.11 32.36
CA ILE A 193 18.85 2.45 31.06
C ILE A 193 18.97 3.96 31.08
N HIS A 194 20.21 4.43 31.26
CA HIS A 194 20.47 5.85 31.46
C HIS A 194 21.12 6.56 30.27
N SER A 195 20.70 7.80 30.03
CA SER A 195 21.32 8.60 28.97
C SER A 195 22.75 8.88 29.42
N TYR A 196 23.65 9.25 28.52
CA TYR A 196 25.01 9.54 28.98
C TYR A 196 25.06 10.91 29.64
N THR A 197 26.10 11.17 30.45
CA THR A 197 26.21 12.47 31.13
C THR A 197 27.56 13.14 30.93
N ALA A 198 27.70 14.32 31.55
CA ALA A 198 28.89 15.17 31.45
C ALA A 198 30.17 14.46 31.88
N THR A 199 30.06 13.48 32.76
CA THR A 199 31.24 12.78 33.23
C THR A 199 31.82 11.83 32.19
N GLN A 200 31.06 11.53 31.14
CA GLN A 200 31.53 10.61 30.10
C GLN A 200 32.37 11.31 29.03
N LYS A 201 32.90 10.51 28.12
CA LYS A 201 33.79 11.00 27.08
C LYS A 201 33.24 10.79 25.69
N THR A 202 33.53 11.75 24.80
CA THR A 202 33.08 11.66 23.41
C THR A 202 33.75 10.50 22.70
N VAL A 203 35.07 10.41 22.85
CA VAL A 203 35.86 9.32 22.27
C VAL A 203 36.58 8.59 23.40
N ASP A 204 37.06 7.36 23.18
CA ASP A 204 37.74 6.64 24.26
C ASP A 204 38.72 7.55 24.98
N GLY A 205 38.46 7.81 26.26
CA GLY A 205 39.32 8.70 27.02
C GLY A 205 39.77 8.13 28.35
N VAL A 206 40.21 9.04 29.22
CA VAL A 206 40.73 8.70 30.53
C VAL A 206 39.65 8.65 31.62
N SER A 207 39.64 7.54 32.36
CA SER A 207 38.71 7.34 33.45
C SER A 207 39.22 6.23 34.38
N LEU A 208 40.21 6.58 35.20
CA LEU A 208 40.83 5.65 36.13
C LEU A 208 39.83 5.04 37.11
N LYS A 209 38.93 5.85 37.64
CA LYS A 209 37.94 5.39 38.61
C LYS A 209 36.91 4.43 37.99
N ASP A 210 36.43 4.77 36.79
CA ASP A 210 35.43 3.98 36.08
C ASP A 210 35.92 3.67 34.66
N TRP A 211 36.63 2.55 34.53
CA TRP A 211 37.21 2.13 33.25
C TRP A 211 36.22 2.12 32.08
N ARG A 212 35.10 1.42 32.22
CA ARG A 212 34.15 1.40 31.12
C ARG A 212 33.62 2.79 30.81
N GLY A 213 33.37 3.56 31.86
CA GLY A 213 32.85 4.91 31.69
C GLY A 213 33.75 5.83 30.90
N GLY A 214 34.94 5.37 30.55
CA GLY A 214 35.85 6.22 29.80
C GLY A 214 35.68 6.05 28.29
N ARG A 215 34.99 4.98 27.90
CA ARG A 215 34.77 4.65 26.50
C ARG A 215 33.76 5.57 25.83
N ALA A 216 33.91 5.71 24.51
CA ALA A 216 33.04 6.55 23.68
C ALA A 216 31.57 6.36 24.10
N ALA A 217 30.98 7.43 24.62
CA ALA A 217 29.63 7.44 25.17
C ALA A 217 28.48 7.26 24.18
N ALA A 218 28.44 8.06 23.13
CA ALA A 218 27.34 8.00 22.18
C ALA A 218 27.45 6.88 21.16
N VAL A 219 28.31 5.89 21.40
CA VAL A 219 28.46 4.81 20.43
C VAL A 219 28.57 3.44 21.11
N ASN A 220 28.32 3.40 22.41
CA ASN A 220 28.40 2.16 23.16
C ASN A 220 27.31 2.05 24.22
N ILE A 221 27.08 0.82 24.64
CA ILE A 221 26.23 0.52 25.77
C ILE A 221 27.23 0.31 26.90
N ILE A 222 27.22 1.17 27.90
CA ILE A 222 28.24 1.08 28.93
C ILE A 222 27.71 0.75 30.33
N PRO A 223 28.04 -0.47 30.81
CA PRO A 223 27.60 -0.89 32.15
C PRO A 223 28.27 -0.04 33.22
N SER A 224 27.60 0.14 34.35
CA SER A 224 28.15 0.91 35.45
C SER A 224 27.36 0.64 36.70
N THR A 225 27.93 0.99 37.84
CA THR A 225 27.23 0.78 39.09
C THR A 225 26.45 2.03 39.46
N THR A 226 25.58 1.90 40.45
CA THR A 226 24.81 3.04 40.90
C THR A 226 24.39 2.87 42.35
N GLY A 227 24.46 3.97 43.10
CA GLY A 227 24.09 3.92 44.50
C GLY A 227 22.63 4.26 44.73
N ALA A 228 21.90 4.51 43.63
CA ALA A 228 20.48 4.85 43.70
C ALA A 228 19.67 3.74 44.38
N ALA A 229 20.13 2.50 44.25
CA ALA A 229 19.47 1.36 44.86
C ALA A 229 19.59 1.40 46.39
N LYS A 230 20.81 1.46 46.89
CA LYS A 230 21.02 1.52 48.33
C LYS A 230 20.45 2.83 48.90
N ALA A 231 20.61 3.91 48.14
CA ALA A 231 20.17 5.24 48.55
C ALA A 231 18.70 5.26 48.95
N VAL A 232 17.88 4.47 48.28
CA VAL A 232 16.46 4.46 48.63
C VAL A 232 16.28 3.88 50.03
N GLY A 233 17.27 3.11 50.47
CA GLY A 233 17.23 2.51 51.78
C GLY A 233 17.31 3.54 52.89
N MET A 234 17.86 4.71 52.60
CA MET A 234 17.96 5.76 53.61
C MET A 234 16.73 6.66 53.61
N VAL A 235 16.00 6.67 52.50
CA VAL A 235 14.79 7.47 52.37
C VAL A 235 13.58 6.64 52.78
N ILE A 236 13.71 5.33 52.58
CA ILE A 236 12.68 4.37 52.94
C ILE A 236 13.34 3.23 53.70
N PRO A 237 13.58 3.44 55.01
CA PRO A 237 14.21 2.56 56.00
C PRO A 237 13.90 1.08 55.82
N SER A 238 12.63 0.72 55.67
CA SER A 238 12.23 -0.68 55.52
C SER A 238 12.88 -1.38 54.32
N THR A 239 13.47 -0.63 53.40
CA THR A 239 14.07 -1.22 52.19
C THR A 239 15.59 -1.47 52.28
N LYS A 240 16.21 -1.14 53.41
CA LYS A 240 17.66 -1.35 53.59
C LYS A 240 18.06 -2.80 53.37
N GLY A 241 19.12 -3.02 52.60
CA GLY A 241 19.60 -4.37 52.38
C GLY A 241 18.66 -5.23 51.55
N LYS A 242 17.55 -4.65 51.09
CA LYS A 242 16.60 -5.37 50.26
C LYS A 242 16.78 -5.04 48.78
N LEU A 243 17.22 -3.81 48.50
CA LEU A 243 17.38 -3.34 47.12
C LEU A 243 18.83 -3.18 46.69
N THR A 244 19.01 -3.26 45.38
CA THR A 244 20.29 -3.10 44.72
C THR A 244 20.06 -3.03 43.20
N GLY A 245 20.92 -2.32 42.49
CA GLY A 245 20.72 -2.23 41.05
C GLY A 245 21.96 -1.81 40.29
N MET A 246 21.81 -1.72 38.97
CA MET A 246 22.90 -1.31 38.10
C MET A 246 22.41 -0.36 37.02
N SER A 247 23.34 0.10 36.20
CA SER A 247 23.01 1.04 35.15
C SER A 247 23.65 0.65 33.83
N PHE A 248 23.02 1.10 32.75
CA PHE A 248 23.50 0.90 31.40
C PHE A 248 23.45 2.23 30.68
N ARG A 249 24.61 2.90 30.59
CA ARG A 249 24.67 4.19 29.92
C ARG A 249 24.57 3.97 28.41
N VAL A 250 23.53 4.53 27.79
CA VAL A 250 23.33 4.34 26.34
C VAL A 250 23.46 5.67 25.57
N PRO A 251 23.54 5.60 24.23
CA PRO A 251 23.69 6.77 23.34
C PRO A 251 22.49 7.73 23.25
N THR A 252 22.09 8.34 24.35
CA THR A 252 21.05 9.37 24.35
C THR A 252 21.52 10.48 25.27
N PRO A 253 21.41 11.74 24.82
CA PRO A 253 21.84 12.86 25.64
C PRO A 253 20.99 13.08 26.91
N ASP A 254 19.73 12.67 26.90
CA ASP A 254 18.89 12.88 28.08
C ASP A 254 17.63 12.03 28.10
N VAL A 255 17.13 11.83 29.32
CA VAL A 255 15.96 10.98 29.63
C VAL A 255 16.45 9.56 29.84
N SER A 256 16.00 8.95 30.94
CA SER A 256 16.38 7.59 31.30
C SER A 256 15.16 6.81 31.77
N VAL A 257 15.31 5.51 31.95
CA VAL A 257 14.19 4.69 32.38
C VAL A 257 14.63 3.66 33.39
N VAL A 258 13.75 3.38 34.35
CA VAL A 258 14.00 2.42 35.40
C VAL A 258 13.22 1.15 35.17
N ASP A 259 13.94 0.05 35.32
CA ASP A 259 13.38 -1.28 35.18
C ASP A 259 13.49 -2.00 36.52
N LEU A 260 12.41 -1.92 37.30
CA LEU A 260 12.39 -2.53 38.63
C LEU A 260 11.78 -3.92 38.65
N THR A 261 12.56 -4.87 39.15
CA THR A 261 12.10 -6.23 39.29
C THR A 261 12.15 -6.58 40.77
N PHE A 262 10.99 -6.87 41.35
CA PHE A 262 10.93 -7.16 42.77
C PHE A 262 9.92 -8.25 43.08
N ARG A 263 10.09 -8.85 44.26
CA ARG A 263 9.18 -9.88 44.76
C ARG A 263 8.34 -9.29 45.90
N ALA A 264 7.03 -9.44 45.82
CA ALA A 264 6.15 -8.87 46.85
C ALA A 264 6.06 -9.78 48.06
N THR A 265 5.57 -9.19 49.15
CA THR A 265 5.40 -9.88 50.43
C THR A 265 4.20 -10.82 50.40
N ARG A 266 3.07 -10.34 49.93
CA ARG A 266 1.86 -11.15 49.86
C ARG A 266 1.40 -11.33 48.41
N ASP A 267 0.59 -12.35 48.17
CA ASP A 267 0.08 -12.62 46.83
C ASP A 267 -0.72 -11.44 46.30
N THR A 268 -0.45 -11.08 45.05
CA THR A 268 -1.13 -9.97 44.40
C THR A 268 -1.12 -10.19 42.88
N SER A 269 -1.29 -9.11 42.11
CA SER A 269 -1.30 -9.20 40.65
C SER A 269 -0.74 -7.91 40.03
N ILE A 270 -0.28 -7.99 38.80
CA ILE A 270 0.26 -6.81 38.16
C ILE A 270 -0.83 -5.76 37.99
N GLN A 271 -2.05 -6.22 37.73
CA GLN A 271 -3.18 -5.31 37.57
C GLN A 271 -3.39 -4.50 38.86
N GLU A 272 -3.26 -5.17 40.00
CA GLU A 272 -3.41 -4.50 41.29
C GLU A 272 -2.37 -3.40 41.43
N ILE A 273 -1.12 -3.76 41.16
CA ILE A 273 -0.02 -2.82 41.24
C ILE A 273 -0.25 -1.66 40.28
N ASP A 274 -0.66 -1.98 39.06
CA ASP A 274 -0.92 -0.95 38.06
C ASP A 274 -1.92 0.10 38.58
N LYS A 275 -3.07 -0.37 39.03
CA LYS A 275 -4.13 0.52 39.53
C LYS A 275 -3.67 1.31 40.75
N ALA A 276 -2.81 0.70 41.57
CA ALA A 276 -2.31 1.37 42.77
C ALA A 276 -1.38 2.54 42.41
N ILE A 277 -0.45 2.28 41.51
CA ILE A 277 0.47 3.32 41.10
C ILE A 277 -0.30 4.49 40.49
N LYS A 278 -1.28 4.17 39.65
CA LYS A 278 -2.10 5.21 39.00
C LYS A 278 -2.88 6.03 40.03
N LYS A 279 -3.46 5.32 41.00
CA LYS A 279 -4.21 5.96 42.06
C LYS A 279 -3.31 6.89 42.83
N ALA A 280 -2.13 6.39 43.20
CA ALA A 280 -1.18 7.19 43.97
C ALA A 280 -0.74 8.40 43.16
N ALA A 281 -0.57 8.20 41.85
CA ALA A 281 -0.13 9.28 40.96
C ALA A 281 -1.18 10.37 40.83
N GLN A 282 -2.43 10.02 41.13
CA GLN A 282 -3.50 10.99 41.04
C GLN A 282 -3.80 11.62 42.39
N THR A 283 -3.26 11.02 43.45
CA THR A 283 -3.55 11.54 44.77
C THR A 283 -2.34 12.07 45.53
N TYR A 284 -1.81 11.28 46.46
CA TYR A 284 -0.70 11.74 47.30
C TYR A 284 0.65 11.83 46.60
N MET A 285 0.75 11.39 45.35
CA MET A 285 2.05 11.48 44.67
C MET A 285 2.00 12.45 43.50
N LYS A 286 0.83 13.07 43.30
CA LYS A 286 0.68 14.00 42.18
C LYS A 286 1.81 15.05 42.17
N GLY A 287 2.36 15.30 40.99
CA GLY A 287 3.43 16.27 40.84
C GLY A 287 4.79 15.63 40.94
N ILE A 288 4.83 14.46 41.58
CA ILE A 288 6.07 13.72 41.77
C ILE A 288 6.03 12.43 40.97
N LEU A 289 4.97 11.66 41.15
CA LEU A 289 4.79 10.41 40.44
C LEU A 289 3.65 10.53 39.43
N GLY A 290 3.98 10.32 38.16
CA GLY A 290 2.98 10.39 37.11
C GLY A 290 2.89 9.07 36.38
N PHE A 291 2.13 9.03 35.30
CA PHE A 291 2.03 7.80 34.53
C PHE A 291 1.49 8.08 33.15
N THR A 292 1.62 7.09 32.29
CA THR A 292 1.16 7.22 30.93
C THR A 292 0.58 5.91 30.46
N ASP A 293 -0.40 6.02 29.55
CA ASP A 293 -1.07 4.88 28.93
C ASP A 293 -0.73 4.85 27.45
N GLU A 294 0.13 5.78 27.04
CA GLU A 294 0.52 5.93 25.64
C GLU A 294 1.80 5.18 25.27
N GLU A 295 1.92 4.92 23.98
CA GLU A 295 3.07 4.23 23.43
C GLU A 295 4.23 5.22 23.26
N LEU A 296 4.78 5.70 24.38
CA LEU A 296 5.84 6.70 24.33
C LEU A 296 7.25 6.14 24.25
N VAL A 297 8.19 7.04 23.94
CA VAL A 297 9.61 6.76 23.84
C VAL A 297 10.40 7.86 24.56
N SER A 298 11.66 7.60 24.89
CA SER A 298 12.49 8.57 25.64
C SER A 298 12.24 10.05 25.31
N ALA A 299 12.27 10.42 24.03
CA ALA A 299 12.09 11.81 23.63
C ALA A 299 10.80 12.41 24.15
N ASP A 300 9.79 11.58 24.37
CA ASP A 300 8.50 12.08 24.80
C ASP A 300 8.48 12.54 26.24
N PHE A 301 9.56 12.31 26.96
CA PHE A 301 9.62 12.71 28.36
C PHE A 301 10.52 13.90 28.57
N ILE A 302 11.04 14.44 27.49
CA ILE A 302 11.89 15.61 27.63
C ILE A 302 11.05 16.76 28.14
N ASN A 303 11.55 17.46 29.16
CA ASN A 303 10.88 18.60 29.79
C ASN A 303 9.72 18.18 30.69
N ASP A 304 9.64 16.89 30.96
CA ASP A 304 8.63 16.39 31.88
C ASP A 304 9.23 16.56 33.28
N ASN A 305 8.57 17.32 34.16
CA ASN A 305 9.15 17.57 35.47
C ASN A 305 8.80 16.56 36.57
N ARG A 306 8.03 15.52 36.25
CA ARG A 306 7.72 14.51 37.27
C ARG A 306 8.96 13.70 37.58
N SER A 307 9.25 13.49 38.86
CA SER A 307 10.43 12.72 39.28
C SER A 307 10.41 11.30 38.69
N SER A 308 9.21 10.77 38.52
CA SER A 308 9.05 9.43 37.99
C SER A 308 7.71 9.25 37.31
N VAL A 309 7.73 8.81 36.06
CA VAL A 309 6.48 8.60 35.34
C VAL A 309 6.35 7.17 34.86
N TYR A 310 5.48 6.45 35.57
CA TYR A 310 5.16 5.06 35.38
C TYR A 310 4.58 4.74 34.00
N ASP A 311 5.11 3.69 33.37
CA ASP A 311 4.68 3.24 32.06
C ASP A 311 3.72 2.07 32.21
N SER A 312 2.41 2.36 32.16
CA SER A 312 1.40 1.33 32.35
C SER A 312 1.38 0.26 31.27
N LYS A 313 1.41 0.67 30.00
CA LYS A 313 1.42 -0.28 28.89
C LYS A 313 2.65 -1.18 28.97
N ALA A 314 3.83 -0.58 29.00
CA ALA A 314 5.07 -1.32 29.06
C ALA A 314 5.05 -2.32 30.21
N THR A 315 4.51 -1.88 31.35
CA THR A 315 4.46 -2.74 32.53
C THR A 315 3.47 -3.90 32.36
N LEU A 316 2.23 -3.57 32.06
CA LEU A 316 1.19 -4.58 31.91
C LEU A 316 1.51 -5.60 30.83
N GLN A 317 2.20 -5.20 29.78
CA GLN A 317 2.47 -6.11 28.67
C GLN A 317 3.70 -6.98 28.85
N ASN A 318 4.50 -6.76 29.89
CA ASN A 318 5.70 -7.56 29.98
C ASN A 318 5.88 -8.32 31.29
N ASN A 319 4.78 -8.69 31.92
CA ASN A 319 4.85 -9.47 33.15
C ASN A 319 4.27 -10.86 32.91
N LEU A 320 4.46 -11.79 33.85
CA LEU A 320 3.92 -13.13 33.68
C LEU A 320 2.41 -13.13 33.86
N PRO A 321 1.70 -13.77 32.92
CA PRO A 321 0.23 -13.91 32.85
C PRO A 321 -0.47 -13.96 34.22
N GLY A 322 -0.20 -14.97 35.04
CA GLY A 322 -0.88 -15.05 36.33
C GLY A 322 0.02 -15.01 37.54
N GLU A 323 1.18 -14.37 37.42
CA GLU A 323 2.13 -14.26 38.52
C GLU A 323 1.52 -13.55 39.72
N LYS A 324 1.95 -13.95 40.92
CA LYS A 324 1.43 -13.36 42.13
C LYS A 324 2.50 -12.72 42.99
N ARG A 325 3.78 -12.97 42.70
CA ARG A 325 4.84 -12.39 43.53
C ARG A 325 5.95 -11.69 42.75
N PHE A 326 6.51 -12.34 41.73
CA PHE A 326 7.63 -11.82 40.92
C PHE A 326 7.16 -10.81 39.84
N PHE A 327 7.47 -9.52 40.01
CA PHE A 327 7.00 -8.50 39.05
C PHE A 327 8.09 -7.56 38.54
N LYS A 328 7.76 -6.90 37.43
CA LYS A 328 8.62 -5.92 36.80
C LYS A 328 7.85 -4.61 36.61
N VAL A 329 8.43 -3.49 37.03
CA VAL A 329 7.79 -2.19 36.87
C VAL A 329 8.71 -1.21 36.12
N VAL A 330 8.15 -0.51 35.14
CA VAL A 330 8.90 0.43 34.31
C VAL A 330 8.47 1.88 34.51
N SER A 331 9.44 2.77 34.67
CA SER A 331 9.13 4.18 34.88
C SER A 331 10.20 5.07 34.28
N TRP A 332 9.79 6.09 33.56
CA TRP A 332 10.73 7.00 32.92
C TRP A 332 11.02 8.22 33.80
N TYR A 333 12.00 9.01 33.37
CA TYR A 333 12.35 10.23 34.05
C TYR A 333 13.39 11.05 33.29
N ASP A 334 13.11 12.34 33.15
CA ASP A 334 14.04 13.24 32.50
C ASP A 334 15.14 13.55 33.50
N ASN A 335 16.13 12.65 33.57
CA ASN A 335 17.21 12.78 34.54
C ASN A 335 17.75 14.21 34.71
N GLU A 336 17.57 15.10 33.75
CA GLU A 336 18.07 16.46 33.95
C GLU A 336 16.99 17.41 34.52
N TRP A 337 15.92 17.56 33.74
CA TRP A 337 14.80 18.44 34.04
C TRP A 337 14.11 18.13 35.37
N ALA A 338 13.58 16.92 35.52
CA ALA A 338 12.86 16.55 36.73
C ALA A 338 13.68 16.80 37.99
N TYR A 339 14.89 16.26 38.03
CA TYR A 339 15.75 16.42 39.19
C TYR A 339 15.94 17.89 39.57
N SER A 340 16.10 18.76 38.56
CA SER A 340 16.28 20.18 38.82
C SER A 340 15.07 20.78 39.51
N HIS A 341 13.88 20.44 39.04
CA HIS A 341 12.67 20.96 39.66
C HIS A 341 12.58 20.49 41.11
N ARG A 342 13.02 19.27 41.37
CA ARG A 342 13.00 18.72 42.72
C ARG A 342 13.90 19.53 43.66
N VAL A 343 15.09 19.89 43.18
CA VAL A 343 16.02 20.67 44.00
C VAL A 343 15.35 21.97 44.45
N VAL A 344 14.67 22.62 43.51
CA VAL A 344 13.98 23.86 43.81
C VAL A 344 12.89 23.60 44.84
N ASP A 345 12.12 22.55 44.63
CA ASP A 345 11.04 22.19 45.55
C ASP A 345 11.58 21.90 46.95
N LEU A 346 12.73 21.24 47.03
CA LEU A 346 13.34 20.93 48.31
C LEU A 346 13.70 22.21 49.04
N VAL A 347 14.28 23.15 48.29
CA VAL A 347 14.70 24.43 48.85
C VAL A 347 13.50 25.22 49.36
N ARG A 348 12.43 25.26 48.57
CA ARG A 348 11.24 25.98 48.96
C ARG A 348 10.58 25.31 50.17
N TYR A 349 10.73 24.00 50.28
CA TYR A 349 10.15 23.28 51.40
C TYR A 349 10.93 23.59 52.67
N MET A 350 12.24 23.44 52.58
CA MET A 350 13.13 23.71 53.71
C MET A 350 12.94 25.15 54.21
N ALA A 351 12.94 26.10 53.28
CA ALA A 351 12.77 27.50 53.63
C ALA A 351 11.44 27.76 54.34
N ALA A 352 10.36 27.19 53.81
CA ALA A 352 9.04 27.36 54.39
C ALA A 352 8.95 26.74 55.77
N LYS A 353 9.70 25.66 55.97
CA LYS A 353 9.70 24.98 57.25
C LYS A 353 10.67 25.62 58.23
N ASP A 354 11.78 26.16 57.71
CA ASP A 354 12.76 26.83 58.56
C ASP A 354 12.13 28.07 59.17
N ALA A 355 11.31 28.75 58.38
CA ALA A 355 10.64 29.95 58.80
C ALA A 355 9.51 29.65 59.77
N ALA A 356 8.73 28.62 59.46
CA ALA A 356 7.59 28.22 60.29
C ALA A 356 8.00 27.91 61.73
N SER A 357 9.08 27.15 61.91
CA SER A 357 9.53 26.80 63.25
C SER A 357 10.21 27.99 63.91
N SER A 358 10.52 29.01 63.12
CA SER A 358 11.19 30.22 63.58
C SER A 358 12.61 29.91 64.06
N ALA B 1 70.19 -0.44 14.50
CA ALA B 1 70.26 0.49 15.66
C ALA B 1 68.88 1.06 15.91
N PRO B 2 68.09 0.41 16.78
CA PRO B 2 66.72 0.78 17.15
C PRO B 2 66.57 2.26 17.51
N ILE B 3 65.60 2.92 16.90
CA ILE B 3 65.38 4.32 17.21
C ILE B 3 64.81 4.43 18.62
N LYS B 4 65.48 5.19 19.47
CA LYS B 4 65.00 5.35 20.84
C LYS B 4 63.95 6.46 20.92
N VAL B 5 62.70 6.06 21.14
CA VAL B 5 61.63 7.04 21.19
C VAL B 5 60.87 7.02 22.51
N GLY B 6 60.41 8.20 22.88
CA GLY B 6 59.62 8.39 24.09
C GLY B 6 58.32 9.11 23.75
N ILE B 7 57.20 8.66 24.30
CA ILE B 7 55.92 9.31 24.03
C ILE B 7 55.47 10.20 25.19
N ASN B 8 55.46 11.51 25.00
CA ASN B 8 54.99 12.38 26.07
C ASN B 8 53.52 12.68 25.86
N GLY B 9 52.72 12.16 26.79
CA GLY B 9 51.27 12.30 26.71
C GLY B 9 50.66 11.05 26.09
N PHE B 10 50.11 10.19 26.93
CA PHE B 10 49.53 8.95 26.44
C PHE B 10 48.01 9.01 26.38
N GLY B 11 47.51 9.96 25.60
CA GLY B 11 46.08 10.09 25.40
C GLY B 11 45.69 9.43 24.09
N ARG B 12 44.60 9.88 23.47
CA ARG B 12 44.15 9.30 22.19
C ARG B 12 45.25 9.34 21.15
N ILE B 13 45.83 10.52 20.99
CA ILE B 13 46.90 10.70 20.03
C ILE B 13 48.09 9.80 20.35
N GLY B 14 48.62 9.93 21.57
CA GLY B 14 49.76 9.14 21.98
C GLY B 14 49.56 7.66 21.79
N ARG B 15 48.43 7.13 22.25
CA ARG B 15 48.16 5.71 22.11
C ARG B 15 48.11 5.30 20.64
N MET B 16 47.35 6.06 19.87
CA MET B 16 47.22 5.80 18.44
C MET B 16 48.60 5.70 17.81
N VAL B 17 49.45 6.67 18.14
CA VAL B 17 50.81 6.68 17.64
C VAL B 17 51.51 5.38 18.04
N PHE B 18 51.36 5.01 19.30
CA PHE B 18 51.99 3.80 19.78
C PHE B 18 51.44 2.58 19.05
N GLN B 19 50.13 2.51 18.94
CA GLN B 19 49.49 1.40 18.26
C GLN B 19 49.90 1.36 16.82
N ALA B 20 50.14 2.53 16.23
CA ALA B 20 50.59 2.58 14.85
C ALA B 20 51.95 1.92 14.74
N ILE B 21 52.82 2.22 15.71
CA ILE B 21 54.15 1.64 15.73
C ILE B 21 54.06 0.13 15.82
N CYS B 22 53.28 -0.35 16.77
CA CYS B 22 53.12 -1.78 16.97
C CYS B 22 52.45 -2.43 15.77
N ASP B 23 51.40 -1.80 15.27
CA ASP B 23 50.68 -2.32 14.11
C ASP B 23 51.62 -2.55 12.91
N GLN B 24 52.54 -1.62 12.69
CA GLN B 24 53.48 -1.74 11.59
C GLN B 24 54.57 -2.75 11.91
N GLY B 25 54.45 -3.42 13.06
CA GLY B 25 55.44 -4.40 13.47
C GLY B 25 56.84 -3.83 13.65
N LEU B 26 56.90 -2.56 14.05
CA LEU B 26 58.18 -1.89 14.24
C LEU B 26 58.66 -1.99 15.68
N ILE B 27 57.75 -2.27 16.60
CA ILE B 27 58.09 -2.36 18.01
C ILE B 27 59.20 -3.37 18.29
N GLY B 28 60.28 -2.90 18.91
CA GLY B 28 61.40 -3.76 19.23
C GLY B 28 62.50 -3.71 18.18
N THR B 29 62.20 -4.25 17.00
CA THR B 29 63.16 -4.29 15.89
C THR B 29 63.63 -2.90 15.45
N GLU B 30 62.75 -2.16 14.77
CA GLU B 30 63.06 -0.85 14.22
C GLU B 30 62.99 0.27 15.26
N ILE B 31 61.90 0.32 16.01
CA ILE B 31 61.72 1.39 17.00
C ILE B 31 61.67 0.85 18.40
N ASP B 32 62.39 1.52 19.29
CA ASP B 32 62.41 1.14 20.69
C ASP B 32 61.67 2.18 21.52
N VAL B 33 60.41 1.91 21.83
CA VAL B 33 59.68 2.84 22.67
C VAL B 33 60.13 2.63 24.12
N VAL B 34 61.17 3.35 24.50
CA VAL B 34 61.74 3.23 25.82
C VAL B 34 60.71 3.49 26.91
N ALA B 35 59.81 4.43 26.68
CA ALA B 35 58.82 4.72 27.70
C ALA B 35 57.76 5.70 27.23
N VAL B 36 56.66 5.73 27.96
CA VAL B 36 55.56 6.64 27.71
C VAL B 36 55.31 7.46 28.97
N VAL B 37 55.01 8.74 28.82
CA VAL B 37 54.82 9.61 29.97
C VAL B 37 53.40 10.16 30.09
N ASP B 38 52.84 10.08 31.28
CA ASP B 38 51.49 10.58 31.53
C ASP B 38 51.24 10.79 33.03
N MET B 39 50.08 11.38 33.34
CA MET B 39 49.66 11.68 34.72
C MET B 39 49.48 10.40 35.56
N SER B 40 49.44 9.25 34.88
CA SER B 40 49.32 7.98 35.57
C SER B 40 50.37 7.01 35.06
N THR B 41 50.80 6.10 35.91
CA THR B 41 51.77 5.10 35.51
C THR B 41 51.17 3.72 35.66
N ASN B 42 49.83 3.71 35.76
CA ASN B 42 49.12 2.45 35.91
C ASN B 42 49.10 1.69 34.60
N ALA B 43 50.06 0.80 34.43
CA ALA B 43 50.21 -0.01 33.22
C ALA B 43 48.97 -0.86 32.94
N GLU B 44 48.30 -1.32 33.98
CA GLU B 44 47.11 -2.14 33.78
C GLU B 44 46.02 -1.36 33.08
N TYR B 45 45.93 -0.07 33.39
CA TYR B 45 44.93 0.76 32.75
C TYR B 45 45.30 0.99 31.29
N PHE B 46 46.57 1.24 31.03
CA PHE B 46 47.02 1.45 29.66
C PHE B 46 46.80 0.21 28.82
N ALA B 47 47.06 -0.97 29.40
CA ALA B 47 46.85 -2.23 28.69
C ALA B 47 45.41 -2.32 28.27
N TYR B 48 44.52 -2.01 29.20
CA TYR B 48 43.09 -2.04 28.91
C TYR B 48 42.73 -1.13 27.74
N GLN B 49 43.26 0.08 27.75
CA GLN B 49 42.96 1.04 26.69
C GLN B 49 43.52 0.60 25.34
N MET B 50 44.62 -0.13 25.36
CA MET B 50 45.23 -0.57 24.11
C MET B 50 44.62 -1.85 23.59
N LYS B 51 44.13 -2.69 24.49
CA LYS B 51 43.54 -3.95 24.11
C LYS B 51 42.13 -3.79 23.59
N HIS B 52 41.50 -2.65 23.87
CA HIS B 52 40.14 -2.46 23.43
C HIS B 52 39.93 -1.07 22.92
N ASP B 53 39.53 -0.98 21.65
CA ASP B 53 39.27 0.31 21.01
C ASP B 53 37.89 0.31 20.35
N THR B 54 37.06 1.27 20.75
CA THR B 54 35.72 1.37 20.22
C THR B 54 35.70 1.44 18.69
N VAL B 55 36.63 2.19 18.12
CA VAL B 55 36.64 2.42 16.68
C VAL B 55 37.54 1.48 15.87
N HIS B 56 38.76 1.26 16.35
CA HIS B 56 39.71 0.45 15.60
C HIS B 56 39.76 -1.03 16.00
N GLY B 57 38.91 -1.44 16.93
CA GLY B 57 38.88 -2.83 17.33
C GLY B 57 40.06 -3.28 18.19
N ARG B 58 40.32 -4.58 18.14
CA ARG B 58 41.38 -5.20 18.93
C ARG B 58 42.72 -5.16 18.21
N PRO B 59 43.82 -5.03 18.97
CA PRO B 59 45.17 -4.98 18.39
C PRO B 59 45.62 -6.37 17.91
N LYS B 60 46.51 -6.39 16.92
CA LYS B 60 47.01 -7.64 16.35
C LYS B 60 48.16 -8.21 17.18
N TYR B 61 48.61 -7.43 18.16
CA TYR B 61 49.72 -7.82 19.03
C TYR B 61 49.23 -8.06 20.46
N THR B 62 50.08 -8.66 21.28
CA THR B 62 49.72 -8.94 22.66
C THR B 62 50.22 -7.85 23.60
N VAL B 63 49.35 -7.43 24.52
CA VAL B 63 49.72 -6.41 25.48
C VAL B 63 49.50 -6.90 26.89
N GLU B 64 50.52 -6.73 27.72
CA GLU B 64 50.45 -7.20 29.09
C GLU B 64 51.12 -6.19 30.02
N ALA B 65 50.59 -6.09 31.24
CA ALA B 65 51.13 -5.16 32.23
C ALA B 65 51.86 -5.89 33.35
N VAL B 66 53.08 -5.44 33.64
CA VAL B 66 53.89 -6.05 34.68
C VAL B 66 54.51 -5.00 35.59
N LYS B 67 55.25 -5.48 36.58
CA LYS B 67 55.88 -4.60 37.54
C LYS B 67 57.38 -4.52 37.34
N SER B 68 57.92 -3.32 37.45
CA SER B 68 59.37 -3.11 37.30
C SER B 68 60.12 -3.85 38.41
N SER B 69 59.57 -3.76 39.62
CA SER B 69 60.10 -4.43 40.81
C SER B 69 59.00 -5.19 41.48
N PRO B 70 59.27 -6.42 41.93
CA PRO B 70 58.19 -7.16 42.60
C PRO B 70 57.69 -6.40 43.83
N SER B 71 58.30 -5.23 44.07
CA SER B 71 57.96 -4.38 45.20
C SER B 71 56.75 -3.49 44.94
N VAL B 72 56.75 -2.79 43.81
CA VAL B 72 55.66 -1.88 43.44
C VAL B 72 54.27 -2.53 43.55
N GLU B 73 53.29 -1.76 44.01
CA GLU B 73 51.92 -2.28 44.17
C GLU B 73 51.18 -2.41 42.84
N THR B 74 51.30 -1.40 41.97
CA THR B 74 50.62 -1.47 40.69
C THR B 74 51.62 -1.44 39.53
N ALA B 75 51.41 -2.35 38.58
CA ALA B 75 52.26 -2.45 37.40
C ALA B 75 52.60 -1.07 36.86
N ASP B 76 53.84 -0.92 36.41
CA ASP B 76 54.29 0.35 35.86
C ASP B 76 55.12 0.12 34.60
N VAL B 77 55.00 -1.08 34.04
CA VAL B 77 55.70 -1.45 32.83
C VAL B 77 54.77 -2.13 31.83
N LEU B 78 54.85 -1.71 30.57
CA LEU B 78 54.02 -2.30 29.52
C LEU B 78 54.84 -3.28 28.70
N VAL B 79 54.29 -4.45 28.41
CA VAL B 79 55.05 -5.41 27.61
C VAL B 79 54.31 -5.78 26.33
N VAL B 80 54.73 -5.20 25.21
CA VAL B 80 54.11 -5.48 23.93
C VAL B 80 54.97 -6.41 23.10
N ASN B 81 54.40 -7.53 22.67
CA ASN B 81 55.14 -8.52 21.90
C ASN B 81 56.53 -8.75 22.48
N GLY B 82 56.62 -8.81 23.80
CA GLY B 82 57.89 -9.07 24.44
C GLY B 82 58.67 -7.82 24.84
N HIS B 83 58.55 -6.75 24.06
CA HIS B 83 59.28 -5.52 24.36
C HIS B 83 58.75 -4.85 25.64
N ARG B 84 59.66 -4.32 26.45
CA ARG B 84 59.31 -3.65 27.72
C ARG B 84 59.28 -2.13 27.62
N ILE B 85 58.13 -1.53 27.92
CA ILE B 85 58.00 -0.08 27.88
C ILE B 85 57.77 0.48 29.28
N LYS B 86 58.54 1.50 29.62
CA LYS B 86 58.45 2.11 30.94
C LYS B 86 57.34 3.15 31.02
N CYS B 87 56.53 3.05 32.08
CA CYS B 87 55.47 4.02 32.32
C CYS B 87 55.98 5.08 33.30
N VAL B 88 56.38 6.22 32.75
CA VAL B 88 56.95 7.27 33.56
C VAL B 88 55.97 8.36 33.97
N LYS B 89 56.21 8.90 35.16
CA LYS B 89 55.43 9.97 35.76
C LYS B 89 55.62 11.27 34.99
N ALA B 90 54.54 11.99 34.77
CA ALA B 90 54.59 13.24 34.02
C ALA B 90 55.22 14.37 34.80
N GLN B 91 55.69 15.38 34.07
CA GLN B 91 56.33 16.58 34.61
C GLN B 91 55.67 17.84 34.04
N ARG B 92 55.67 18.92 34.83
CA ARG B 92 55.10 20.18 34.37
C ARG B 92 55.94 20.77 33.25
N ASN B 93 57.25 20.73 33.44
CA ASN B 93 58.19 21.23 32.44
C ASN B 93 58.96 20.08 31.81
N PRO B 94 58.88 19.94 30.48
CA PRO B 94 59.54 18.88 29.72
C PRO B 94 61.02 18.77 30.05
N ALA B 95 61.65 19.87 30.44
CA ALA B 95 63.07 19.86 30.76
C ALA B 95 63.37 19.01 31.99
N ASP B 96 62.33 18.66 32.75
CA ASP B 96 62.50 17.85 33.95
C ASP B 96 62.36 16.35 33.65
N LEU B 97 62.08 16.02 32.39
CA LEU B 97 61.94 14.62 32.00
C LEU B 97 63.30 13.96 31.86
N PRO B 98 63.45 12.74 32.41
CA PRO B 98 64.67 11.95 32.39
C PRO B 98 64.94 11.34 31.02
N TRP B 99 64.84 12.14 29.96
CA TRP B 99 65.08 11.63 28.62
C TRP B 99 66.51 11.13 28.46
N GLY B 100 67.48 11.99 28.81
CA GLY B 100 68.87 11.60 28.70
C GLY B 100 69.18 10.38 29.53
N LYS B 101 68.67 10.37 30.76
CA LYS B 101 68.88 9.27 31.67
C LYS B 101 68.32 7.95 31.13
N LEU B 102 67.26 8.04 30.32
CA LEU B 102 66.60 6.85 29.76
C LEU B 102 67.18 6.44 28.41
N GLY B 103 67.96 7.34 27.80
CA GLY B 103 68.55 7.04 26.51
C GLY B 103 67.62 7.34 25.35
N VAL B 104 66.66 8.23 25.58
CA VAL B 104 65.69 8.60 24.56
C VAL B 104 66.21 9.72 23.67
N ASP B 105 66.17 9.49 22.35
CA ASP B 105 66.64 10.48 21.39
C ASP B 105 65.47 11.21 20.75
N TYR B 106 64.45 10.47 20.35
CA TYR B 106 63.28 11.07 19.71
C TYR B 106 62.05 11.06 20.60
N VAL B 107 61.55 12.25 20.91
CA VAL B 107 60.37 12.42 21.75
C VAL B 107 59.13 12.81 20.94
N ILE B 108 58.04 12.07 21.13
CA ILE B 108 56.79 12.38 20.46
C ILE B 108 55.93 13.21 21.41
N GLU B 109 55.91 14.53 21.17
CA GLU B 109 55.17 15.42 22.04
C GLU B 109 53.69 15.45 21.69
N SER B 110 52.88 14.72 22.45
CA SER B 110 51.47 14.65 22.13
C SER B 110 50.55 14.98 23.29
N THR B 111 50.96 15.89 24.16
CA THR B 111 50.11 16.28 25.29
C THR B 111 49.20 17.44 24.87
N GLY B 112 49.58 18.11 23.79
CA GLY B 112 48.81 19.23 23.31
C GLY B 112 49.05 20.49 24.13
N LEU B 113 49.96 20.41 25.09
CA LEU B 113 50.28 21.54 25.95
C LEU B 113 51.57 22.21 25.53
N PHE B 114 52.38 21.50 24.75
CA PHE B 114 53.66 22.02 24.33
C PHE B 114 53.76 22.12 22.82
N THR B 115 52.78 22.79 22.22
CA THR B 115 52.79 22.96 20.77
C THR B 115 53.66 24.15 20.36
N ASP B 116 54.16 24.88 21.35
CA ASP B 116 55.03 26.03 21.09
C ASP B 116 56.48 25.61 21.01
N LYS B 117 57.10 25.91 19.87
CA LYS B 117 58.50 25.59 19.59
C LYS B 117 59.41 25.75 20.82
N LEU B 118 59.30 26.88 21.51
CA LEU B 118 60.13 27.15 22.69
C LEU B 118 59.88 26.15 23.82
N LYS B 119 58.62 25.89 24.11
CA LYS B 119 58.27 24.95 25.18
C LYS B 119 58.65 23.52 24.80
N ALA B 120 58.47 23.17 23.54
CA ALA B 120 58.80 21.82 23.07
C ALA B 120 60.30 21.53 23.21
N GLU B 121 61.13 22.55 23.04
CA GLU B 121 62.59 22.39 23.14
C GLU B 121 63.01 21.89 24.52
N GLY B 122 62.12 22.02 25.50
CA GLY B 122 62.42 21.56 26.85
C GLY B 122 62.82 20.10 26.87
N HIS B 123 62.27 19.31 25.95
CA HIS B 123 62.57 17.89 25.87
C HIS B 123 64.04 17.67 25.54
N ILE B 124 64.58 18.52 24.68
CA ILE B 124 65.97 18.43 24.29
C ILE B 124 66.86 18.80 25.47
N LYS B 125 66.42 19.81 26.21
CA LYS B 125 67.14 20.23 27.41
C LYS B 125 67.05 19.13 28.45
N GLY B 126 66.07 18.25 28.28
CA GLY B 126 65.88 17.15 29.19
C GLY B 126 66.73 15.96 28.80
N GLY B 127 67.41 16.06 27.66
CA GLY B 127 68.27 14.97 27.23
C GLY B 127 67.92 14.40 25.87
N ALA B 128 66.78 14.84 25.33
CA ALA B 128 66.35 14.37 24.02
C ALA B 128 67.12 15.05 22.89
N LYS B 129 67.05 14.45 21.71
CA LYS B 129 67.74 14.96 20.53
C LYS B 129 66.76 15.64 19.57
N LYS B 130 65.67 14.96 19.26
CA LYS B 130 64.65 15.47 18.34
C LYS B 130 63.24 15.40 18.94
N VAL B 131 62.40 16.36 18.58
CA VAL B 131 61.01 16.39 19.07
C VAL B 131 60.01 16.47 17.92
N VAL B 132 59.03 15.57 17.93
CA VAL B 132 57.98 15.60 16.91
C VAL B 132 56.64 15.91 17.55
N ILE B 133 56.12 17.09 17.26
CA ILE B 133 54.81 17.48 17.80
C ILE B 133 53.70 16.88 16.93
N SER B 134 52.88 16.05 17.55
CA SER B 134 51.76 15.39 16.85
C SER B 134 50.56 16.30 16.77
N ALA B 135 50.80 17.51 16.27
CA ALA B 135 49.77 18.52 16.13
C ALA B 135 50.39 19.78 15.55
N PRO B 136 49.56 20.73 15.12
CA PRO B 136 50.07 21.98 14.57
C PRO B 136 50.92 22.70 15.60
N ALA B 137 52.03 23.27 15.14
CA ALA B 137 52.94 23.95 16.04
C ALA B 137 52.98 25.46 15.80
N SER B 138 53.48 26.17 16.81
CA SER B 138 53.64 27.61 16.78
C SER B 138 55.03 27.97 17.27
N GLY B 139 55.52 29.14 16.90
CA GLY B 139 56.85 29.53 17.35
C GLY B 139 57.90 29.29 16.30
N GLY B 140 57.47 29.03 15.08
CA GLY B 140 58.40 28.81 13.99
C GLY B 140 58.99 27.40 13.93
N ALA B 141 58.20 26.40 14.25
CA ALA B 141 58.69 25.03 14.17
C ALA B 141 58.49 24.50 12.75
N LYS B 142 59.44 23.72 12.25
CA LYS B 142 59.33 23.18 10.91
C LYS B 142 58.15 22.23 10.78
N THR B 143 57.24 22.52 9.86
CA THR B 143 56.07 21.67 9.66
C THR B 143 56.28 20.76 8.46
N ILE B 144 56.04 19.47 8.64
CA ILE B 144 56.26 18.54 7.55
C ILE B 144 55.08 17.60 7.32
N VAL B 145 54.76 17.43 6.04
CA VAL B 145 53.69 16.54 5.62
C VAL B 145 54.30 15.46 4.74
N MET B 146 54.39 14.25 5.26
CA MET B 146 54.95 13.15 4.51
C MET B 146 54.29 13.02 3.15
N GLY B 147 55.13 12.87 2.13
CA GLY B 147 54.63 12.75 0.77
C GLY B 147 54.57 14.09 0.06
N VAL B 148 54.75 15.18 0.81
CA VAL B 148 54.69 16.50 0.20
C VAL B 148 56.01 17.28 0.38
N ASN B 149 56.58 17.33 1.58
CA ASN B 149 57.81 18.10 1.76
C ASN B 149 58.74 17.53 2.85
N GLN B 150 58.88 16.22 2.94
CA GLN B 150 59.77 15.66 3.94
C GLN B 150 61.23 15.89 3.59
N HIS B 151 61.49 16.11 2.29
CA HIS B 151 62.85 16.35 1.82
C HIS B 151 63.41 17.66 2.39
N GLU B 152 62.53 18.60 2.75
CA GLU B 152 62.96 19.89 3.29
C GLU B 152 63.44 19.78 4.74
N TYR B 153 63.46 18.55 5.27
CA TYR B 153 63.91 18.36 6.65
C TYR B 153 65.43 18.46 6.74
N SER B 154 65.91 19.29 7.67
CA SER B 154 67.34 19.50 7.88
C SER B 154 67.81 18.98 9.24
N PRO B 155 68.53 17.85 9.24
CA PRO B 155 69.05 17.24 10.46
C PRO B 155 69.83 18.22 11.34
N ALA B 156 70.37 19.27 10.74
CA ALA B 156 71.16 20.23 11.50
C ALA B 156 70.36 21.46 11.94
N SER B 157 69.34 21.83 11.17
CA SER B 157 68.57 23.03 11.48
C SER B 157 67.27 22.74 12.24
N HIS B 158 66.60 21.65 11.89
CA HIS B 158 65.32 21.31 12.48
C HIS B 158 65.42 20.29 13.61
N HIS B 159 65.08 20.73 14.83
CA HIS B 159 65.14 19.86 16.01
C HIS B 159 63.75 19.63 16.61
N VAL B 160 62.83 20.56 16.32
CA VAL B 160 61.46 20.46 16.78
C VAL B 160 60.55 20.50 15.56
N VAL B 161 60.15 19.33 15.08
CA VAL B 161 59.30 19.23 13.89
C VAL B 161 57.83 18.96 14.23
N SER B 162 56.95 19.51 13.40
CA SER B 162 55.51 19.33 13.56
C SER B 162 54.94 18.51 12.39
N ASN B 163 54.13 17.50 12.73
CA ASN B 163 53.52 16.63 11.73
C ASN B 163 52.26 17.27 11.17
N ALA B 164 51.93 18.45 11.68
CA ALA B 164 50.73 19.19 11.29
C ALA B 164 49.49 18.53 11.88
N SER B 165 48.39 18.57 11.17
CA SER B 165 47.16 17.97 11.67
C SER B 165 46.62 16.95 10.69
N CYS B 166 45.66 16.16 11.15
CA CYS B 166 45.04 15.14 10.32
C CYS B 166 44.44 15.77 9.06
N THR B 167 43.75 16.90 9.24
CA THR B 167 43.10 17.60 8.14
C THR B 167 44.11 18.12 7.12
N THR B 168 45.18 18.71 7.61
CA THR B 168 46.23 19.24 6.73
C THR B 168 46.89 18.11 5.93
N ASN B 169 46.99 16.95 6.56
CA ASN B 169 47.61 15.78 5.92
C ASN B 169 46.71 15.18 4.86
N CYS B 170 45.45 15.59 4.83
CA CYS B 170 44.55 15.08 3.80
C CYS B 170 44.49 16.05 2.62
N LEU B 171 44.45 17.34 2.94
CA LEU B 171 44.36 18.40 1.94
C LEU B 171 45.66 18.62 1.20
N ALA B 172 46.77 18.73 1.93
CA ALA B 172 48.06 18.99 1.29
C ALA B 172 48.36 18.02 0.14
N PRO B 173 48.21 16.71 0.36
CA PRO B 173 48.50 15.80 -0.75
C PRO B 173 47.75 16.19 -2.02
N ILE B 174 46.47 16.52 -1.89
CA ILE B 174 45.66 16.90 -3.04
C ILE B 174 46.23 18.17 -3.66
N VAL B 175 46.33 19.21 -2.85
CA VAL B 175 46.84 20.48 -3.32
C VAL B 175 48.19 20.30 -3.95
N HIS B 176 48.98 19.40 -3.38
CA HIS B 176 50.32 19.13 -3.89
C HIS B 176 50.30 18.68 -5.34
N VAL B 177 49.48 17.68 -5.66
CA VAL B 177 49.45 17.22 -7.03
C VAL B 177 48.75 18.23 -7.93
N LEU B 178 47.80 18.99 -7.38
CA LEU B 178 47.12 20.00 -8.20
C LEU B 178 48.12 21.00 -8.73
N THR B 179 49.05 21.42 -7.87
CA THR B 179 50.05 22.40 -8.26
C THR B 179 51.21 21.74 -9.03
N LYS B 180 51.63 20.56 -8.60
CA LYS B 180 52.72 19.86 -9.26
C LYS B 180 52.39 19.54 -10.71
N GLU B 181 51.18 19.05 -10.96
CA GLU B 181 50.74 18.70 -12.31
C GLU B 181 50.35 19.95 -13.09
N ASN B 182 50.72 21.11 -12.55
CA ASN B 182 50.48 22.41 -13.16
C ASN B 182 49.02 22.70 -13.44
N PHE B 183 48.13 22.28 -12.55
CA PHE B 183 46.71 22.59 -12.73
C PHE B 183 46.46 24.00 -12.28
N GLY B 184 47.33 24.46 -11.39
CA GLY B 184 47.21 25.80 -10.90
C GLY B 184 46.13 25.94 -9.86
N ILE B 185 46.23 26.99 -9.07
CA ILE B 185 45.25 27.22 -8.04
C ILE B 185 45.24 28.68 -7.62
N GLU B 186 44.42 29.44 -8.33
CA GLU B 186 44.23 30.87 -8.09
C GLU B 186 43.88 31.11 -6.63
N THR B 187 42.77 30.51 -6.21
CA THR B 187 42.30 30.57 -4.83
C THR B 187 41.51 29.31 -4.53
N GLY B 188 41.33 29.00 -3.26
CA GLY B 188 40.59 27.80 -2.92
C GLY B 188 40.06 27.80 -1.52
N LEU B 189 38.85 27.28 -1.37
CA LEU B 189 38.18 27.21 -0.08
C LEU B 189 37.83 25.76 0.22
N MET B 190 38.14 25.31 1.42
CA MET B 190 37.82 23.95 1.77
C MET B 190 36.99 23.85 3.03
N THR B 191 36.05 22.93 2.99
CA THR B 191 35.19 22.65 4.12
C THR B 191 35.43 21.20 4.51
N THR B 192 35.63 20.93 5.79
CA THR B 192 35.85 19.55 6.18
C THR B 192 34.76 19.05 7.11
N ILE B 193 34.05 18.00 6.68
CA ILE B 193 33.06 17.38 7.54
C ILE B 193 33.86 16.42 8.41
N HIS B 194 34.07 16.85 9.65
CA HIS B 194 34.94 16.14 10.58
C HIS B 194 34.20 15.46 11.72
N SER B 195 34.67 14.25 12.05
CA SER B 195 34.14 13.47 13.18
C SER B 195 34.48 14.21 14.46
N TYR B 196 33.68 14.06 15.51
CA TYR B 196 33.98 14.75 16.76
C TYR B 196 35.23 14.19 17.42
N THR B 197 35.84 14.96 18.32
CA THR B 197 37.07 14.51 18.98
C THR B 197 37.00 14.63 20.50
N ALA B 198 38.11 14.29 21.15
CA ALA B 198 38.24 14.30 22.61
C ALA B 198 38.02 15.68 23.21
N THR B 199 38.36 16.73 22.48
CA THR B 199 38.19 18.09 22.99
C THR B 199 36.71 18.47 23.16
N GLN B 200 35.81 17.71 22.54
CA GLN B 200 34.39 18.04 22.62
C GLN B 200 33.73 17.43 23.85
N LYS B 201 32.46 17.81 24.06
CA LYS B 201 31.69 17.38 25.22
C LYS B 201 30.51 16.48 24.87
N THR B 202 30.20 15.53 25.74
CA THR B 202 29.06 14.66 25.49
C THR B 202 27.76 15.45 25.56
N VAL B 203 27.60 16.27 26.60
CA VAL B 203 26.41 17.11 26.74
C VAL B 203 26.85 18.57 26.79
N ASP B 204 25.94 19.51 26.54
CA ASP B 204 26.32 20.92 26.58
C ASP B 204 27.24 21.20 27.77
N GLY B 205 28.46 21.63 27.49
CA GLY B 205 29.41 21.89 28.56
C GLY B 205 30.15 23.19 28.39
N VAL B 206 31.23 23.32 29.14
CA VAL B 206 32.05 24.53 29.16
C VAL B 206 33.14 24.54 28.10
N SER B 207 33.22 25.64 27.36
CA SER B 207 34.22 25.86 26.33
C SER B 207 34.34 27.35 26.02
N LEU B 208 34.97 28.09 26.92
CA LEU B 208 35.15 29.54 26.81
C LEU B 208 35.81 29.97 25.51
N LYS B 209 36.79 29.20 25.05
CA LYS B 209 37.50 29.52 23.82
C LYS B 209 36.63 29.27 22.57
N ASP B 210 35.95 28.12 22.55
CA ASP B 210 35.10 27.74 21.43
C ASP B 210 33.68 27.47 21.93
N TRP B 211 32.87 28.53 22.01
CA TRP B 211 31.50 28.40 22.49
C TRP B 211 30.76 27.23 21.84
N ARG B 212 30.67 27.24 20.51
CA ARG B 212 29.98 26.18 19.79
C ARG B 212 30.59 24.82 20.10
N GLY B 213 31.91 24.79 20.23
CA GLY B 213 32.62 23.54 20.49
C GLY B 213 32.27 22.89 21.82
N GLY B 214 31.46 23.55 22.63
CA GLY B 214 31.11 22.97 23.91
C GLY B 214 29.76 22.29 23.93
N ARG B 215 29.00 22.41 22.84
CA ARG B 215 27.67 21.81 22.78
C ARG B 215 27.71 20.29 22.57
N ALA B 216 26.65 19.61 22.98
CA ALA B 216 26.57 18.15 22.82
C ALA B 216 27.11 17.74 21.45
N ALA B 217 28.16 16.95 21.46
CA ALA B 217 28.89 16.58 20.26
C ALA B 217 28.20 15.57 19.38
N ALA B 218 27.67 14.51 19.95
CA ALA B 218 27.05 13.47 19.15
C ALA B 218 25.60 13.77 18.75
N VAL B 219 25.16 15.01 18.92
CA VAL B 219 23.79 15.33 18.57
C VAL B 219 23.66 16.69 17.85
N ASN B 220 24.78 17.21 17.36
CA ASN B 220 24.74 18.51 16.69
C ASN B 220 25.74 18.58 15.57
N ILE B 221 25.45 19.48 14.64
CA ILE B 221 26.38 19.83 13.60
C ILE B 221 27.04 21.08 14.14
N ILE B 222 28.33 21.00 14.45
CA ILE B 222 28.98 22.13 15.08
C ILE B 222 30.05 22.81 14.23
N PRO B 223 29.75 24.01 13.73
CA PRO B 223 30.75 24.69 12.92
C PRO B 223 31.95 25.04 13.78
N SER B 224 33.11 25.15 13.14
CA SER B 224 34.32 25.53 13.85
C SER B 224 35.37 25.96 12.84
N THR B 225 36.39 26.66 13.32
CA THR B 225 37.44 27.14 12.44
C THR B 225 38.57 26.13 12.35
N THR B 226 39.38 26.21 11.31
CA THR B 226 40.49 25.29 11.15
C THR B 226 41.70 25.98 10.53
N GLY B 227 42.87 25.63 11.01
CA GLY B 227 44.08 26.22 10.47
C GLY B 227 44.69 25.37 9.38
N ALA B 228 44.12 24.19 9.17
CA ALA B 228 44.62 23.28 8.15
C ALA B 228 44.72 23.98 6.80
N ALA B 229 43.92 25.03 6.63
CA ALA B 229 43.90 25.80 5.40
C ALA B 229 45.20 26.61 5.23
N LYS B 230 45.49 27.45 6.22
CA LYS B 230 46.69 28.26 6.18
C LYS B 230 47.95 27.39 6.28
N ALA B 231 47.89 26.38 7.16
CA ALA B 231 49.00 25.46 7.39
C ALA B 231 49.52 24.85 6.09
N VAL B 232 48.64 24.55 5.14
CA VAL B 232 49.11 23.98 3.88
C VAL B 232 49.96 25.01 3.15
N GLY B 233 49.80 26.27 3.55
CA GLY B 233 50.57 27.33 2.95
C GLY B 233 52.03 27.30 3.38
N MET B 234 52.29 26.67 4.53
CA MET B 234 53.66 26.55 5.00
C MET B 234 54.37 25.36 4.39
N VAL B 235 53.61 24.32 4.06
CA VAL B 235 54.17 23.13 3.47
C VAL B 235 54.30 23.30 1.96
N ILE B 236 53.41 24.10 1.39
CA ILE B 236 53.39 24.42 -0.04
C ILE B 236 53.30 25.94 -0.22
N PRO B 237 54.43 26.63 -0.02
CA PRO B 237 54.65 28.08 -0.10
C PRO B 237 53.76 28.79 -1.13
N SER B 238 53.78 28.30 -2.36
CA SER B 238 53.02 28.90 -3.44
C SER B 238 51.55 29.15 -3.09
N THR B 239 51.01 28.39 -2.14
CA THR B 239 49.59 28.54 -1.78
C THR B 239 49.33 29.55 -0.65
N LYS B 240 50.36 30.16 -0.09
CA LYS B 240 50.16 31.14 0.99
C LYS B 240 49.16 32.21 0.59
N GLY B 241 48.18 32.46 1.47
CA GLY B 241 47.18 33.48 1.22
C GLY B 241 46.18 33.15 0.13
N LYS B 242 46.30 31.96 -0.45
CA LYS B 242 45.40 31.55 -1.52
C LYS B 242 44.30 30.62 -1.00
N LEU B 243 44.60 29.90 0.08
CA LEU B 243 43.66 28.94 0.65
C LEU B 243 43.16 29.34 2.03
N THR B 244 41.95 28.87 2.32
CA THR B 244 41.29 29.08 3.58
C THR B 244 40.20 28.03 3.72
N GLY B 245 39.80 27.69 4.93
CA GLY B 245 38.77 26.67 5.05
C GLY B 245 38.14 26.63 6.42
N MET B 246 37.05 25.88 6.51
CA MET B 246 36.35 25.72 7.77
C MET B 246 35.98 24.27 8.01
N SER B 247 35.56 24.00 9.23
CA SER B 247 35.18 22.67 9.64
C SER B 247 33.77 22.62 10.21
N PHE B 248 33.16 21.45 10.05
CA PHE B 248 31.84 21.14 10.58
C PHE B 248 31.96 19.83 11.34
N ARG B 249 31.90 19.91 12.67
CA ARG B 249 31.99 18.71 13.50
C ARG B 249 30.64 18.02 13.55
N VAL B 250 30.59 16.76 13.12
CA VAL B 250 29.35 16.00 13.08
C VAL B 250 29.41 14.73 13.94
N PRO B 251 28.24 14.16 14.28
CA PRO B 251 28.05 12.97 15.11
C PRO B 251 28.66 11.62 14.62
N THR B 252 29.98 11.60 14.41
CA THR B 252 30.71 10.36 14.09
C THR B 252 31.97 10.35 14.95
N PRO B 253 32.28 9.20 15.57
CA PRO B 253 33.48 9.11 16.42
C PRO B 253 34.78 9.14 15.64
N ASP B 254 34.74 8.83 14.34
CA ASP B 254 35.98 8.81 13.56
C ASP B 254 35.75 8.78 12.05
N VAL B 255 36.74 9.31 11.34
CA VAL B 255 36.76 9.42 9.88
C VAL B 255 36.13 10.73 9.45
N SER B 256 36.83 11.47 8.59
CA SER B 256 36.34 12.76 8.11
C SER B 256 36.51 12.88 6.61
N VAL B 257 35.94 13.92 6.04
CA VAL B 257 36.04 14.11 4.61
C VAL B 257 36.29 15.58 4.27
N VAL B 258 37.10 15.80 3.25
CA VAL B 258 37.44 17.14 2.81
C VAL B 258 36.73 17.47 1.53
N ASP B 259 36.14 18.65 1.52
CA ASP B 259 35.43 19.16 0.37
C ASP B 259 36.16 20.40 -0.13
N LEU B 260 37.04 20.21 -1.11
CA LEU B 260 37.83 21.32 -1.64
C LEU B 260 37.23 21.94 -2.90
N THR B 261 37.01 23.25 -2.83
CA THR B 261 36.49 24.04 -3.93
C THR B 261 37.55 25.06 -4.35
N PHE B 262 38.04 24.94 -5.59
CA PHE B 262 39.08 25.86 -6.04
C PHE B 262 38.94 26.25 -7.49
N ARG B 263 39.64 27.33 -7.84
CA ARG B 263 39.67 27.81 -9.22
C ARG B 263 41.07 27.60 -9.79
N ALA B 264 41.16 26.89 -10.90
CA ALA B 264 42.44 26.60 -11.51
C ALA B 264 43.03 27.83 -12.20
N THR B 265 44.31 27.72 -12.54
CA THR B 265 45.03 28.78 -13.22
C THR B 265 44.74 28.78 -14.72
N ARG B 266 44.81 27.60 -15.33
CA ARG B 266 44.55 27.44 -16.77
C ARG B 266 43.30 26.57 -17.00
N ASP B 267 42.70 26.69 -18.18
CA ASP B 267 41.52 25.90 -18.49
C ASP B 267 41.84 24.41 -18.42
N THR B 268 40.92 23.66 -17.82
CA THR B 268 41.06 22.22 -17.69
C THR B 268 39.68 21.60 -17.56
N SER B 269 39.61 20.38 -17.02
CA SER B 269 38.35 19.70 -16.81
C SER B 269 38.42 18.83 -15.55
N ILE B 270 37.27 18.38 -15.08
CA ILE B 270 37.26 17.55 -13.90
C ILE B 270 37.84 16.17 -14.22
N GLN B 271 37.68 15.72 -15.48
CA GLN B 271 38.22 14.43 -15.90
C GLN B 271 39.74 14.43 -15.87
N GLU B 272 40.33 15.54 -16.30
CA GLU B 272 41.79 15.66 -16.28
C GLU B 272 42.30 15.57 -14.85
N ILE B 273 41.62 16.29 -13.97
CA ILE B 273 41.93 16.31 -12.57
C ILE B 273 41.82 14.91 -11.96
N ASP B 274 40.74 14.23 -12.31
CA ASP B 274 40.47 12.88 -11.81
C ASP B 274 41.63 11.93 -12.20
N LYS B 275 41.94 11.87 -13.49
CA LYS B 275 43.01 11.00 -13.97
C LYS B 275 44.35 11.33 -13.34
N ALA B 276 44.62 12.62 -13.15
CA ALA B 276 45.88 13.07 -12.56
C ALA B 276 46.04 12.59 -11.11
N ILE B 277 44.98 12.78 -10.32
CA ILE B 277 45.02 12.35 -8.94
C ILE B 277 45.20 10.84 -8.85
N LYS B 278 44.49 10.11 -9.70
CA LYS B 278 44.63 8.66 -9.70
C LYS B 278 46.04 8.23 -10.09
N LYS B 279 46.64 8.99 -11.02
CA LYS B 279 48.00 8.70 -11.48
C LYS B 279 48.99 8.98 -10.36
N ALA B 280 48.82 10.12 -9.69
CA ALA B 280 49.70 10.51 -8.60
C ALA B 280 49.59 9.49 -7.46
N ALA B 281 48.38 9.00 -7.23
CA ALA B 281 48.15 8.03 -6.19
C ALA B 281 48.82 6.70 -6.51
N GLN B 282 48.98 6.40 -7.80
CA GLN B 282 49.58 5.15 -8.20
C GLN B 282 51.08 5.29 -8.42
N THR B 283 51.60 6.50 -8.28
CA THR B 283 53.02 6.70 -8.54
C THR B 283 53.78 7.36 -7.37
N TYR B 284 54.07 8.66 -7.50
CA TYR B 284 54.86 9.36 -6.49
C TYR B 284 54.11 9.68 -5.19
N MET B 285 52.83 9.35 -5.09
CA MET B 285 52.10 9.62 -3.85
C MET B 285 51.56 8.33 -3.24
N LYS B 286 51.96 7.19 -3.81
CA LYS B 286 51.49 5.92 -3.33
C LYS B 286 51.77 5.75 -1.85
N GLY B 287 50.73 5.35 -1.11
CA GLY B 287 50.88 5.15 0.33
C GLY B 287 50.42 6.36 1.12
N ILE B 288 50.48 7.53 0.48
CA ILE B 288 50.07 8.77 1.11
C ILE B 288 48.71 9.21 0.61
N LEU B 289 48.59 9.19 -0.71
CA LEU B 289 47.35 9.56 -1.38
C LEU B 289 46.77 8.35 -2.11
N GLY B 290 45.53 8.02 -1.81
CA GLY B 290 44.89 6.91 -2.50
C GLY B 290 43.61 7.37 -3.16
N PHE B 291 42.84 6.44 -3.71
CA PHE B 291 41.57 6.83 -4.31
C PHE B 291 40.64 5.65 -4.36
N THR B 292 39.36 5.95 -4.62
CA THR B 292 38.37 4.90 -4.72
C THR B 292 37.36 5.20 -5.82
N ASP B 293 36.90 4.12 -6.45
CA ASP B 293 35.90 4.15 -7.50
C ASP B 293 34.59 3.59 -6.98
N GLU B 294 34.56 3.27 -5.68
CA GLU B 294 33.38 2.67 -5.07
C GLU B 294 32.47 3.67 -4.36
N GLU B 295 31.22 3.25 -4.15
CA GLU B 295 30.19 4.03 -3.47
C GLU B 295 30.34 3.87 -1.96
N LEU B 296 31.42 4.39 -1.40
CA LEU B 296 31.71 4.23 0.02
C LEU B 296 31.16 5.34 0.93
N VAL B 297 31.16 5.03 2.22
CA VAL B 297 30.73 5.91 3.30
C VAL B 297 31.82 5.93 4.38
N SER B 298 31.78 6.90 5.27
CA SER B 298 32.79 7.05 6.31
C SER B 298 33.28 5.72 6.93
N ALA B 299 32.36 4.84 7.31
CA ALA B 299 32.76 3.59 7.97
C ALA B 299 33.71 2.73 7.12
N ASP B 300 33.72 2.97 5.81
CA ASP B 300 34.55 2.17 4.94
C ASP B 300 36.00 2.60 4.99
N PHE B 301 36.26 3.75 5.59
CA PHE B 301 37.61 4.24 5.65
C PHE B 301 38.26 4.00 7.00
N ILE B 302 37.55 3.34 7.90
CA ILE B 302 38.11 3.05 9.22
C ILE B 302 39.30 2.12 9.09
N ASN B 303 40.44 2.55 9.62
CA ASN B 303 41.67 1.78 9.58
C ASN B 303 42.40 1.92 8.25
N ASP B 304 41.99 2.89 7.45
CA ASP B 304 42.68 3.14 6.21
C ASP B 304 43.85 4.07 6.57
N ASN B 305 45.09 3.66 6.28
CA ASN B 305 46.25 4.46 6.68
C ASN B 305 46.74 5.49 5.68
N ARG B 306 46.06 5.68 4.55
CA ARG B 306 46.48 6.72 3.59
C ARG B 306 46.09 8.10 4.14
N SER B 307 46.99 9.07 4.05
CA SER B 307 46.72 10.40 4.57
C SER B 307 45.51 11.01 3.94
N SER B 308 45.24 10.61 2.71
CA SER B 308 44.13 11.16 1.98
C SER B 308 43.73 10.24 0.86
N VAL B 309 42.46 9.87 0.82
CA VAL B 309 41.99 8.99 -0.23
C VAL B 309 40.83 9.64 -0.99
N TYR B 310 41.18 10.03 -2.21
CA TYR B 310 40.32 10.72 -3.16
C TYR B 310 39.08 9.93 -3.57
N ASP B 311 37.93 10.59 -3.51
CA ASP B 311 36.65 9.99 -3.89
C ASP B 311 36.35 10.29 -5.37
N SER B 312 36.59 9.33 -6.26
CA SER B 312 36.41 9.56 -7.70
C SER B 312 34.95 9.73 -8.12
N LYS B 313 34.09 8.82 -7.71
CA LYS B 313 32.68 8.93 -8.09
C LYS B 313 32.07 10.22 -7.52
N ALA B 314 32.16 10.44 -6.22
CA ALA B 314 31.61 11.65 -5.64
C ALA B 314 32.11 12.90 -6.38
N THR B 315 33.39 12.94 -6.73
CA THR B 315 33.94 14.12 -7.42
C THR B 315 33.41 14.24 -8.85
N LEU B 316 33.57 13.21 -9.67
CA LEU B 316 33.11 13.28 -11.05
C LEU B 316 31.63 13.60 -11.14
N GLN B 317 30.84 13.09 -10.20
CA GLN B 317 29.38 13.28 -10.25
C GLN B 317 28.88 14.59 -9.70
N ASN B 318 29.73 15.44 -9.13
CA ASN B 318 29.16 16.67 -8.57
C ASN B 318 29.80 17.93 -9.08
N ASN B 319 30.41 17.87 -10.25
CA ASN B 319 31.01 19.06 -10.83
C ASN B 319 30.19 19.51 -12.02
N LEU B 320 30.36 20.75 -12.46
CA LEU B 320 29.61 21.22 -13.62
C LEU B 320 30.04 20.44 -14.87
N PRO B 321 29.08 20.08 -15.73
CA PRO B 321 29.25 19.32 -16.98
C PRO B 321 30.50 19.73 -17.79
N GLY B 322 30.56 20.98 -18.25
CA GLY B 322 31.70 21.39 -19.04
C GLY B 322 32.50 22.53 -18.43
N GLU B 323 32.59 22.56 -17.11
CA GLU B 323 33.35 23.62 -16.42
C GLU B 323 34.84 23.50 -16.76
N LYS B 324 35.55 24.63 -16.74
CA LYS B 324 36.97 24.62 -17.08
C LYS B 324 37.86 25.25 -16.00
N ARG B 325 37.29 25.89 -15.00
CA ARG B 325 38.11 26.53 -13.96
C ARG B 325 37.67 26.25 -12.53
N PHE B 326 36.38 26.38 -12.25
CA PHE B 326 35.82 26.20 -10.91
C PHE B 326 35.48 24.74 -10.63
N PHE B 327 36.16 24.12 -9.66
CA PHE B 327 35.95 22.71 -9.37
C PHE B 327 35.82 22.39 -7.88
N LYS B 328 35.36 21.17 -7.62
CA LYS B 328 35.20 20.63 -6.27
C LYS B 328 35.84 19.25 -6.17
N VAL B 329 36.71 19.05 -5.19
CA VAL B 329 37.37 17.75 -5.03
C VAL B 329 37.05 17.15 -3.66
N VAL B 330 36.68 15.87 -3.65
CA VAL B 330 36.31 15.17 -2.41
C VAL B 330 37.33 14.08 -2.02
N SER B 331 37.81 14.16 -0.78
CA SER B 331 38.76 13.17 -0.29
C SER B 331 38.48 12.85 1.17
N TRP B 332 38.53 11.56 1.48
CA TRP B 332 38.29 11.09 2.84
C TRP B 332 39.59 10.86 3.59
N TYR B 333 39.47 10.68 4.90
CA TYR B 333 40.61 10.38 5.74
C TYR B 333 40.21 9.93 7.15
N ASP B 334 40.84 8.86 7.62
CA ASP B 334 40.62 8.38 8.97
C ASP B 334 41.44 9.29 9.87
N ASN B 335 40.85 10.42 10.26
CA ASN B 335 41.54 11.43 11.04
C ASN B 335 42.39 10.86 12.18
N GLU B 336 42.04 9.70 12.74
CA GLU B 336 42.87 9.17 13.82
C GLU B 336 43.98 8.26 13.29
N TRP B 337 43.59 7.16 12.67
CA TRP B 337 44.51 6.14 12.18
C TRP B 337 45.62 6.66 11.26
N ALA B 338 45.25 7.18 10.10
CA ALA B 338 46.24 7.66 9.14
C ALA B 338 47.24 8.65 9.74
N TYR B 339 46.75 9.67 10.44
CA TYR B 339 47.65 10.67 11.03
C TYR B 339 48.68 10.02 11.94
N SER B 340 48.27 8.99 12.66
CA SER B 340 49.16 8.30 13.55
C SER B 340 50.29 7.66 12.76
N HIS B 341 49.95 6.99 11.68
CA HIS B 341 50.95 6.35 10.85
C HIS B 341 51.93 7.38 10.28
N ARG B 342 51.44 8.59 10.01
CA ARG B 342 52.31 9.62 9.48
C ARG B 342 53.33 10.07 10.52
N VAL B 343 52.90 10.17 11.78
CA VAL B 343 53.81 10.58 12.84
C VAL B 343 54.97 9.59 12.90
N VAL B 344 54.63 8.31 12.80
CA VAL B 344 55.62 7.25 12.81
C VAL B 344 56.52 7.35 11.59
N ASP B 345 55.93 7.68 10.45
CA ASP B 345 56.70 7.81 9.23
C ASP B 345 57.67 8.99 9.34
N LEU B 346 57.18 10.09 9.93
CA LEU B 346 58.00 11.28 10.10
C LEU B 346 59.20 10.96 10.98
N VAL B 347 58.93 10.24 12.08
CA VAL B 347 59.96 9.88 13.02
C VAL B 347 61.04 9.03 12.35
N ARG B 348 60.61 7.96 11.68
CA ARG B 348 61.54 7.07 11.00
C ARG B 348 62.33 7.82 9.94
N TYR B 349 61.68 8.73 9.22
CA TYR B 349 62.37 9.50 8.20
C TYR B 349 63.45 10.33 8.84
N MET B 350 63.07 11.14 9.82
CA MET B 350 64.01 11.99 10.53
C MET B 350 65.20 11.19 11.06
N ALA B 351 64.90 10.13 11.80
CA ALA B 351 65.93 9.26 12.37
C ALA B 351 66.90 8.74 11.32
N ALA B 352 66.36 8.34 10.16
CA ALA B 352 67.20 7.81 9.09
C ALA B 352 68.10 8.89 8.52
N LYS B 353 67.56 10.11 8.40
CA LYS B 353 68.31 11.23 7.85
C LYS B 353 69.28 11.83 8.88
N ASP B 354 68.93 11.75 10.17
CA ASP B 354 69.82 12.30 11.19
C ASP B 354 71.06 11.44 11.29
N ALA B 355 70.89 10.16 11.06
CA ALA B 355 71.97 9.20 11.12
C ALA B 355 72.88 9.30 9.90
N ALA B 356 72.27 9.45 8.73
CA ALA B 356 73.01 9.56 7.48
C ALA B 356 73.97 10.74 7.47
N SER B 357 73.44 11.94 7.74
CA SER B 357 74.26 13.15 7.75
C SER B 357 75.31 13.07 8.84
N SER B 358 75.11 12.14 9.79
CA SER B 358 76.01 11.94 10.90
C SER B 358 76.05 13.18 11.80
N ALA C 1 -13.89 33.87 4.29
CA ALA C 1 -14.07 32.59 3.53
C ALA C 1 -12.86 31.69 3.75
N PRO C 2 -12.95 30.74 4.71
CA PRO C 2 -11.85 29.82 5.00
C PRO C 2 -11.45 29.01 3.78
N ILE C 3 -10.14 28.91 3.56
CA ILE C 3 -9.61 28.15 2.44
C ILE C 3 -9.86 26.67 2.67
N LYS C 4 -10.57 26.04 1.74
CA LYS C 4 -10.86 24.62 1.83
C LYS C 4 -9.68 23.79 1.33
N VAL C 5 -8.97 23.13 2.24
CA VAL C 5 -7.83 22.33 1.82
C VAL C 5 -7.98 20.86 2.18
N GLY C 6 -7.27 20.04 1.43
CA GLY C 6 -7.23 18.60 1.67
C GLY C 6 -5.79 18.13 1.60
N ILE C 7 -5.34 17.31 2.55
CA ILE C 7 -3.97 16.80 2.50
C ILE C 7 -3.94 15.37 1.96
N ASN C 8 -3.32 15.14 0.82
CA ASN C 8 -3.22 13.77 0.32
C ASN C 8 -1.89 13.17 0.73
N GLY C 9 -1.96 12.21 1.64
CA GLY C 9 -0.77 11.59 2.18
C GLY C 9 -0.48 12.18 3.54
N PHE C 10 -0.71 11.41 4.59
CA PHE C 10 -0.50 11.92 5.93
C PHE C 10 0.69 11.31 6.66
N GLY C 11 1.88 11.45 6.08
CA GLY C 11 3.09 10.97 6.70
C GLY C 11 3.82 12.12 7.37
N ARG C 12 5.14 12.05 7.54
CA ARG C 12 5.87 13.16 8.18
C ARG C 12 5.50 14.47 7.50
N ILE C 13 5.72 14.54 6.19
CA ILE C 13 5.46 15.75 5.43
C ILE C 13 4.02 16.23 5.62
N GLY C 14 3.06 15.35 5.37
CA GLY C 14 1.68 15.73 5.52
C GLY C 14 1.35 16.29 6.89
N ARG C 15 1.72 15.57 7.94
CA ARG C 15 1.48 16.01 9.31
C ARG C 15 2.15 17.36 9.58
N MET C 16 3.45 17.44 9.31
CA MET C 16 4.19 18.67 9.54
C MET C 16 3.45 19.83 8.92
N VAL C 17 3.03 19.68 7.67
CA VAL C 17 2.31 20.74 7.02
C VAL C 17 1.07 21.10 7.83
N PHE C 18 0.28 20.08 8.16
CA PHE C 18 -0.91 20.28 8.95
C PHE C 18 -0.61 20.94 10.30
N GLN C 19 0.43 20.44 10.98
CA GLN C 19 0.83 21.01 12.26
C GLN C 19 1.22 22.47 12.10
N ALA C 20 1.84 22.80 10.96
CA ALA C 20 2.21 24.18 10.70
C ALA C 20 0.98 25.06 10.58
N ILE C 21 -0.10 24.49 10.06
CA ILE C 21 -1.34 25.23 9.96
C ILE C 21 -1.88 25.51 11.35
N CYS C 22 -1.95 24.45 12.14
CA CYS C 22 -2.43 24.55 13.50
C CYS C 22 -1.52 25.46 14.32
N ASP C 23 -0.22 25.23 14.22
CA ASP C 23 0.74 26.03 14.98
C ASP C 23 0.58 27.52 14.68
N GLN C 24 0.28 27.86 13.43
CA GLN C 24 0.11 29.26 13.07
C GLN C 24 -1.25 29.78 13.52
N GLY C 25 -2.04 28.91 14.13
CA GLY C 25 -3.36 29.29 14.59
C GLY C 25 -4.33 29.60 13.46
N LEU C 26 -4.12 28.96 12.31
CA LEU C 26 -4.96 29.16 11.13
C LEU C 26 -6.07 28.14 11.03
N ILE C 27 -5.90 27.02 11.69
CA ILE C 27 -6.91 25.97 11.63
C ILE C 27 -8.27 26.51 12.05
N GLY C 28 -9.27 26.31 11.19
CA GLY C 28 -10.61 26.76 11.50
C GLY C 28 -10.92 28.14 10.94
N THR C 29 -10.31 29.17 11.51
CA THR C 29 -10.53 30.54 11.08
C THR C 29 -10.12 30.79 9.62
N GLU C 30 -8.81 30.74 9.37
CA GLU C 30 -8.26 30.99 8.03
C GLU C 30 -8.33 29.78 7.11
N ILE C 31 -7.79 28.65 7.54
CA ILE C 31 -7.79 27.46 6.71
C ILE C 31 -8.66 26.36 7.28
N ASP C 32 -9.49 25.80 6.41
CA ASP C 32 -10.36 24.70 6.77
C ASP C 32 -9.82 23.40 6.18
N VAL C 33 -9.13 22.61 7.00
CA VAL C 33 -8.65 21.33 6.55
C VAL C 33 -9.82 20.35 6.60
N VAL C 34 -10.53 20.25 5.48
CA VAL C 34 -11.68 19.38 5.39
C VAL C 34 -11.35 17.94 5.67
N ALA C 35 -10.22 17.45 5.15
CA ALA C 35 -9.87 16.06 5.37
C ALA C 35 -8.45 15.74 4.97
N VAL C 36 -7.96 14.64 5.52
CA VAL C 36 -6.65 14.12 5.21
C VAL C 36 -6.83 12.70 4.64
N VAL C 37 -5.97 12.31 3.70
CA VAL C 37 -6.11 11.01 3.06
C VAL C 37 -4.87 10.16 3.16
N ASP C 38 -5.04 8.94 3.64
CA ASP C 38 -3.91 8.03 3.78
C ASP C 38 -4.38 6.58 3.71
N MET C 39 -3.45 5.65 3.66
CA MET C 39 -3.79 4.22 3.60
C MET C 39 -4.58 3.77 4.82
N SER C 40 -4.57 4.59 5.87
CA SER C 40 -5.29 4.29 7.08
C SER C 40 -6.13 5.48 7.48
N THR C 41 -7.25 5.22 8.13
CA THR C 41 -8.09 6.31 8.61
C THR C 41 -8.15 6.30 10.13
N ASN C 42 -7.20 5.60 10.73
CA ASN C 42 -7.14 5.49 12.19
C ASN C 42 -6.71 6.81 12.81
N ALA C 43 -7.69 7.64 13.18
CA ALA C 43 -7.44 8.94 13.78
C ALA C 43 -6.72 8.83 15.13
N GLU C 44 -6.89 7.72 15.84
CA GLU C 44 -6.20 7.60 17.10
C GLU C 44 -4.71 7.54 16.86
N TYR C 45 -4.31 6.83 15.82
CA TYR C 45 -2.91 6.73 15.52
C TYR C 45 -2.37 8.07 15.04
N PHE C 46 -3.21 8.84 14.35
CA PHE C 46 -2.76 10.13 13.87
C PHE C 46 -2.62 11.10 15.05
N ALA C 47 -3.56 11.01 15.99
CA ALA C 47 -3.48 11.87 17.15
C ALA C 47 -2.16 11.61 17.88
N TYR C 48 -1.88 10.34 18.13
CA TYR C 48 -0.65 9.92 18.78
C TYR C 48 0.55 10.56 18.13
N GLN C 49 0.65 10.41 16.82
CA GLN C 49 1.77 10.94 16.06
C GLN C 49 1.87 12.45 16.14
N MET C 50 0.74 13.14 16.25
CA MET C 50 0.77 14.60 16.31
C MET C 50 1.09 15.11 17.69
N LYS C 51 0.63 14.39 18.71
CA LYS C 51 0.84 14.83 20.08
C LYS C 51 2.28 14.59 20.57
N HIS C 52 2.99 13.68 19.91
CA HIS C 52 4.37 13.35 20.34
C HIS C 52 5.35 13.30 19.16
N ASP C 53 6.30 14.23 19.17
CA ASP C 53 7.31 14.36 18.11
C ASP C 53 8.72 14.38 18.70
N THR C 54 9.52 13.40 18.32
CA THR C 54 10.88 13.25 18.80
C THR C 54 11.71 14.53 18.70
N VAL C 55 11.62 15.20 17.56
CA VAL C 55 12.39 16.39 17.34
C VAL C 55 11.66 17.70 17.70
N HIS C 56 10.36 17.77 17.48
CA HIS C 56 9.64 19.02 17.72
C HIS C 56 8.81 19.04 18.98
N GLY C 57 8.79 17.93 19.72
CA GLY C 57 8.07 17.90 20.98
C GLY C 57 6.56 17.84 20.87
N ARG C 58 5.91 18.44 21.87
CA ARG C 58 4.47 18.48 21.99
C ARG C 58 3.86 19.71 21.32
N PRO C 59 2.65 19.57 20.75
CA PRO C 59 1.93 20.66 20.07
C PRO C 59 1.34 21.67 21.08
N LYS C 60 1.16 22.92 20.65
CA LYS C 60 0.60 23.98 21.49
C LYS C 60 -0.91 24.00 21.43
N TYR C 61 -1.48 23.05 20.70
CA TYR C 61 -2.92 22.95 20.54
C TYR C 61 -3.39 21.58 21.01
N THR C 62 -4.69 21.41 21.13
CA THR C 62 -5.23 20.13 21.57
C THR C 62 -5.58 19.26 20.37
N VAL C 63 -5.32 17.96 20.50
CA VAL C 63 -5.62 17.01 19.44
C VAL C 63 -6.36 15.82 20.01
N GLU C 64 -7.53 15.57 19.48
CA GLU C 64 -8.34 14.46 19.94
C GLU C 64 -8.87 13.66 18.77
N ALA C 65 -9.11 12.37 18.98
CA ALA C 65 -9.64 11.50 17.95
C ALA C 65 -11.05 11.06 18.31
N VAL C 66 -11.99 11.26 17.39
CA VAL C 66 -13.37 10.87 17.64
C VAL C 66 -13.93 10.05 16.50
N LYS C 67 -15.18 9.63 16.64
CA LYS C 67 -15.83 8.82 15.64
C LYS C 67 -16.87 9.64 14.89
N SER C 68 -16.87 9.55 13.56
CA SER C 68 -17.85 10.27 12.76
C SER C 68 -19.25 9.86 13.19
N SER C 69 -19.40 8.57 13.48
CA SER C 69 -20.64 7.98 13.96
C SER C 69 -20.34 7.04 15.10
N PRO C 70 -21.19 7.03 16.12
CA PRO C 70 -20.95 6.14 17.25
C PRO C 70 -20.88 4.66 16.84
N SER C 71 -21.14 4.34 15.57
CA SER C 71 -21.10 2.94 15.12
C SER C 71 -19.69 2.48 14.75
N VAL C 72 -18.91 3.38 14.14
CA VAL C 72 -17.56 3.05 13.70
C VAL C 72 -16.73 2.45 14.84
N GLU C 73 -16.00 1.37 14.54
CA GLU C 73 -15.20 0.72 15.57
C GLU C 73 -13.98 1.56 15.94
N THR C 74 -13.27 2.12 14.97
CA THR C 74 -12.10 2.92 15.27
C THR C 74 -12.23 4.35 14.73
N ALA C 75 -11.97 5.30 15.61
CA ALA C 75 -12.04 6.73 15.31
C ALA C 75 -11.51 7.03 13.91
N ASP C 76 -12.25 7.88 13.19
CA ASP C 76 -11.90 8.26 11.83
C ASP C 76 -11.96 9.77 11.66
N VAL C 77 -12.05 10.49 12.77
CA VAL C 77 -12.11 11.94 12.71
C VAL C 77 -11.17 12.57 13.72
N LEU C 78 -10.45 13.59 13.24
CA LEU C 78 -9.49 14.31 14.06
C LEU C 78 -10.09 15.64 14.49
N VAL C 79 -9.95 15.98 15.76
CA VAL C 79 -10.48 17.24 16.27
C VAL C 79 -9.38 18.12 16.87
N VAL C 80 -8.95 19.10 16.11
CA VAL C 80 -7.93 20.02 16.55
C VAL C 80 -8.55 21.36 16.87
N ASN C 81 -8.38 21.79 18.13
CA ASN C 81 -8.94 23.04 18.61
C ASN C 81 -10.40 23.20 18.22
N GLY C 82 -11.17 22.12 18.33
CA GLY C 82 -12.58 22.18 18.00
C GLY C 82 -12.88 21.89 16.55
N HIS C 83 -11.97 22.25 15.64
CA HIS C 83 -12.20 21.99 14.22
C HIS C 83 -12.15 20.50 13.91
N ARG C 84 -13.10 20.03 13.11
CA ARG C 84 -13.17 18.62 12.75
C ARG C 84 -12.48 18.33 11.42
N ILE C 85 -11.58 17.34 11.43
CA ILE C 85 -10.91 16.94 10.20
C ILE C 85 -11.27 15.51 9.87
N LYS C 86 -11.68 15.30 8.64
CA LYS C 86 -12.07 13.98 8.16
C LYS C 86 -10.87 13.15 7.74
N CYS C 87 -10.85 11.89 8.17
CA CYS C 87 -9.81 10.95 7.79
C CYS C 87 -10.37 10.07 6.69
N VAL C 88 -9.95 10.33 5.47
CA VAL C 88 -10.44 9.59 4.30
C VAL C 88 -9.44 8.54 3.78
N LYS C 89 -10.00 7.44 3.27
CA LYS C 89 -9.26 6.31 2.70
C LYS C 89 -8.63 6.68 1.36
N ALA C 90 -7.33 6.36 1.21
CA ALA C 90 -6.55 6.67 0.02
C ALA C 90 -7.00 5.92 -1.23
N GLN C 91 -6.60 6.44 -2.39
CA GLN C 91 -6.91 5.88 -3.69
C GLN C 91 -5.66 5.73 -4.55
N ARG C 92 -5.65 4.78 -5.48
CA ARG C 92 -4.48 4.60 -6.35
C ARG C 92 -4.33 5.79 -7.29
N ASN C 93 -5.45 6.24 -7.84
CA ASN C 93 -5.44 7.36 -8.76
C ASN C 93 -6.13 8.58 -8.16
N PRO C 94 -5.41 9.70 -8.04
CA PRO C 94 -5.92 10.96 -7.48
C PRO C 94 -7.32 11.30 -7.99
N ALA C 95 -7.59 10.99 -9.25
CA ALA C 95 -8.89 11.30 -9.84
C ALA C 95 -10.06 10.60 -9.15
N ASP C 96 -9.76 9.57 -8.37
CA ASP C 96 -10.82 8.85 -7.67
C ASP C 96 -11.10 9.46 -6.30
N LEU C 97 -10.33 10.49 -5.92
CA LEU C 97 -10.52 11.14 -4.64
C LEU C 97 -11.78 12.00 -4.68
N PRO C 98 -12.61 11.92 -3.65
CA PRO C 98 -13.86 12.69 -3.58
C PRO C 98 -13.66 14.15 -3.19
N TRP C 99 -12.68 14.81 -3.80
CA TRP C 99 -12.42 16.21 -3.47
C TRP C 99 -13.68 17.06 -3.70
N GLY C 100 -14.25 16.95 -4.90
CA GLY C 100 -15.43 17.73 -5.22
C GLY C 100 -16.60 17.45 -4.29
N LYS C 101 -16.73 16.19 -3.88
CA LYS C 101 -17.79 15.79 -2.98
C LYS C 101 -17.54 16.31 -1.57
N LEU C 102 -16.28 16.55 -1.23
CA LEU C 102 -15.91 17.05 0.08
C LEU C 102 -15.85 18.56 0.12
N GLY C 103 -15.82 19.18 -1.07
CA GLY C 103 -15.76 20.63 -1.16
C GLY C 103 -14.35 21.17 -1.02
N VAL C 104 -13.35 20.36 -1.36
CA VAL C 104 -11.96 20.78 -1.26
C VAL C 104 -11.51 21.52 -2.50
N ASP C 105 -10.86 22.67 -2.33
CA ASP C 105 -10.38 23.45 -3.48
C ASP C 105 -8.89 23.33 -3.63
N TYR C 106 -8.18 23.35 -2.51
CA TYR C 106 -6.74 23.26 -2.53
C TYR C 106 -6.27 21.96 -1.93
N VAL C 107 -5.54 21.18 -2.74
CA VAL C 107 -5.01 19.91 -2.29
C VAL C 107 -3.49 19.97 -2.15
N ILE C 108 -3.02 19.50 -0.99
CA ILE C 108 -1.61 19.42 -0.69
C ILE C 108 -1.13 17.99 -0.97
N GLU C 109 -0.46 17.80 -2.09
CA GLU C 109 0.04 16.48 -2.50
C GLU C 109 1.36 16.15 -1.82
N SER C 110 1.30 15.30 -0.79
CA SER C 110 2.53 14.97 -0.09
C SER C 110 2.72 13.47 0.13
N THR C 111 2.29 12.65 -0.83
CA THR C 111 2.51 11.21 -0.72
C THR C 111 3.86 10.85 -1.32
N GLY C 112 4.36 11.73 -2.18
CA GLY C 112 5.63 11.50 -2.83
C GLY C 112 5.50 10.66 -4.08
N LEU C 113 4.27 10.23 -4.39
CA LEU C 113 4.03 9.39 -5.55
C LEU C 113 3.43 10.16 -6.74
N PHE C 114 3.11 11.43 -6.54
CA PHE C 114 2.52 12.21 -7.62
C PHE C 114 3.25 13.51 -7.85
N THR C 115 4.58 13.47 -7.86
CA THR C 115 5.37 14.68 -8.07
C THR C 115 5.38 15.07 -9.54
N ASP C 116 4.81 14.21 -10.38
CA ASP C 116 4.72 14.49 -11.80
C ASP C 116 3.46 15.31 -12.11
N LYS C 117 3.66 16.46 -12.73
CA LYS C 117 2.59 17.38 -13.12
C LYS C 117 1.34 16.67 -13.66
N LEU C 118 1.52 15.72 -14.58
CA LEU C 118 0.39 15.01 -15.19
C LEU C 118 -0.38 14.16 -14.20
N LYS C 119 0.33 13.45 -13.33
CA LYS C 119 -0.34 12.62 -12.34
C LYS C 119 -1.03 13.46 -11.30
N ALA C 120 -0.37 14.53 -10.85
CA ALA C 120 -0.92 15.41 -9.84
C ALA C 120 -2.21 16.09 -10.31
N GLU C 121 -2.31 16.37 -11.61
CA GLU C 121 -3.51 17.02 -12.14
C GLU C 121 -4.74 16.17 -11.90
N GLY C 122 -4.54 14.93 -11.50
CA GLY C 122 -5.68 14.05 -11.24
C GLY C 122 -6.56 14.59 -10.13
N HIS C 123 -5.95 15.24 -9.15
CA HIS C 123 -6.70 15.80 -8.04
C HIS C 123 -7.77 16.77 -8.55
N ILE C 124 -7.39 17.58 -9.53
CA ILE C 124 -8.31 18.53 -10.12
C ILE C 124 -9.45 17.80 -10.80
N LYS C 125 -9.11 16.71 -11.51
CA LYS C 125 -10.12 15.91 -12.17
C LYS C 125 -11.01 15.28 -11.11
N GLY C 126 -10.45 15.11 -9.92
CA GLY C 126 -11.20 14.55 -8.81
C GLY C 126 -12.12 15.59 -8.20
N GLY C 127 -11.96 16.84 -8.63
CA GLY C 127 -12.81 17.90 -8.11
C GLY C 127 -12.03 19.06 -7.49
N ALA C 128 -10.74 18.89 -7.29
CA ALA C 128 -9.97 19.97 -6.70
C ALA C 128 -9.78 21.10 -7.69
N LYS C 129 -9.39 22.26 -7.20
CA LYS C 129 -9.19 23.45 -8.00
C LYS C 129 -7.68 23.73 -8.20
N LYS C 130 -6.91 23.57 -7.14
CA LYS C 130 -5.46 23.79 -7.17
C LYS C 130 -4.74 22.70 -6.41
N VAL C 131 -3.51 22.42 -6.81
CA VAL C 131 -2.69 21.40 -6.18
C VAL C 131 -1.32 21.94 -5.83
N VAL C 132 -0.87 21.73 -4.60
CA VAL C 132 0.46 22.15 -4.21
C VAL C 132 1.28 20.95 -3.85
N ILE C 133 2.29 20.66 -4.64
CA ILE C 133 3.16 19.52 -4.35
C ILE C 133 4.21 19.92 -3.33
N SER C 134 4.24 19.21 -2.21
CA SER C 134 5.20 19.52 -1.15
C SER C 134 6.55 18.87 -1.40
N ALA C 135 7.05 19.00 -2.62
CA ALA C 135 8.33 18.41 -3.00
C ALA C 135 8.69 18.84 -4.40
N PRO C 136 9.93 18.59 -4.84
CA PRO C 136 10.27 18.99 -6.21
C PRO C 136 9.35 18.29 -7.20
N ALA C 137 8.93 18.97 -8.25
CA ALA C 137 8.03 18.36 -9.22
C ALA C 137 8.66 18.24 -10.61
N SER C 138 8.05 17.39 -11.42
CA SER C 138 8.47 17.15 -12.79
C SER C 138 7.28 17.27 -13.73
N GLY C 139 7.55 17.44 -15.03
CA GLY C 139 6.47 17.55 -15.99
C GLY C 139 6.08 18.98 -16.30
N GLY C 140 6.90 19.92 -15.84
CA GLY C 140 6.64 21.32 -16.12
C GLY C 140 5.71 21.98 -15.12
N ALA C 141 5.87 21.67 -13.83
CA ALA C 141 5.04 22.29 -12.83
C ALA C 141 5.69 23.58 -12.35
N LYS C 142 4.91 24.65 -12.23
CA LYS C 142 5.50 25.88 -11.78
C LYS C 142 6.08 25.70 -10.38
N THR C 143 7.33 26.08 -10.21
CA THR C 143 7.98 25.97 -8.92
C THR C 143 8.08 27.34 -8.28
N ILE C 144 7.68 27.44 -7.02
CA ILE C 144 7.76 28.71 -6.36
C ILE C 144 8.42 28.60 -5.01
N VAL C 145 9.19 29.64 -4.68
CA VAL C 145 9.90 29.75 -3.40
C VAL C 145 9.49 31.08 -2.75
N MET C 146 8.58 31.00 -1.77
CA MET C 146 8.11 32.19 -1.08
C MET C 146 9.28 33.09 -0.73
N GLY C 147 9.10 34.39 -0.99
CA GLY C 147 10.15 35.35 -0.69
C GLY C 147 11.12 35.51 -1.86
N VAL C 148 10.94 34.73 -2.90
CA VAL C 148 11.82 34.83 -4.06
C VAL C 148 11.05 35.06 -5.36
N ASN C 149 9.94 34.35 -5.57
CA ASN C 149 9.24 34.54 -6.83
C ASN C 149 7.73 34.21 -6.77
N GLN C 150 7.10 34.33 -5.61
CA GLN C 150 5.67 34.03 -5.55
C GLN C 150 4.86 34.93 -6.51
N HIS C 151 5.40 36.11 -6.82
CA HIS C 151 4.72 37.05 -7.72
C HIS C 151 4.54 36.47 -9.13
N GLU C 152 5.31 35.44 -9.45
CA GLU C 152 5.22 34.83 -10.77
C GLU C 152 4.08 33.80 -10.86
N TYR C 153 3.33 33.63 -9.78
CA TYR C 153 2.23 32.70 -9.79
C TYR C 153 1.09 33.25 -10.61
N SER C 154 0.56 32.45 -11.53
CA SER C 154 -0.55 32.89 -12.36
C SER C 154 -1.81 32.08 -12.08
N PRO C 155 -2.79 32.70 -11.40
CA PRO C 155 -4.05 32.05 -11.05
C PRO C 155 -4.69 31.32 -12.23
N ALA C 156 -4.57 31.90 -13.43
CA ALA C 156 -5.20 31.29 -14.59
C ALA C 156 -4.32 30.29 -15.32
N SER C 157 -3.00 30.36 -15.13
CA SER C 157 -2.10 29.45 -15.85
C SER C 157 -1.61 28.28 -15.00
N HIS C 158 -1.25 28.56 -13.75
CA HIS C 158 -0.72 27.54 -12.85
C HIS C 158 -1.80 26.92 -11.98
N HIS C 159 -1.99 25.61 -12.08
CA HIS C 159 -2.97 24.91 -11.27
C HIS C 159 -2.31 23.86 -10.41
N VAL C 160 -1.12 23.46 -10.84
CA VAL C 160 -0.30 22.49 -10.13
C VAL C 160 1.06 23.11 -9.84
N VAL C 161 1.24 23.55 -8.60
CA VAL C 161 2.45 24.22 -8.18
C VAL C 161 3.28 23.33 -7.26
N SER C 162 4.59 23.58 -7.27
CA SER C 162 5.52 22.87 -6.43
C SER C 162 6.20 23.87 -5.49
N ASN C 163 6.36 23.47 -4.24
CA ASN C 163 6.99 24.32 -3.22
C ASN C 163 8.50 24.07 -3.16
N ALA C 164 9.00 23.32 -4.16
CA ALA C 164 10.42 22.96 -4.25
C ALA C 164 10.83 22.07 -3.08
N SER C 165 12.10 22.12 -2.70
CA SER C 165 12.60 21.32 -1.59
C SER C 165 13.10 22.21 -0.46
N CYS C 166 13.25 21.59 0.71
CA CYS C 166 13.75 22.28 1.89
C CYS C 166 15.05 22.99 1.60
N THR C 167 16.00 22.26 1.02
CA THR C 167 17.31 22.80 0.68
C THR C 167 17.22 23.99 -0.28
N THR C 168 16.40 23.85 -1.33
CA THR C 168 16.22 24.93 -2.29
C THR C 168 15.66 26.18 -1.62
N ASN C 169 14.74 25.98 -0.67
CA ASN C 169 14.13 27.08 0.07
C ASN C 169 15.13 27.74 1.01
N CYS C 170 16.28 27.12 1.17
CA CYS C 170 17.33 27.70 2.00
C CYS C 170 18.34 28.45 1.14
N LEU C 171 18.72 27.86 0.00
CA LEU C 171 19.69 28.45 -0.91
C LEU C 171 19.13 29.61 -1.74
N ALA C 172 17.94 29.40 -2.32
CA ALA C 172 17.31 30.42 -3.15
C ALA C 172 17.31 31.81 -2.49
N PRO C 173 16.80 31.90 -1.25
CA PRO C 173 16.79 33.20 -0.59
C PRO C 173 18.16 33.88 -0.65
N ILE C 174 19.20 33.17 -0.28
CA ILE C 174 20.56 33.70 -0.30
C ILE C 174 20.93 34.16 -1.70
N VAL C 175 20.89 33.24 -2.64
CA VAL C 175 21.22 33.56 -4.02
C VAL C 175 20.40 34.76 -4.49
N HIS C 176 19.14 34.82 -4.06
CA HIS C 176 18.25 35.91 -4.44
C HIS C 176 18.78 37.28 -4.01
N VAL C 177 19.23 37.43 -2.76
CA VAL C 177 19.73 38.73 -2.33
C VAL C 177 21.12 38.97 -2.89
N LEU C 178 21.85 37.90 -3.19
CA LEU C 178 23.17 38.06 -3.75
C LEU C 178 23.09 38.68 -5.14
N THR C 179 22.06 38.32 -5.90
CA THR C 179 21.89 38.84 -7.24
C THR C 179 21.10 40.16 -7.24
N LYS C 180 20.15 40.29 -6.32
CA LYS C 180 19.35 41.50 -6.25
C LYS C 180 20.18 42.69 -5.80
N GLU C 181 21.09 42.46 -4.86
CA GLU C 181 21.96 43.51 -4.35
C GLU C 181 23.13 43.75 -5.32
N ASN C 182 23.00 43.17 -6.50
CA ASN C 182 23.98 43.31 -7.58
C ASN C 182 25.40 42.90 -7.21
N PHE C 183 25.53 41.83 -6.45
CA PHE C 183 26.84 41.30 -6.11
C PHE C 183 27.31 40.44 -7.26
N GLY C 184 26.32 39.89 -7.97
CA GLY C 184 26.58 39.04 -9.11
C GLY C 184 26.98 37.65 -8.71
N ILE C 185 27.02 36.75 -9.69
CA ILE C 185 27.41 35.40 -9.42
C ILE C 185 27.79 34.68 -10.71
N GLU C 186 29.09 34.65 -10.95
CA GLU C 186 29.67 34.02 -12.12
C GLU C 186 29.33 32.55 -12.13
N THR C 187 29.77 31.88 -11.06
CA THR C 187 29.50 30.47 -10.86
C THR C 187 29.48 30.19 -9.37
N GLY C 188 28.82 29.11 -8.97
CA GLY C 188 28.77 28.81 -7.56
C GLY C 188 28.56 27.35 -7.29
N LEU C 189 29.23 26.87 -6.24
CA LEU C 189 29.10 25.48 -5.82
C LEU C 189 28.60 25.43 -4.38
N MET C 190 27.58 24.62 -4.13
CA MET C 190 27.06 24.54 -2.79
C MET C 190 27.02 23.13 -2.27
N THR C 191 27.43 23.00 -1.02
CA THR C 191 27.41 21.75 -0.34
C THR C 191 26.48 21.88 0.85
N THR C 192 25.57 20.92 1.02
CA THR C 192 24.69 20.99 2.15
C THR C 192 24.99 19.86 3.13
N ILE C 193 25.19 20.20 4.39
CA ILE C 193 25.34 19.18 5.41
C ILE C 193 23.91 18.96 5.92
N HIS C 194 23.32 17.86 5.45
CA HIS C 194 21.92 17.56 5.71
C HIS C 194 21.72 16.46 6.74
N SER C 195 20.66 16.61 7.53
CA SER C 195 20.29 15.59 8.51
C SER C 195 19.73 14.41 7.73
N TYR C 196 19.77 13.20 8.28
CA TYR C 196 19.20 12.08 7.55
C TYR C 196 17.67 12.20 7.47
N THR C 197 17.03 11.43 6.58
CA THR C 197 15.58 11.50 6.42
C THR C 197 14.92 10.14 6.32
N ALA C 198 13.60 10.15 6.20
CA ALA C 198 12.80 8.94 6.18
C ALA C 198 13.21 7.97 5.09
N THR C 199 13.74 8.49 4.00
CA THR C 199 14.13 7.62 2.89
C THR C 199 15.37 6.80 3.22
N GLN C 200 16.08 7.16 4.29
CA GLN C 200 17.28 6.41 4.64
C GLN C 200 16.98 5.17 5.48
N LYS C 201 18.03 4.41 5.79
CA LYS C 201 17.87 3.17 6.55
C LYS C 201 18.59 3.19 7.90
N THR C 202 17.97 2.55 8.90
CA THR C 202 18.56 2.49 10.23
C THR C 202 19.86 1.71 10.21
N VAL C 203 19.84 0.56 9.55
CA VAL C 203 21.01 -0.28 9.36
C VAL C 203 21.14 -0.55 7.87
N ASP C 204 22.34 -0.95 7.42
CA ASP C 204 22.60 -1.22 6.00
C ASP C 204 21.45 -1.99 5.34
N GLY C 205 20.76 -1.34 4.41
CA GLY C 205 19.62 -1.96 3.77
C GLY C 205 19.62 -1.87 2.26
N VAL C 206 18.44 -2.02 1.68
CA VAL C 206 18.25 -2.00 0.25
C VAL C 206 17.98 -0.62 -0.29
N SER C 207 18.75 -0.23 -1.31
CA SER C 207 18.60 1.06 -1.97
C SER C 207 19.21 0.99 -3.37
N LEU C 208 18.49 0.37 -4.30
CA LEU C 208 18.94 0.19 -5.68
C LEU C 208 19.25 1.49 -6.40
N LYS C 209 18.39 2.50 -6.22
CA LYS C 209 18.57 3.80 -6.87
C LYS C 209 19.77 4.58 -6.32
N ASP C 210 19.93 4.57 -5.00
CA ASP C 210 21.01 5.30 -4.31
C ASP C 210 21.75 4.36 -3.35
N TRP C 211 22.81 3.73 -3.86
CA TRP C 211 23.62 2.75 -3.12
C TRP C 211 24.14 3.23 -1.77
N ARG C 212 24.76 4.41 -1.73
CA ARG C 212 25.24 4.90 -0.46
C ARG C 212 24.07 5.18 0.46
N GLY C 213 23.00 5.71 -0.12
CA GLY C 213 21.80 6.04 0.65
C GLY C 213 21.21 4.87 1.39
N GLY C 214 21.71 3.66 1.14
CA GLY C 214 21.18 2.49 1.81
C GLY C 214 21.95 2.15 3.08
N ARG C 215 23.07 2.81 3.31
CA ARG C 215 23.90 2.54 4.48
C ARG C 215 23.36 3.16 5.76
N ALA C 216 23.66 2.51 6.90
CA ALA C 216 23.21 2.98 8.21
C ALA C 216 23.31 4.51 8.29
N ALA C 217 22.16 5.16 8.42
CA ALA C 217 22.08 6.61 8.42
C ALA C 217 22.67 7.30 9.66
N ALA C 218 22.34 6.86 10.86
CA ALA C 218 22.81 7.54 12.06
C ALA C 218 24.25 7.20 12.45
N VAL C 219 24.94 6.43 11.62
CA VAL C 219 26.30 6.06 11.98
C VAL C 219 27.32 6.36 10.85
N ASN C 220 26.88 7.00 9.77
CA ASN C 220 27.78 7.31 8.66
C ASN C 220 27.59 8.71 8.12
N ILE C 221 28.62 9.15 7.41
CA ILE C 221 28.59 10.38 6.64
C ILE C 221 28.27 9.89 5.23
N ILE C 222 27.12 10.24 4.70
CA ILE C 222 26.76 9.68 3.41
C ILE C 222 26.59 10.72 2.32
N PRO C 223 27.48 10.66 1.31
CA PRO C 223 27.42 11.60 0.19
C PRO C 223 26.22 11.29 -0.68
N SER C 224 25.58 12.32 -1.20
CA SER C 224 24.44 12.14 -2.07
C SER C 224 24.29 13.33 -2.99
N THR C 225 23.46 13.18 -4.00
CA THR C 225 23.25 14.27 -4.93
C THR C 225 22.02 15.07 -4.53
N THR C 226 21.90 16.26 -5.08
CA THR C 226 20.77 17.13 -4.79
C THR C 226 20.45 18.02 -5.98
N GLY C 227 19.17 18.17 -6.27
CA GLY C 227 18.77 18.99 -7.38
C GLY C 227 18.53 20.42 -6.96
N ALA C 228 18.68 20.69 -5.67
CA ALA C 228 18.47 22.03 -5.14
C ALA C 228 19.26 23.08 -5.92
N ALA C 229 20.41 22.66 -6.42
CA ALA C 229 21.27 23.55 -7.18
C ALA C 229 20.61 23.99 -8.48
N LYS C 230 20.25 23.02 -9.32
CA LYS C 230 19.62 23.35 -10.58
C LYS C 230 18.27 24.02 -10.37
N ALA C 231 17.48 23.49 -9.44
CA ALA C 231 16.15 24.02 -9.16
C ALA C 231 16.19 25.53 -8.93
N VAL C 232 17.19 26.02 -8.22
CA VAL C 232 17.26 27.45 -7.97
C VAL C 232 17.38 28.20 -9.29
N GLY C 233 17.81 27.46 -10.31
CA GLY C 233 17.94 28.03 -11.64
C GLY C 233 16.59 28.27 -12.29
N MET C 234 15.56 27.59 -11.80
CA MET C 234 14.22 27.77 -12.34
C MET C 234 13.50 28.89 -11.60
N VAL C 235 13.88 29.10 -10.34
CA VAL C 235 13.26 30.16 -9.55
C VAL C 235 13.95 31.48 -9.85
N ILE C 236 15.24 31.40 -10.13
CA ILE C 236 16.05 32.56 -10.46
C ILE C 236 16.79 32.28 -11.75
N PRO C 237 16.08 32.38 -12.89
CA PRO C 237 16.54 32.15 -14.27
C PRO C 237 17.98 32.59 -14.55
N SER C 238 18.38 33.75 -14.04
CA SER C 238 19.73 34.26 -14.28
C SER C 238 20.82 33.29 -13.84
N THR C 239 20.51 32.42 -12.89
CA THR C 239 21.51 31.48 -12.38
C THR C 239 21.57 30.16 -13.15
N LYS C 240 20.72 29.97 -14.15
CA LYS C 240 20.72 28.71 -14.90
C LYS C 240 22.14 28.32 -15.36
N GLY C 241 22.51 27.07 -15.13
CA GLY C 241 23.82 26.58 -15.53
C GLY C 241 24.99 27.21 -14.79
N LYS C 242 24.73 28.04 -13.79
CA LYS C 242 25.81 28.67 -13.04
C LYS C 242 26.01 28.02 -11.69
N LEU C 243 24.98 27.33 -11.21
CA LEU C 243 25.03 26.68 -9.91
C LEU C 243 24.99 25.16 -10.02
N THR C 244 25.48 24.52 -8.98
CA THR C 244 25.50 23.07 -8.83
C THR C 244 25.96 22.72 -7.43
N GLY C 245 25.48 21.61 -6.88
CA GLY C 245 25.88 21.29 -5.52
C GLY C 245 25.70 19.84 -5.17
N MET C 246 26.19 19.49 -3.98
CA MET C 246 26.06 18.13 -3.50
C MET C 246 25.65 18.11 -2.04
N SER C 247 25.31 16.93 -1.54
CA SER C 247 24.87 16.81 -0.17
C SER C 247 25.65 15.76 0.60
N PHE C 248 25.74 15.98 1.91
CA PHE C 248 26.37 15.05 2.81
C PHE C 248 25.38 14.75 3.92
N ARG C 249 24.81 13.55 3.90
CA ARG C 249 23.85 13.17 4.93
C ARG C 249 24.61 12.77 6.20
N VAL C 250 24.32 13.45 7.30
CA VAL C 250 25.01 13.13 8.56
C VAL C 250 24.05 12.68 9.64
N PRO C 251 24.61 12.11 10.73
CA PRO C 251 23.87 11.58 11.88
C PRO C 251 23.12 12.61 12.75
N THR C 252 22.11 13.25 12.18
CA THR C 252 21.22 14.13 12.93
C THR C 252 19.81 13.92 12.38
N PRO C 253 18.80 13.85 13.25
CA PRO C 253 17.44 13.63 12.81
C PRO C 253 16.80 14.87 12.18
N ASP C 254 17.37 16.04 12.38
CA ASP C 254 16.80 17.25 11.79
C ASP C 254 17.73 18.46 11.91
N VAL C 255 17.49 19.41 11.01
CA VAL C 255 18.25 20.65 10.86
C VAL C 255 19.47 20.41 10.01
N SER C 256 19.62 21.24 8.98
CA SER C 256 20.73 21.12 8.05
C SER C 256 21.36 22.49 7.81
N VAL C 257 22.50 22.46 7.15
CA VAL C 257 23.18 23.70 6.87
C VAL C 257 23.70 23.75 5.43
N VAL C 258 23.65 24.94 4.84
CA VAL C 258 24.13 25.11 3.47
C VAL C 258 25.46 25.86 3.44
N ASP C 259 26.41 25.29 2.71
CA ASP C 259 27.74 25.85 2.53
C ASP C 259 27.90 26.31 1.09
N LEU C 260 27.70 27.61 0.86
CA LEU C 260 27.77 28.15 -0.50
C LEU C 260 29.07 28.86 -0.81
N THR C 261 29.73 28.36 -1.84
CA THR C 261 30.97 28.94 -2.32
C THR C 261 30.73 29.48 -3.73
N PHE C 262 30.92 30.77 -3.92
CA PHE C 262 30.68 31.35 -5.24
C PHE C 262 31.65 32.47 -5.57
N ARG C 263 31.68 32.81 -6.86
CA ARG C 263 32.52 33.90 -7.35
C ARG C 263 31.64 35.04 -7.80
N ALA C 264 31.88 36.22 -7.23
CA ALA C 264 31.09 37.41 -7.55
C ALA C 264 31.43 37.99 -8.92
N THR C 265 30.50 38.75 -9.48
CA THR C 265 30.67 39.38 -10.78
C THR C 265 31.66 40.56 -10.71
N ARG C 266 31.46 41.43 -9.71
CA ARG C 266 32.31 42.59 -9.51
C ARG C 266 33.02 42.51 -8.17
N ASP C 267 34.15 43.21 -8.03
CA ASP C 267 34.91 43.21 -6.78
C ASP C 267 34.05 43.64 -5.60
N THR C 268 34.25 42.96 -4.48
CA THR C 268 33.52 43.26 -3.26
C THR C 268 34.26 42.69 -2.07
N SER C 269 33.59 42.59 -0.92
CA SER C 269 34.19 42.03 0.29
C SER C 269 33.16 41.26 1.09
N ILE C 270 33.62 40.34 1.93
CA ILE C 270 32.71 39.54 2.74
C ILE C 270 31.89 40.43 3.69
N GLN C 271 32.50 41.52 4.16
CA GLN C 271 31.79 42.43 5.05
C GLN C 271 30.59 43.06 4.34
N GLU C 272 30.76 43.37 3.06
CA GLU C 272 29.68 43.94 2.25
C GLU C 272 28.53 42.94 2.17
N ILE C 273 28.87 41.74 1.72
CA ILE C 273 27.91 40.65 1.59
C ILE C 273 27.17 40.44 2.92
N ASP C 274 27.92 40.47 4.02
CA ASP C 274 27.35 40.28 5.33
C ASP C 274 26.27 41.32 5.65
N LYS C 275 26.64 42.59 5.56
CA LYS C 275 25.69 43.67 5.86
C LYS C 275 24.48 43.60 4.96
N ALA C 276 24.69 43.23 3.70
CA ALA C 276 23.58 43.14 2.75
C ALA C 276 22.58 42.08 3.18
N ILE C 277 23.07 40.87 3.44
CA ILE C 277 22.20 39.78 3.86
C ILE C 277 21.40 40.20 5.09
N LYS C 278 22.06 40.77 6.09
CA LYS C 278 21.36 41.21 7.30
C LYS C 278 20.30 42.26 6.98
N LYS C 279 20.65 43.16 6.08
CA LYS C 279 19.73 44.22 5.68
C LYS C 279 18.51 43.60 5.05
N ALA C 280 18.74 42.66 4.13
CA ALA C 280 17.65 41.98 3.42
C ALA C 280 16.79 41.16 4.40
N ALA C 281 17.45 40.56 5.38
CA ALA C 281 16.75 39.77 6.37
C ALA C 281 15.82 40.63 7.21
N GLN C 282 16.19 41.89 7.39
CA GLN C 282 15.40 42.80 8.19
C GLN C 282 14.38 43.53 7.35
N THR C 283 14.49 43.45 6.03
CA THR C 283 13.57 44.18 5.18
C THR C 283 12.68 43.32 4.28
N TYR C 284 13.01 43.24 2.99
CA TYR C 284 12.19 42.52 2.00
C TYR C 284 12.23 40.98 2.13
N MET C 285 13.09 40.44 2.97
CA MET C 285 13.15 39.00 3.12
C MET C 285 12.69 38.56 4.51
N LYS C 286 12.29 39.51 5.35
CA LYS C 286 11.88 39.19 6.71
C LYS C 286 10.86 38.06 6.73
N GLY C 287 11.03 37.13 7.65
CA GLY C 287 10.13 36.00 7.75
C GLY C 287 10.59 34.80 6.94
N ILE C 288 11.35 35.06 5.88
CA ILE C 288 11.87 34.02 5.01
C ILE C 288 13.35 33.80 5.27
N LEU C 289 14.10 34.90 5.22
CA LEU C 289 15.54 34.89 5.45
C LEU C 289 15.83 35.57 6.78
N GLY C 290 16.59 34.90 7.63
CA GLY C 290 16.96 35.46 8.90
C GLY C 290 18.45 35.37 9.10
N PHE C 291 18.94 35.71 10.28
CA PHE C 291 20.37 35.61 10.52
C PHE C 291 20.67 35.54 11.99
N THR C 292 21.90 35.22 12.32
CA THR C 292 22.30 35.13 13.71
C THR C 292 23.75 35.56 13.90
N ASP C 293 24.03 36.15 15.05
CA ASP C 293 25.36 36.62 15.41
C ASP C 293 25.89 35.77 16.54
N GLU C 294 25.12 34.75 16.92
CA GLU C 294 25.47 33.88 18.03
C GLU C 294 26.21 32.61 17.60
N GLU C 295 26.89 32.01 18.58
CA GLU C 295 27.65 30.79 18.39
C GLU C 295 26.72 29.59 18.51
N LEU C 296 25.85 29.42 17.50
CA LEU C 296 24.88 28.34 17.55
C LEU C 296 25.31 27.06 16.83
N VAL C 297 24.56 26.01 17.13
CA VAL C 297 24.74 24.69 16.54
C VAL C 297 23.38 24.21 16.04
N SER C 298 23.36 23.17 15.20
CA SER C 298 22.12 22.67 14.62
C SER C 298 20.92 22.64 15.58
N ALA C 299 21.09 22.08 16.78
CA ALA C 299 19.97 22.01 17.73
C ALA C 299 19.27 23.35 17.94
N ASP C 300 20.04 24.43 17.83
CA ASP C 300 19.53 25.77 18.05
C ASP C 300 18.55 26.24 17.01
N PHE C 301 18.45 25.51 15.91
CA PHE C 301 17.55 25.92 14.83
C PHE C 301 16.29 25.06 14.76
N ILE C 302 16.08 24.20 15.75
CA ILE C 302 14.87 23.38 15.78
C ILE C 302 13.65 24.26 16.08
N ASN C 303 12.63 24.13 15.24
CA ASN C 303 11.40 24.91 15.34
C ASN C 303 11.59 26.34 14.83
N ASP C 304 12.74 26.59 14.20
CA ASP C 304 12.95 27.89 13.59
C ASP C 304 12.22 27.86 12.24
N ASN C 305 11.22 28.71 12.04
CA ASN C 305 10.45 28.64 10.81
C ASN C 305 10.99 29.43 9.61
N ARG C 306 12.15 30.07 9.72
CA ARG C 306 12.69 30.80 8.57
C ARG C 306 13.30 29.83 7.54
N SER C 307 12.93 29.98 6.27
CA SER C 307 13.45 29.09 5.21
C SER C 307 14.96 29.00 5.21
N SER C 308 15.62 30.09 5.58
CA SER C 308 17.06 30.16 5.59
C SER C 308 17.53 31.17 6.63
N VAL C 309 18.39 30.74 7.54
CA VAL C 309 18.89 31.66 8.55
C VAL C 309 20.42 31.73 8.49
N TYR C 310 20.88 32.85 7.93
CA TYR C 310 22.29 33.19 7.71
C TYR C 310 23.11 33.22 9.00
N ASP C 311 24.29 32.61 8.91
CA ASP C 311 25.23 32.54 10.02
C ASP C 311 26.35 33.56 9.84
N SER C 312 26.18 34.74 10.43
CA SER C 312 27.15 35.81 10.30
C SER C 312 28.55 35.41 10.80
N LYS C 313 28.66 35.02 12.06
CA LYS C 313 29.95 34.66 12.62
C LYS C 313 30.67 33.61 11.79
N ALA C 314 30.01 32.50 11.53
CA ALA C 314 30.61 31.41 10.76
C ALA C 314 31.11 31.92 9.42
N THR C 315 30.34 32.80 8.79
CA THR C 315 30.74 33.31 7.50
C THR C 315 31.94 34.25 7.63
N LEU C 316 31.76 35.34 8.38
CA LEU C 316 32.82 36.32 8.57
C LEU C 316 34.16 35.70 8.98
N GLN C 317 34.12 34.69 9.83
CA GLN C 317 35.34 34.07 10.31
C GLN C 317 35.95 33.03 9.37
N ASN C 318 35.31 32.67 8.26
CA ASN C 318 35.92 31.62 7.46
C ASN C 318 36.19 31.98 6.01
N ASN C 319 36.34 33.27 5.73
CA ASN C 319 36.65 33.69 4.36
C ASN C 319 38.08 34.20 4.30
N LEU C 320 38.60 34.45 3.09
CA LEU C 320 39.95 34.99 2.96
C LEU C 320 39.98 36.46 3.39
N PRO C 321 40.99 36.85 4.18
CA PRO C 321 41.24 38.20 4.74
C PRO C 321 40.81 39.37 3.83
N GLY C 322 41.36 39.44 2.62
CA GLY C 322 41.00 40.53 1.74
C GLY C 322 40.50 40.09 0.38
N GLU C 323 39.85 38.93 0.32
CA GLU C 323 39.33 38.43 -0.95
C GLU C 323 38.26 39.37 -1.49
N LYS C 324 38.15 39.44 -2.81
CA LYS C 324 37.18 40.33 -3.42
C LYS C 324 36.20 39.61 -4.32
N ARG C 325 36.46 38.34 -4.64
CA ARG C 325 35.56 37.60 -5.55
C ARG C 325 35.11 36.24 -5.02
N PHE C 326 36.06 35.38 -4.65
CA PHE C 326 35.76 34.04 -4.18
C PHE C 326 35.29 34.05 -2.72
N PHE C 327 34.03 33.71 -2.47
CA PHE C 327 33.50 33.73 -1.09
C PHE C 327 32.74 32.45 -0.69
N LYS C 328 32.46 32.36 0.61
CA LYS C 328 31.72 31.25 1.21
C LYS C 328 30.66 31.79 2.15
N VAL C 329 29.41 31.39 1.95
CA VAL C 329 28.31 31.83 2.80
C VAL C 329 27.64 30.64 3.48
N VAL C 330 27.39 30.77 4.79
CA VAL C 330 26.80 29.69 5.57
C VAL C 330 25.41 30.06 6.09
N SER C 331 24.43 29.20 5.83
CA SER C 331 23.06 29.44 6.30
C SER C 331 22.38 28.17 6.75
N TRP C 332 21.69 28.25 7.90
CA TRP C 332 21.01 27.10 8.46
C TRP C 332 19.55 27.04 8.08
N TYR C 333 18.94 25.89 8.36
CA TYR C 333 17.52 25.71 8.10
C TYR C 333 16.98 24.43 8.73
N ASP C 334 15.81 24.55 9.34
CA ASP C 334 15.14 23.38 9.89
C ASP C 334 14.45 22.71 8.71
N ASN C 335 15.10 21.70 8.12
CA ASN C 335 14.58 21.05 6.90
C ASN C 335 13.15 20.53 7.02
N GLU C 336 12.66 20.31 8.23
CA GLU C 336 11.29 19.84 8.38
C GLU C 336 10.33 21.01 8.64
N TRP C 337 10.56 21.69 9.75
CA TRP C 337 9.74 22.80 10.23
C TRP C 337 9.56 23.95 9.23
N ALA C 338 10.64 24.62 8.84
CA ALA C 338 10.52 25.76 7.91
C ALA C 338 9.78 25.40 6.63
N TYR C 339 10.25 24.35 5.96
CA TYR C 339 9.62 23.94 4.72
C TYR C 339 8.11 23.79 4.89
N SER C 340 7.69 23.21 6.00
CA SER C 340 6.27 23.02 6.27
C SER C 340 5.54 24.35 6.33
N HIS C 341 6.13 25.32 7.00
CA HIS C 341 5.49 26.61 7.07
C HIS C 341 5.35 27.21 5.66
N ARG C 342 6.39 27.03 4.86
CA ARG C 342 6.38 27.55 3.50
C ARG C 342 5.23 26.97 2.69
N VAL C 343 4.97 25.67 2.82
CA VAL C 343 3.87 25.10 2.08
C VAL C 343 2.58 25.83 2.43
N VAL C 344 2.38 26.07 3.72
CA VAL C 344 1.19 26.77 4.20
C VAL C 344 1.14 28.19 3.63
N ASP C 345 2.28 28.89 3.64
CA ASP C 345 2.34 30.25 3.11
C ASP C 345 2.04 30.27 1.61
N LEU C 346 2.47 29.24 0.89
CA LEU C 346 2.22 29.16 -0.55
C LEU C 346 0.75 28.99 -0.83
N VAL C 347 0.11 28.12 -0.05
CA VAL C 347 -1.30 27.88 -0.24
C VAL C 347 -2.09 29.16 0.01
N ARG C 348 -1.80 29.84 1.12
CA ARG C 348 -2.49 31.09 1.48
C ARG C 348 -2.30 32.15 0.40
N TYR C 349 -1.09 32.18 -0.17
CA TYR C 349 -0.80 33.13 -1.23
C TYR C 349 -1.60 32.80 -2.48
N MET C 350 -1.52 31.56 -2.91
CA MET C 350 -2.26 31.13 -4.09
C MET C 350 -3.74 31.42 -3.92
N ALA C 351 -4.26 31.07 -2.75
CA ALA C 351 -5.68 31.27 -2.43
C ALA C 351 -6.07 32.76 -2.50
N ALA C 352 -5.26 33.61 -1.90
CA ALA C 352 -5.55 35.03 -1.89
C ALA C 352 -5.51 35.62 -3.29
N LYS C 353 -4.59 35.10 -4.10
CA LYS C 353 -4.45 35.59 -5.46
C LYS C 353 -5.50 35.00 -6.39
N ASP C 354 -5.88 33.75 -6.14
CA ASP C 354 -6.92 33.14 -6.97
C ASP C 354 -8.20 33.91 -6.78
N ALA C 355 -8.48 34.25 -5.53
CA ALA C 355 -9.70 34.97 -5.16
C ALA C 355 -9.69 36.37 -5.72
N ALA C 356 -8.55 37.04 -5.59
CA ALA C 356 -8.39 38.41 -6.06
C ALA C 356 -8.67 38.56 -7.56
N SER C 357 -8.16 37.63 -8.36
CA SER C 357 -8.36 37.70 -9.80
C SER C 357 -9.76 37.21 -10.17
N SER C 358 -10.46 36.65 -9.20
CA SER C 358 -11.81 36.12 -9.39
C SER C 358 -11.81 34.99 -10.42
N ALA D 1 31.07 -34.78 0.32
CA ALA D 1 29.72 -34.42 -0.22
C ALA D 1 29.28 -33.06 0.30
N PRO D 2 29.57 -31.99 -0.46
CA PRO D 2 29.21 -30.62 -0.08
C PRO D 2 27.70 -30.45 0.11
N ILE D 3 27.33 -29.77 1.19
CA ILE D 3 25.93 -29.53 1.50
C ILE D 3 25.34 -28.53 0.52
N LYS D 4 24.33 -28.96 -0.24
CA LYS D 4 23.70 -28.07 -1.20
C LYS D 4 22.71 -27.17 -0.49
N VAL D 5 23.02 -25.88 -0.42
CA VAL D 5 22.11 -24.96 0.25
C VAL D 5 21.68 -23.82 -0.63
N GLY D 6 20.57 -23.22 -0.26
CA GLY D 6 20.02 -22.10 -0.96
C GLY D 6 19.54 -21.07 0.04
N ILE D 7 19.68 -19.80 -0.30
CA ILE D 7 19.24 -18.75 0.62
C ILE D 7 18.06 -18.01 0.02
N ASN D 8 16.89 -18.14 0.64
CA ASN D 8 15.74 -17.41 0.16
C ASN D 8 15.62 -16.10 0.95
N GLY D 9 15.93 -15.00 0.27
CA GLY D 9 15.90 -13.68 0.90
C GLY D 9 17.32 -13.23 1.20
N PHE D 10 17.84 -12.28 0.42
CA PHE D 10 19.22 -11.83 0.60
C PHE D 10 19.34 -10.43 1.22
N GLY D 11 18.69 -10.25 2.37
CA GLY D 11 18.76 -9.00 3.10
C GLY D 11 19.81 -9.10 4.19
N ARG D 12 19.74 -8.25 5.22
CA ARG D 12 20.73 -8.30 6.29
C ARG D 12 20.96 -9.73 6.76
N ILE D 13 19.87 -10.37 7.18
CA ILE D 13 19.93 -11.73 7.67
C ILE D 13 20.56 -12.69 6.67
N GLY D 14 20.01 -12.73 5.45
CA GLY D 14 20.54 -13.60 4.42
C GLY D 14 22.03 -13.42 4.19
N ARG D 15 22.43 -12.19 3.91
CA ARG D 15 23.84 -11.90 3.67
C ARG D 15 24.69 -12.31 4.85
N MET D 16 24.27 -11.92 6.04
CA MET D 16 25.02 -12.26 7.24
C MET D 16 25.27 -13.74 7.28
N VAL D 17 24.21 -14.52 7.08
CA VAL D 17 24.33 -15.99 7.07
C VAL D 17 25.34 -16.42 6.02
N PHE D 18 25.21 -15.89 4.81
CA PHE D 18 26.13 -16.24 3.74
C PHE D 18 27.57 -15.87 4.13
N GLN D 19 27.75 -14.67 4.65
CA GLN D 19 29.08 -14.21 5.04
C GLN D 19 29.66 -15.09 6.13
N ALA D 20 28.80 -15.58 7.01
CA ALA D 20 29.23 -16.47 8.08
C ALA D 20 29.79 -17.75 7.47
N ILE D 21 29.13 -18.25 6.42
CA ILE D 21 29.58 -19.44 5.73
C ILE D 21 30.96 -19.19 5.15
N CYS D 22 31.08 -18.12 4.38
CA CYS D 22 32.34 -17.73 3.77
C CYS D 22 33.41 -17.42 4.82
N ASP D 23 33.01 -16.74 5.89
CA ASP D 23 33.94 -16.37 6.95
C ASP D 23 34.53 -17.62 7.62
N GLN D 24 33.71 -18.67 7.75
CA GLN D 24 34.16 -19.92 8.36
C GLN D 24 34.96 -20.77 7.35
N GLY D 25 35.11 -20.25 6.14
CA GLY D 25 35.87 -20.93 5.10
C GLY D 25 35.22 -22.23 4.67
N LEU D 26 33.90 -22.27 4.78
CA LEU D 26 33.12 -23.46 4.41
C LEU D 26 32.67 -23.39 2.97
N ILE D 27 32.67 -22.19 2.40
CA ILE D 27 32.23 -22.00 1.03
C ILE D 27 33.04 -22.88 0.08
N GLY D 28 32.33 -23.68 -0.71
CA GLY D 28 32.97 -24.56 -1.66
C GLY D 28 33.24 -25.95 -1.11
N THR D 29 34.13 -26.05 -0.13
CA THR D 29 34.49 -27.33 0.48
C THR D 29 33.32 -28.00 1.21
N GLU D 30 32.97 -27.46 2.38
CA GLU D 30 31.88 -27.99 3.21
C GLU D 30 30.49 -27.65 2.69
N ILE D 31 30.24 -26.37 2.44
CA ILE D 31 28.92 -25.94 1.98
C ILE D 31 28.96 -25.37 0.58
N ASP D 32 28.01 -25.78 -0.24
CA ASP D 32 27.90 -25.30 -1.60
C ASP D 32 26.65 -24.44 -1.72
N VAL D 33 26.83 -23.12 -1.70
CA VAL D 33 25.68 -22.24 -1.84
C VAL D 33 25.32 -22.15 -3.31
N VAL D 34 24.49 -23.09 -3.74
CA VAL D 34 24.09 -23.16 -5.13
C VAL D 34 23.53 -21.83 -5.62
N ALA D 35 22.73 -21.16 -4.78
CA ALA D 35 22.16 -19.89 -5.21
C ALA D 35 21.47 -19.12 -4.09
N VAL D 36 21.25 -17.84 -4.35
CA VAL D 36 20.57 -16.95 -3.43
C VAL D 36 19.39 -16.33 -4.17
N VAL D 37 18.26 -16.16 -3.47
CA VAL D 37 17.07 -15.63 -4.12
C VAL D 37 16.61 -14.30 -3.52
N ASP D 38 16.25 -13.36 -4.39
CA ASP D 38 15.76 -12.06 -3.95
C ASP D 38 15.07 -11.32 -5.10
N MET D 39 14.38 -10.22 -4.77
CA MET D 39 13.66 -9.40 -5.73
C MET D 39 14.58 -8.88 -6.84
N SER D 40 15.89 -8.97 -6.62
CA SER D 40 16.86 -8.52 -7.62
C SER D 40 17.95 -9.56 -7.83
N THR D 41 18.52 -9.59 -9.03
CA THR D 41 19.59 -10.54 -9.31
C THR D 41 20.88 -9.79 -9.67
N ASN D 42 20.88 -8.49 -9.39
CA ASN D 42 22.04 -7.66 -9.67
C ASN D 42 23.20 -8.07 -8.77
N ALA D 43 24.02 -8.99 -9.27
CA ALA D 43 25.16 -9.48 -8.51
C ALA D 43 26.16 -8.38 -8.18
N GLU D 44 26.20 -7.34 -9.00
CA GLU D 44 27.16 -6.27 -8.70
C GLU D 44 26.78 -5.55 -7.42
N TYR D 45 25.48 -5.40 -7.20
CA TYR D 45 25.01 -4.75 -5.99
C TYR D 45 25.28 -5.65 -4.80
N PHE D 46 25.04 -6.94 -4.95
CA PHE D 46 25.28 -7.89 -3.87
C PHE D 46 26.75 -7.91 -3.48
N ALA D 47 27.63 -7.80 -4.48
CA ALA D 47 29.05 -7.78 -4.18
C ALA D 47 29.39 -6.54 -3.37
N TYR D 48 28.80 -5.41 -3.77
CA TYR D 48 29.01 -4.15 -3.07
C TYR D 48 28.58 -4.30 -1.61
N GLN D 49 27.38 -4.81 -1.40
CA GLN D 49 26.89 -5.00 -0.05
C GLN D 49 27.79 -5.91 0.77
N MET D 50 28.34 -6.95 0.15
CA MET D 50 29.18 -7.90 0.86
C MET D 50 30.57 -7.37 1.13
N LYS D 51 31.11 -6.59 0.20
CA LYS D 51 32.47 -6.09 0.36
C LYS D 51 32.58 -4.98 1.38
N HIS D 52 31.46 -4.31 1.67
CA HIS D 52 31.48 -3.19 2.61
C HIS D 52 30.36 -3.26 3.63
N ASP D 53 30.74 -3.37 4.90
CA ASP D 53 29.79 -3.45 6.00
C ASP D 53 30.09 -2.39 7.04
N THR D 54 29.10 -1.52 7.28
CA THR D 54 29.26 -0.45 8.27
C THR D 54 29.75 -0.96 9.60
N VAL D 55 29.17 -2.07 10.06
CA VAL D 55 29.48 -2.63 11.36
C VAL D 55 30.58 -3.69 11.36
N HIS D 56 30.56 -4.60 10.40
CA HIS D 56 31.50 -5.72 10.39
C HIS D 56 32.72 -5.54 9.50
N GLY D 57 32.86 -4.37 8.89
CA GLY D 57 34.02 -4.12 8.05
C GLY D 57 34.08 -4.94 6.77
N ARG D 58 35.29 -5.09 6.26
CA ARG D 58 35.57 -5.81 5.02
C ARG D 58 35.71 -7.31 5.24
N PRO D 59 35.25 -8.13 4.28
CA PRO D 59 35.32 -9.59 4.34
C PRO D 59 36.76 -10.10 4.13
N LYS D 60 37.07 -11.27 4.68
CA LYS D 60 38.41 -11.87 4.57
C LYS D 60 38.55 -12.67 3.28
N TYR D 61 37.50 -12.66 2.47
CA TYR D 61 37.50 -13.38 1.21
C TYR D 61 37.30 -12.43 0.04
N THR D 62 37.48 -12.93 -1.17
CA THR D 62 37.32 -12.11 -2.36
C THR D 62 35.94 -12.29 -2.96
N VAL D 63 35.30 -11.18 -3.31
CA VAL D 63 33.96 -11.23 -3.91
C VAL D 63 33.96 -10.50 -5.24
N GLU D 64 33.39 -11.14 -6.24
CA GLU D 64 33.33 -10.56 -7.57
C GLU D 64 32.02 -10.93 -8.24
N ALA D 65 31.53 -10.05 -9.11
CA ALA D 65 30.30 -10.33 -9.82
C ALA D 65 30.57 -10.54 -11.30
N VAL D 66 30.02 -11.62 -11.84
CA VAL D 66 30.19 -11.95 -13.24
C VAL D 66 28.85 -12.27 -13.88
N LYS D 67 28.91 -12.61 -15.16
CA LYS D 67 27.71 -12.92 -15.91
C LYS D 67 27.62 -14.39 -16.27
N SER D 68 26.45 -14.99 -16.08
CA SER D 68 26.25 -16.39 -16.41
C SER D 68 26.61 -16.58 -17.87
N SER D 69 26.09 -15.68 -18.71
CA SER D 69 26.33 -15.67 -20.14
C SER D 69 26.81 -14.30 -20.58
N PRO D 70 27.81 -14.23 -21.48
CA PRO D 70 28.28 -12.91 -21.90
C PRO D 70 27.15 -12.11 -22.54
N SER D 71 25.97 -12.72 -22.61
CA SER D 71 24.79 -12.11 -23.18
C SER D 71 24.13 -11.13 -22.22
N VAL D 72 23.88 -11.59 -21.00
CA VAL D 72 23.23 -10.80 -19.96
C VAL D 72 23.87 -9.40 -19.80
N GLU D 73 23.02 -8.39 -19.63
CA GLU D 73 23.47 -7.00 -19.49
C GLU D 73 24.07 -6.73 -18.10
N THR D 74 23.43 -7.26 -17.06
CA THR D 74 23.93 -7.06 -15.69
C THR D 74 24.23 -8.39 -15.00
N ALA D 75 25.42 -8.48 -14.42
CA ALA D 75 25.86 -9.67 -13.72
C ALA D 75 24.71 -10.32 -12.97
N ASP D 76 24.72 -11.65 -12.92
CA ASP D 76 23.69 -12.39 -12.23
C ASP D 76 24.29 -13.56 -11.48
N VAL D 77 25.61 -13.55 -11.38
CA VAL D 77 26.33 -14.60 -10.69
C VAL D 77 27.37 -14.00 -9.73
N LEU D 78 27.50 -14.59 -8.56
CA LEU D 78 28.47 -14.12 -7.59
C LEU D 78 29.60 -15.11 -7.49
N VAL D 79 30.83 -14.63 -7.33
CA VAL D 79 31.98 -15.53 -7.24
C VAL D 79 32.81 -15.26 -5.98
N VAL D 80 32.62 -16.10 -4.98
CA VAL D 80 33.33 -15.99 -3.71
C VAL D 80 34.44 -17.04 -3.64
N ASN D 81 35.69 -16.59 -3.51
CA ASN D 81 36.84 -17.49 -3.45
C ASN D 81 36.77 -18.55 -4.54
N GLY D 82 36.34 -18.15 -5.74
CA GLY D 82 36.27 -19.08 -6.84
C GLY D 82 34.91 -19.72 -7.02
N HIS D 83 34.28 -20.12 -5.91
CA HIS D 83 32.98 -20.75 -5.99
C HIS D 83 31.96 -19.85 -6.69
N ARG D 84 31.06 -20.47 -7.45
CA ARG D 84 30.02 -19.73 -8.19
C ARG D 84 28.65 -19.82 -7.51
N ILE D 85 28.03 -18.67 -7.27
CA ILE D 85 26.69 -18.63 -6.68
C ILE D 85 25.71 -17.96 -7.63
N LYS D 86 24.61 -18.65 -7.88
CA LYS D 86 23.58 -18.17 -8.79
C LYS D 86 22.62 -17.20 -8.12
N CYS D 87 22.35 -16.08 -8.77
CA CYS D 87 21.40 -15.10 -8.25
C CYS D 87 20.06 -15.30 -8.91
N VAL D 88 19.17 -16.00 -8.21
CA VAL D 88 17.86 -16.34 -8.74
C VAL D 88 16.77 -15.33 -8.38
N LYS D 89 15.84 -15.14 -9.32
CA LYS D 89 14.70 -14.27 -9.17
C LYS D 89 13.77 -14.83 -8.11
N ALA D 90 13.17 -13.95 -7.31
CA ALA D 90 12.27 -14.34 -6.24
C ALA D 90 10.89 -14.74 -6.75
N GLN D 91 10.17 -15.51 -5.93
CA GLN D 91 8.81 -15.97 -6.24
C GLN D 91 7.85 -15.61 -5.11
N ARG D 92 6.57 -15.42 -5.43
CA ARG D 92 5.58 -15.10 -4.40
C ARG D 92 5.32 -16.30 -3.52
N ASN D 93 5.38 -17.48 -4.13
CA ASN D 93 5.18 -18.72 -3.42
C ASN D 93 6.40 -19.60 -3.53
N PRO D 94 6.94 -20.03 -2.40
CA PRO D 94 8.13 -20.89 -2.25
C PRO D 94 8.08 -22.14 -3.11
N ALA D 95 6.88 -22.64 -3.38
CA ALA D 95 6.74 -23.85 -4.19
C ALA D 95 7.12 -23.60 -5.65
N ASP D 96 7.11 -22.35 -6.08
CA ASP D 96 7.46 -22.00 -7.46
C ASP D 96 8.96 -21.89 -7.65
N LEU D 97 9.72 -22.03 -6.58
CA LEU D 97 11.16 -21.93 -6.66
C LEU D 97 11.76 -23.22 -7.22
N PRO D 98 12.67 -23.09 -8.20
CA PRO D 98 13.35 -24.23 -8.85
C PRO D 98 14.39 -24.89 -7.97
N TRP D 99 14.03 -25.20 -6.73
CA TRP D 99 14.98 -25.83 -5.80
C TRP D 99 15.43 -27.20 -6.32
N GLY D 100 14.46 -28.04 -6.68
CA GLY D 100 14.79 -29.35 -7.19
C GLY D 100 15.61 -29.27 -8.48
N LYS D 101 15.24 -28.30 -9.32
CA LYS D 101 15.92 -28.07 -10.59
C LYS D 101 17.37 -27.64 -10.38
N LEU D 102 17.62 -26.93 -9.29
CA LEU D 102 18.96 -26.44 -8.97
C LEU D 102 19.77 -27.43 -8.14
N GLY D 103 19.08 -28.39 -7.54
CA GLY D 103 19.76 -29.39 -6.73
C GLY D 103 20.00 -28.94 -5.31
N VAL D 104 19.11 -28.08 -4.81
CA VAL D 104 19.22 -27.54 -3.46
C VAL D 104 18.48 -28.43 -2.46
N ASP D 105 19.20 -28.94 -1.47
CA ASP D 105 18.59 -29.79 -0.44
C ASP D 105 18.19 -28.99 0.80
N TYR D 106 19.05 -28.07 1.25
CA TYR D 106 18.73 -27.25 2.42
C TYR D 106 18.52 -25.79 2.06
N VAL D 107 17.31 -25.30 2.34
CA VAL D 107 16.96 -23.91 2.04
C VAL D 107 16.85 -23.07 3.30
N ILE D 108 17.65 -22.02 3.34
CA ILE D 108 17.61 -21.10 4.45
C ILE D 108 16.57 -20.04 4.15
N GLU D 109 15.46 -20.11 4.86
CA GLU D 109 14.36 -19.16 4.68
C GLU D 109 14.59 -17.92 5.52
N SER D 110 14.97 -16.83 4.88
CA SER D 110 15.26 -15.60 5.64
C SER D 110 14.58 -14.35 5.07
N THR D 111 13.45 -14.52 4.39
CA THR D 111 12.75 -13.37 3.85
C THR D 111 11.83 -12.76 4.91
N GLY D 112 11.59 -13.53 5.97
CA GLY D 112 10.73 -13.07 7.05
C GLY D 112 9.26 -13.14 6.71
N LEU D 113 8.94 -13.62 5.51
CA LEU D 113 7.54 -13.70 5.08
C LEU D 113 7.01 -15.13 5.17
N PHE D 114 7.89 -16.09 5.42
CA PHE D 114 7.45 -17.46 5.50
C PHE D 114 7.85 -18.12 6.81
N THR D 115 7.57 -17.42 7.90
CA THR D 115 7.88 -17.94 9.23
C THR D 115 6.85 -18.95 9.68
N ASP D 116 5.79 -19.09 8.89
CA ASP D 116 4.75 -20.06 9.20
C ASP D 116 5.07 -21.43 8.61
N LYS D 117 5.16 -22.43 9.50
CA LYS D 117 5.48 -23.81 9.17
C LYS D 117 4.86 -24.28 7.86
N LEU D 118 3.56 -24.01 7.69
CA LEU D 118 2.85 -24.42 6.48
C LEU D 118 3.42 -23.75 5.24
N LYS D 119 3.58 -22.43 5.29
CA LYS D 119 4.11 -21.66 4.16
C LYS D 119 5.54 -22.07 3.83
N ALA D 120 6.36 -22.27 4.86
CA ALA D 120 7.75 -22.64 4.68
C ALA D 120 7.89 -23.96 3.92
N GLU D 121 6.99 -24.89 4.19
CA GLU D 121 7.02 -26.20 3.55
C GLU D 121 7.01 -26.06 2.03
N GLY D 122 6.52 -24.92 1.55
CA GLY D 122 6.47 -24.68 0.12
C GLY D 122 7.81 -24.95 -0.53
N HIS D 123 8.89 -24.65 0.17
CA HIS D 123 10.24 -24.87 -0.35
C HIS D 123 10.47 -26.34 -0.66
N ILE D 124 9.93 -27.20 0.18
CA ILE D 124 10.08 -28.64 -0.02
C ILE D 124 9.26 -29.07 -1.23
N LYS D 125 8.08 -28.47 -1.38
CA LYS D 125 7.22 -28.76 -2.51
C LYS D 125 7.88 -28.25 -3.79
N GLY D 126 8.80 -27.30 -3.62
CA GLY D 126 9.52 -26.75 -4.75
C GLY D 126 10.69 -27.62 -5.13
N GLY D 127 10.99 -28.62 -4.30
CA GLY D 127 12.08 -29.53 -4.58
C GLY D 127 13.10 -29.63 -3.45
N ALA D 128 12.95 -28.81 -2.42
CA ALA D 128 13.88 -28.82 -1.30
C ALA D 128 13.63 -29.99 -0.35
N LYS D 129 14.67 -30.33 0.41
CA LYS D 129 14.63 -31.43 1.37
C LYS D 129 14.38 -30.92 2.79
N LYS D 130 15.16 -29.92 3.21
CA LYS D 130 15.01 -29.35 4.53
C LYS D 130 14.99 -27.81 4.48
N VAL D 131 14.31 -27.19 5.43
CA VAL D 131 14.22 -25.75 5.49
C VAL D 131 14.58 -25.24 6.88
N VAL D 132 15.44 -24.22 6.95
CA VAL D 132 15.83 -23.63 8.22
C VAL D 132 15.39 -22.17 8.27
N ILE D 133 14.39 -21.88 9.11
CA ILE D 133 13.91 -20.50 9.24
C ILE D 133 14.83 -19.67 10.13
N SER D 134 15.43 -18.63 9.56
CA SER D 134 16.36 -17.76 10.29
C SER D 134 15.62 -16.79 11.17
N ALA D 135 14.62 -17.28 11.87
CA ALA D 135 13.81 -16.44 12.75
C ALA D 135 12.79 -17.27 13.50
N PRO D 136 12.15 -16.69 14.51
CA PRO D 136 11.16 -17.47 15.24
C PRO D 136 10.11 -17.97 14.28
N ALA D 137 9.58 -19.16 14.54
CA ALA D 137 8.58 -19.72 13.64
C ALA D 137 7.27 -20.04 14.34
N SER D 138 6.22 -20.09 13.54
CA SER D 138 4.87 -20.40 13.99
C SER D 138 4.32 -21.57 13.18
N GLY D 139 3.30 -22.25 13.70
CA GLY D 139 2.75 -23.36 12.95
C GLY D 139 3.22 -24.71 13.45
N GLY D 140 3.97 -24.72 14.54
CA GLY D 140 4.44 -25.98 15.10
C GLY D 140 5.76 -26.46 14.53
N ALA D 141 6.66 -25.54 14.21
CA ALA D 141 7.95 -25.92 13.67
C ALA D 141 8.95 -26.20 14.80
N LYS D 142 9.80 -27.20 14.60
CA LYS D 142 10.77 -27.54 15.62
C LYS D 142 11.77 -26.41 15.82
N THR D 143 11.84 -25.90 17.05
CA THR D 143 12.76 -24.82 17.34
C THR D 143 14.01 -25.37 18.01
N ILE D 144 15.16 -24.98 17.50
CA ILE D 144 16.40 -25.46 18.05
C ILE D 144 17.41 -24.34 18.31
N VAL D 145 18.17 -24.53 19.38
CA VAL D 145 19.21 -23.61 19.78
C VAL D 145 20.48 -24.41 20.03
N MET D 146 21.44 -24.24 19.12
CA MET D 146 22.71 -24.95 19.23
C MET D 146 23.33 -24.75 20.60
N GLY D 147 23.76 -25.86 21.19
CA GLY D 147 24.36 -25.83 22.51
C GLY D 147 23.32 -26.04 23.59
N VAL D 148 22.06 -26.17 23.20
CA VAL D 148 20.98 -26.36 24.17
C VAL D 148 20.10 -27.58 23.87
N ASN D 149 19.69 -27.77 22.62
CA ASN D 149 18.82 -28.91 22.34
C ASN D 149 18.90 -29.42 20.89
N GLN D 150 20.05 -29.29 20.23
CA GLN D 150 20.15 -29.76 18.86
C GLN D 150 19.94 -31.27 18.78
N HIS D 151 20.22 -31.97 19.89
CA HIS D 151 20.07 -33.42 19.94
C HIS D 151 18.63 -33.86 19.77
N GLU D 152 17.70 -32.93 19.92
CA GLU D 152 16.28 -33.23 19.78
C GLU D 152 15.85 -33.19 18.31
N TYR D 153 16.79 -32.95 17.41
CA TYR D 153 16.48 -32.89 15.98
C TYR D 153 16.20 -34.30 15.42
N SER D 154 15.04 -34.45 14.79
CA SER D 154 14.65 -35.74 14.20
C SER D 154 14.68 -35.66 12.69
N PRO D 155 15.69 -36.29 12.07
CA PRO D 155 15.83 -36.30 10.61
C PRO D 155 14.56 -36.77 9.89
N ALA D 156 13.81 -37.65 10.53
CA ALA D 156 12.61 -38.20 9.91
C ALA D 156 11.34 -37.40 10.20
N SER D 157 11.33 -36.66 11.30
CA SER D 157 10.13 -35.92 11.65
C SER D 157 10.24 -34.42 11.39
N HIS D 158 11.42 -33.85 11.59
CA HIS D 158 11.63 -32.42 11.43
C HIS D 158 12.18 -32.05 10.04
N HIS D 159 11.36 -31.32 9.27
CA HIS D 159 11.71 -30.89 7.92
C HIS D 159 11.74 -29.36 7.80
N VAL D 160 11.10 -28.70 8.75
CA VAL D 160 11.09 -27.24 8.83
C VAL D 160 11.53 -26.84 10.22
N VAL D 161 12.80 -26.45 10.35
CA VAL D 161 13.35 -26.08 11.64
C VAL D 161 13.54 -24.58 11.80
N SER D 162 13.43 -24.12 13.04
CA SER D 162 13.60 -22.70 13.36
C SER D 162 14.85 -22.51 14.21
N ASN D 163 15.65 -21.50 13.88
CA ASN D 163 16.86 -21.23 14.65
C ASN D 163 16.55 -20.23 15.77
N ALA D 164 15.27 -20.00 16.00
CA ALA D 164 14.84 -19.06 17.02
C ALA D 164 15.31 -17.66 16.65
N SER D 165 15.60 -16.83 17.66
CA SER D 165 16.06 -15.47 17.38
C SER D 165 17.41 -15.25 18.04
N CYS D 166 18.02 -14.12 17.71
CA CYS D 166 19.31 -13.79 18.28
C CYS D 166 19.22 -13.68 19.80
N THR D 167 18.20 -12.98 20.30
CA THR D 167 18.06 -12.81 21.74
C THR D 167 17.85 -14.14 22.44
N THR D 168 17.01 -14.99 21.85
CA THR D 168 16.78 -16.30 22.43
C THR D 168 18.08 -17.10 22.48
N ASN D 169 18.91 -16.97 21.45
CA ASN D 169 20.17 -17.69 21.40
C ASN D 169 21.16 -17.20 22.45
N CYS D 170 20.87 -16.07 23.07
CA CYS D 170 21.72 -15.52 24.11
C CYS D 170 21.22 -15.91 25.49
N LEU D 171 19.90 -15.94 25.67
CA LEU D 171 19.32 -16.26 26.96
C LEU D 171 19.28 -17.76 27.23
N ALA D 172 18.82 -18.53 26.25
CA ALA D 172 18.71 -19.98 26.40
C ALA D 172 19.98 -20.63 26.96
N PRO D 173 21.16 -20.28 26.40
CA PRO D 173 22.39 -20.88 26.92
C PRO D 173 22.54 -20.67 28.44
N ILE D 174 22.29 -19.44 28.89
CA ILE D 174 22.38 -19.11 30.31
C ILE D 174 21.35 -19.91 31.12
N VAL D 175 20.11 -19.83 30.70
CA VAL D 175 19.06 -20.56 31.36
C VAL D 175 19.37 -22.05 31.37
N HIS D 176 19.95 -22.53 30.27
CA HIS D 176 20.30 -23.94 30.14
C HIS D 176 21.24 -24.41 31.24
N VAL D 177 22.35 -23.70 31.46
CA VAL D 177 23.26 -24.14 32.52
C VAL D 177 22.67 -23.86 33.90
N LEU D 178 21.88 -22.79 34.03
CA LEU D 178 21.27 -22.48 35.31
C LEU D 178 20.41 -23.63 35.78
N THR D 179 19.75 -24.30 34.84
CA THR D 179 18.89 -25.42 35.20
C THR D 179 19.67 -26.72 35.26
N LYS D 180 20.62 -26.91 34.34
CA LYS D 180 21.42 -28.13 34.30
C LYS D 180 22.29 -28.28 35.55
N GLU D 181 22.88 -27.18 36.00
CA GLU D 181 23.74 -27.21 37.19
C GLU D 181 22.89 -27.26 38.46
N ASN D 182 21.61 -27.54 38.28
CA ASN D 182 20.63 -27.67 39.34
C ASN D 182 20.52 -26.44 40.24
N PHE D 183 20.66 -25.25 39.67
CA PHE D 183 20.50 -24.01 40.44
C PHE D 183 19.02 -23.73 40.60
N GLY D 184 18.24 -24.26 39.66
CA GLY D 184 16.80 -24.09 39.68
C GLY D 184 16.39 -22.70 39.24
N ILE D 185 15.14 -22.58 38.79
CA ILE D 185 14.61 -21.31 38.36
C ILE D 185 13.10 -21.26 38.53
N GLU D 186 12.68 -20.74 39.69
CA GLU D 186 11.28 -20.59 40.06
C GLU D 186 10.55 -19.75 39.02
N THR D 187 11.03 -18.53 38.84
CA THR D 187 10.48 -17.60 37.86
C THR D 187 11.56 -16.64 37.46
N GLY D 188 11.39 -15.99 36.31
CA GLY D 188 12.40 -15.07 35.87
C GLY D 188 11.89 -14.07 34.86
N LEU D 189 12.50 -12.89 34.88
CA LEU D 189 12.17 -11.81 33.98
C LEU D 189 13.46 -11.30 33.37
N MET D 190 13.46 -11.16 32.05
CA MET D 190 14.66 -10.68 31.38
C MET D 190 14.38 -9.44 30.59
N THR D 191 15.34 -8.54 30.58
CA THR D 191 15.28 -7.30 29.83
C THR D 191 16.44 -7.25 28.87
N THR D 192 16.20 -6.98 27.59
CA THR D 192 17.31 -6.91 26.67
C THR D 192 17.51 -5.51 26.09
N ILE D 193 18.67 -4.92 26.38
CA ILE D 193 19.04 -3.64 25.80
C ILE D 193 19.57 -4.01 24.43
N HIS D 194 18.73 -3.81 23.44
CA HIS D 194 18.97 -4.24 22.09
C HIS D 194 19.28 -3.11 21.11
N SER D 195 20.24 -3.34 20.22
CA SER D 195 20.58 -2.34 19.20
C SER D 195 19.40 -2.25 18.22
N TYR D 196 19.18 -1.11 17.59
CA TYR D 196 18.08 -1.01 16.64
C TYR D 196 18.33 -1.90 15.41
N THR D 197 17.25 -2.22 14.67
CA THR D 197 17.36 -3.09 13.50
C THR D 197 16.69 -2.52 12.25
N ALA D 198 16.80 -3.26 11.17
CA ALA D 198 16.24 -2.89 9.87
C ALA D 198 14.75 -2.55 9.93
N THR D 199 13.99 -3.19 10.83
CA THR D 199 12.54 -2.94 10.90
C THR D 199 12.19 -1.58 11.47
N GLN D 200 13.17 -0.91 12.07
CA GLN D 200 12.93 0.40 12.65
C GLN D 200 13.08 1.52 11.61
N LYS D 201 12.74 2.74 12.01
CA LYS D 201 12.78 3.92 11.13
C LYS D 201 13.83 4.95 11.53
N THR D 202 14.45 5.60 10.55
CA THR D 202 15.47 6.62 10.82
C THR D 202 14.86 7.84 11.51
N VAL D 203 13.70 8.27 11.01
CA VAL D 203 12.96 9.37 11.59
C VAL D 203 11.56 8.88 11.90
N ASP D 204 10.77 9.64 12.66
CA ASP D 204 9.42 9.18 12.98
C ASP D 204 8.66 8.74 11.72
N GLY D 205 8.26 7.48 11.67
CA GLY D 205 7.56 6.98 10.49
C GLY D 205 6.31 6.16 10.80
N VAL D 206 5.86 5.38 9.83
CA VAL D 206 4.68 4.55 9.96
C VAL D 206 5.00 3.17 10.54
N SER D 207 4.19 2.77 11.51
CA SER D 207 4.30 1.48 12.19
C SER D 207 2.98 1.16 12.91
N LEU D 208 1.94 0.87 12.14
CA LEU D 208 0.63 0.56 12.71
C LEU D 208 0.66 -0.60 13.71
N LYS D 209 1.46 -1.63 13.46
CA LYS D 209 1.52 -2.79 14.37
C LYS D 209 2.26 -2.44 15.66
N ASP D 210 3.36 -1.70 15.55
CA ASP D 210 4.20 -1.32 16.69
C ASP D 210 4.44 0.20 16.71
N TRP D 211 3.51 0.91 17.34
CA TRP D 211 3.56 2.38 17.41
C TRP D 211 4.91 2.93 17.86
N ARG D 212 5.45 2.43 18.96
CA ARG D 212 6.73 2.90 19.44
C ARG D 212 7.81 2.59 18.43
N GLY D 213 7.70 1.40 17.84
CA GLY D 213 8.68 0.96 16.86
C GLY D 213 8.84 1.87 15.66
N GLY D 214 7.92 2.82 15.48
CA GLY D 214 8.00 3.70 14.34
C GLY D 214 8.78 4.98 14.60
N ARG D 215 9.22 5.17 15.84
CA ARG D 215 9.92 6.39 16.19
C ARG D 215 11.39 6.35 15.81
N ALA D 216 11.97 7.54 15.56
CA ALA D 216 13.39 7.64 15.20
C ALA D 216 14.23 6.69 16.04
N ALA D 217 14.87 5.74 15.38
CA ALA D 217 15.62 4.67 16.05
C ALA D 217 16.92 5.09 16.71
N ALA D 218 17.71 5.97 16.11
CA ALA D 218 18.99 6.27 16.71
C ALA D 218 18.97 7.48 17.62
N VAL D 219 17.79 7.92 18.02
CA VAL D 219 17.70 9.07 18.90
C VAL D 219 16.77 8.80 20.09
N ASN D 220 16.30 7.55 20.22
CA ASN D 220 15.38 7.24 21.31
C ASN D 220 15.66 5.91 21.99
N ILE D 221 15.13 5.78 23.20
CA ILE D 221 15.14 4.51 23.89
C ILE D 221 13.75 3.97 23.64
N ILE D 222 13.63 2.88 22.89
CA ILE D 222 12.30 2.42 22.50
C ILE D 222 11.88 1.08 23.08
N PRO D 223 10.90 1.10 23.99
CA PRO D 223 10.42 -0.15 24.59
C PRO D 223 9.79 -1.02 23.52
N SER D 224 9.82 -2.33 23.73
CA SER D 224 9.19 -3.24 22.79
C SER D 224 9.08 -4.62 23.41
N THR D 225 8.12 -5.39 22.94
CA THR D 225 7.91 -6.72 23.46
C THR D 225 8.80 -7.71 22.71
N THR D 226 9.02 -8.88 23.31
CA THR D 226 9.85 -9.90 22.69
C THR D 226 9.40 -11.29 23.11
N GLY D 227 9.47 -12.22 22.16
CA GLY D 227 9.06 -13.58 22.44
C GLY D 227 10.23 -14.45 22.87
N ALA D 228 11.43 -13.87 22.88
CA ALA D 228 12.63 -14.61 23.25
C ALA D 228 12.48 -15.22 24.64
N ALA D 229 11.63 -14.62 25.46
CA ALA D 229 11.37 -15.10 26.80
C ALA D 229 10.57 -16.40 26.77
N LYS D 230 9.41 -16.36 26.12
CA LYS D 230 8.56 -17.54 26.02
C LYS D 230 9.24 -18.61 25.15
N ALA D 231 9.83 -18.18 24.04
CA ALA D 231 10.51 -19.07 23.10
C ALA D 231 11.50 -19.99 23.79
N VAL D 232 12.22 -19.49 24.79
CA VAL D 232 13.16 -20.34 25.50
C VAL D 232 12.40 -21.49 26.15
N GLY D 233 11.10 -21.26 26.37
CA GLY D 233 10.25 -22.27 26.96
C GLY D 233 10.08 -23.48 26.06
N MET D 234 10.27 -23.27 24.75
CA MET D 234 10.14 -24.34 23.77
C MET D 234 11.43 -25.12 23.62
N VAL D 235 12.55 -24.50 23.95
CA VAL D 235 13.83 -25.17 23.86
C VAL D 235 14.13 -25.83 25.19
N ILE D 236 13.65 -25.19 26.26
CA ILE D 236 13.81 -25.71 27.60
C ILE D 236 12.43 -25.76 28.26
N PRO D 237 11.68 -26.85 28.00
CA PRO D 237 10.32 -27.14 28.49
C PRO D 237 10.08 -26.70 29.94
N SER D 238 10.95 -27.15 30.84
CA SER D 238 10.82 -26.85 32.26
C SER D 238 10.60 -25.36 32.53
N THR D 239 11.01 -24.48 31.63
CA THR D 239 10.87 -23.04 31.86
C THR D 239 9.56 -22.46 31.33
N LYS D 240 8.70 -23.28 30.75
CA LYS D 240 7.41 -22.80 30.23
C LYS D 240 6.61 -22.11 31.32
N GLY D 241 6.13 -20.90 31.03
CA GLY D 241 5.31 -20.17 32.00
C GLY D 241 6.10 -19.58 33.16
N LYS D 242 7.40 -19.83 33.22
CA LYS D 242 8.24 -19.30 34.30
C LYS D 242 9.04 -18.08 33.83
N LEU D 243 9.26 -17.99 32.52
CA LEU D 243 10.05 -16.91 31.94
C LEU D 243 9.25 -16.01 31.02
N THR D 244 9.65 -14.75 31.04
CA THR D 244 9.07 -13.69 30.23
C THR D 244 10.05 -12.52 30.21
N GLY D 245 9.96 -11.66 29.21
CA GLY D 245 10.88 -10.55 29.17
C GLY D 245 10.51 -9.49 28.15
N MET D 246 11.18 -8.35 28.24
CA MET D 246 10.91 -7.28 27.33
C MET D 246 12.21 -6.77 26.73
N SER D 247 12.08 -5.83 25.80
CA SER D 247 13.23 -5.28 25.13
C SER D 247 13.22 -3.76 25.15
N PHE D 248 14.40 -3.18 25.03
CA PHE D 248 14.58 -1.75 24.97
C PHE D 248 15.50 -1.42 23.80
N ARG D 249 14.92 -1.02 22.67
CA ARG D 249 15.73 -0.66 21.51
C ARG D 249 16.46 0.66 21.77
N VAL D 250 17.79 0.64 21.67
CA VAL D 250 18.61 1.83 21.91
C VAL D 250 19.50 2.20 20.71
N PRO D 251 20.00 3.44 20.66
CA PRO D 251 20.84 4.00 19.61
C PRO D 251 22.17 3.30 19.32
N THR D 252 22.14 2.01 18.95
CA THR D 252 23.36 1.32 18.50
C THR D 252 23.01 0.45 17.32
N PRO D 253 23.82 0.48 16.26
CA PRO D 253 23.56 -0.33 15.06
C PRO D 253 23.73 -1.82 15.30
N ASP D 254 24.50 -2.20 16.32
CA ASP D 254 24.68 -3.62 16.53
C ASP D 254 25.24 -3.94 17.90
N VAL D 255 24.99 -5.18 18.33
CA VAL D 255 25.39 -5.72 19.63
C VAL D 255 24.36 -5.34 20.69
N SER D 256 23.91 -6.36 21.43
CA SER D 256 22.92 -6.18 22.47
C SER D 256 23.34 -6.90 23.74
N VAL D 257 22.65 -6.63 24.84
CA VAL D 257 22.98 -7.28 26.10
C VAL D 257 21.73 -7.72 26.85
N VAL D 258 21.80 -8.92 27.44
CA VAL D 258 20.70 -9.51 28.20
C VAL D 258 20.89 -9.32 29.71
N ASP D 259 19.82 -8.88 30.35
CA ASP D 259 19.79 -8.65 31.79
C ASP D 259 18.73 -9.56 32.40
N LEU D 260 19.17 -10.70 32.93
CA LEU D 260 18.24 -11.65 33.49
C LEU D 260 18.19 -11.59 35.01
N THR D 261 16.98 -11.42 35.52
CA THR D 261 16.73 -11.41 36.93
C THR D 261 15.86 -12.60 37.23
N PHE D 262 16.33 -13.50 38.09
CA PHE D 262 15.54 -14.68 38.37
C PHE D 262 15.70 -15.14 39.81
N ARG D 263 14.75 -15.97 40.24
CA ARG D 263 14.77 -16.54 41.59
C ARG D 263 15.11 -18.04 41.50
N ALA D 264 16.14 -18.46 42.22
CA ALA D 264 16.58 -19.85 42.21
C ALA D 264 15.69 -20.75 43.06
N THR D 265 15.79 -22.05 42.83
CA THR D 265 15.01 -23.06 43.55
C THR D 265 15.54 -23.29 44.97
N ARG D 266 16.84 -23.51 45.07
CA ARG D 266 17.49 -23.75 46.35
C ARG D 266 18.48 -22.64 46.65
N ASP D 267 18.82 -22.48 47.93
CA ASP D 267 19.77 -21.45 48.33
C ASP D 267 21.12 -21.64 47.64
N THR D 268 21.66 -20.53 47.17
CA THR D 268 22.94 -20.51 46.50
C THR D 268 23.55 -19.12 46.62
N SER D 269 24.55 -18.80 45.79
CA SER D 269 25.18 -17.49 45.85
C SER D 269 25.57 -17.02 44.45
N ILE D 270 25.84 -15.74 44.31
CA ILE D 270 26.22 -15.22 43.02
C ILE D 270 27.56 -15.79 42.59
N GLN D 271 28.43 -16.07 43.56
CA GLN D 271 29.74 -16.64 43.25
C GLN D 271 29.58 -18.02 42.63
N GLU D 272 28.74 -18.85 43.23
CA GLU D 272 28.49 -20.20 42.73
C GLU D 272 28.05 -20.13 41.28
N ILE D 273 27.06 -19.29 41.04
CA ILE D 273 26.54 -19.10 39.70
C ILE D 273 27.66 -18.68 38.77
N ASP D 274 28.49 -17.73 39.23
CA ASP D 274 29.60 -17.22 38.43
C ASP D 274 30.51 -18.34 37.97
N LYS D 275 31.00 -19.12 38.93
CA LYS D 275 31.89 -20.22 38.62
C LYS D 275 31.25 -21.26 37.71
N ALA D 276 29.98 -21.55 37.94
CA ALA D 276 29.25 -22.55 37.16
C ALA D 276 29.10 -22.13 35.69
N ILE D 277 28.84 -20.85 35.46
CA ILE D 277 28.71 -20.35 34.10
C ILE D 277 30.06 -20.46 33.39
N LYS D 278 31.12 -19.97 34.05
CA LYS D 278 32.47 -20.01 33.50
C LYS D 278 32.86 -21.45 33.19
N LYS D 279 32.61 -22.34 34.15
CA LYS D 279 32.94 -23.75 33.99
C LYS D 279 32.21 -24.32 32.77
N ALA D 280 30.96 -23.91 32.58
CA ALA D 280 30.16 -24.39 31.45
C ALA D 280 30.67 -23.80 30.14
N ALA D 281 31.17 -22.56 30.21
CA ALA D 281 31.69 -21.89 29.03
C ALA D 281 32.97 -22.52 28.56
N GLN D 282 33.68 -23.17 29.48
CA GLN D 282 34.94 -23.82 29.18
C GLN D 282 34.77 -25.29 28.87
N THR D 283 33.56 -25.82 29.07
CA THR D 283 33.34 -27.25 28.84
C THR D 283 32.24 -27.55 27.82
N TYR D 284 31.08 -28.03 28.29
CA TYR D 284 29.99 -28.42 27.38
C TYR D 284 29.31 -27.25 26.66
N MET D 285 29.69 -26.01 26.95
CA MET D 285 29.07 -24.87 26.27
C MET D 285 30.08 -24.07 25.42
N LYS D 286 31.32 -24.54 25.35
CA LYS D 286 32.36 -23.84 24.57
C LYS D 286 31.94 -23.64 23.12
N GLY D 287 32.16 -22.44 22.62
CA GLY D 287 31.78 -22.12 21.24
C GLY D 287 30.40 -21.49 21.15
N ILE D 288 29.57 -21.74 22.17
CA ILE D 288 28.22 -21.21 22.24
C ILE D 288 28.10 -20.14 23.34
N LEU D 289 28.55 -20.51 24.52
CA LEU D 289 28.52 -19.63 25.68
C LEU D 289 29.94 -19.30 26.10
N GLY D 290 30.28 -18.02 26.13
CA GLY D 290 31.62 -17.64 26.57
C GLY D 290 31.51 -16.67 27.70
N PHE D 291 32.62 -16.11 28.16
CA PHE D 291 32.54 -15.15 29.26
C PHE D 291 33.75 -14.22 29.23
N THR D 292 33.64 -13.10 29.96
CA THR D 292 34.73 -12.15 30.03
C THR D 292 34.89 -11.62 31.46
N ASP D 293 36.13 -11.28 31.80
CA ASP D 293 36.47 -10.72 33.11
C ASP D 293 36.89 -9.29 32.98
N GLU D 294 36.77 -8.77 31.75
CA GLU D 294 37.21 -7.42 31.44
C GLU D 294 36.10 -6.39 31.51
N GLU D 295 36.51 -5.13 31.61
CA GLU D 295 35.60 -4.01 31.62
C GLU D 295 35.22 -3.64 30.19
N LEU D 296 34.39 -4.48 29.56
CA LEU D 296 34.01 -4.29 28.17
C LEU D 296 32.70 -3.49 27.96
N VAL D 297 32.56 -3.02 26.72
CA VAL D 297 31.40 -2.27 26.26
C VAL D 297 30.93 -2.85 24.94
N SER D 298 29.70 -2.55 24.54
CA SER D 298 29.15 -3.12 23.31
C SER D 298 30.18 -3.24 22.18
N ALA D 299 30.85 -2.15 21.83
CA ALA D 299 31.80 -2.17 20.73
C ALA D 299 32.75 -3.37 20.79
N ASP D 300 33.13 -3.80 21.99
CA ASP D 300 34.07 -4.89 22.15
C ASP D 300 33.54 -6.26 21.77
N PHE D 301 32.25 -6.36 21.47
CA PHE D 301 31.71 -7.67 21.11
C PHE D 301 31.37 -7.78 19.64
N ILE D 302 31.75 -6.77 18.86
CA ILE D 302 31.50 -6.82 17.43
C ILE D 302 32.35 -7.93 16.79
N ASN D 303 31.69 -8.83 16.06
CA ASN D 303 32.34 -9.95 15.39
C ASN D 303 32.65 -11.11 16.34
N ASP D 304 32.06 -11.06 17.52
CA ASP D 304 32.19 -12.14 18.47
C ASP D 304 31.14 -13.17 18.07
N ASN D 305 31.54 -14.39 17.75
CA ASN D 305 30.55 -15.36 17.28
C ASN D 305 29.91 -16.21 18.38
N ARG D 306 30.17 -15.93 19.65
CA ARG D 306 29.52 -16.71 20.68
C ARG D 306 28.07 -16.26 20.82
N SER D 307 27.15 -17.21 20.88
CA SER D 307 25.74 -16.86 21.01
C SER D 307 25.49 -16.02 22.25
N SER D 308 26.28 -16.25 23.30
CA SER D 308 26.12 -15.56 24.55
C SER D 308 27.44 -15.45 25.30
N VAL D 309 27.86 -14.24 25.62
CA VAL D 309 29.09 -14.08 26.35
C VAL D 309 28.84 -13.35 27.67
N TYR D 310 28.86 -14.15 28.74
CA TYR D 310 28.62 -13.77 30.13
C TYR D 310 29.60 -12.71 30.66
N ASP D 311 29.04 -11.66 31.24
CA ASP D 311 29.81 -10.56 31.82
C ASP D 311 30.00 -10.81 33.33
N SER D 312 31.14 -11.38 33.70
CA SER D 312 31.44 -11.70 35.09
C SER D 312 31.52 -10.48 36.02
N LYS D 313 32.30 -9.47 35.64
CA LYS D 313 32.45 -8.28 36.48
C LYS D 313 31.12 -7.55 36.69
N ALA D 314 30.34 -7.39 35.62
CA ALA D 314 29.08 -6.71 35.72
C ALA D 314 28.12 -7.49 36.61
N THR D 315 28.15 -8.81 36.48
CA THR D 315 27.28 -9.64 37.29
C THR D 315 27.65 -9.60 38.77
N LEU D 316 28.89 -9.96 39.08
CA LEU D 316 29.36 -9.99 40.45
C LEU D 316 29.22 -8.62 41.15
N GLN D 317 29.49 -7.54 40.45
CA GLN D 317 29.43 -6.23 41.09
C GLN D 317 28.02 -5.66 41.26
N ASN D 318 26.98 -6.33 40.75
CA ASN D 318 25.65 -5.72 40.88
C ASN D 318 24.58 -6.62 41.47
N ASN D 319 25.00 -7.56 42.32
CA ASN D 319 24.05 -8.43 43.01
C ASN D 319 24.08 -8.12 44.51
N LEU D 320 23.08 -8.59 45.25
CA LEU D 320 23.07 -8.34 46.69
C LEU D 320 24.20 -9.12 47.38
N PRO D 321 24.95 -8.45 48.26
CA PRO D 321 26.09 -8.98 49.03
C PRO D 321 25.93 -10.46 49.45
N GLY D 322 24.92 -10.78 50.26
CA GLY D 322 24.76 -12.15 50.69
C GLY D 322 23.45 -12.78 50.27
N GLU D 323 22.92 -12.39 49.10
CA GLU D 323 21.66 -12.94 48.60
C GLU D 323 21.80 -14.43 48.28
N LYS D 324 20.70 -15.16 48.46
CA LYS D 324 20.71 -16.60 48.22
C LYS D 324 19.68 -17.05 47.19
N ARG D 325 18.73 -16.21 46.81
CA ARG D 325 17.72 -16.66 45.84
C ARG D 325 17.48 -15.70 44.66
N PHE D 326 17.42 -14.40 44.93
CA PHE D 326 17.14 -13.39 43.91
C PHE D 326 18.44 -12.89 43.22
N PHE D 327 18.64 -13.25 41.96
CA PHE D 327 19.88 -12.87 41.24
C PHE D 327 19.65 -12.23 39.87
N LYS D 328 20.70 -11.56 39.41
CA LYS D 328 20.74 -10.87 38.12
C LYS D 328 21.97 -11.33 37.33
N VAL D 329 21.76 -11.71 36.08
CA VAL D 329 22.85 -12.17 35.25
C VAL D 329 22.92 -11.35 33.97
N VAL D 330 24.12 -10.90 33.62
CA VAL D 330 24.31 -10.09 32.43
C VAL D 330 25.15 -10.80 31.38
N SER D 331 24.60 -10.88 30.17
CA SER D 331 25.30 -11.55 29.07
C SER D 331 25.16 -10.77 27.75
N TRP D 332 26.27 -10.58 27.06
CA TRP D 332 26.30 -9.85 25.78
C TRP D 332 26.16 -10.77 24.60
N TYR D 333 25.90 -10.16 23.44
CA TYR D 333 25.80 -10.91 22.20
C TYR D 333 25.74 -10.00 21.00
N ASP D 334 26.46 -10.38 19.95
CA ASP D 334 26.42 -9.63 18.71
C ASP D 334 25.16 -10.12 17.99
N ASN D 335 24.06 -9.39 18.15
CA ASN D 335 22.79 -9.84 17.58
C ASN D 335 22.86 -10.20 16.09
N GLU D 336 23.80 -9.66 15.33
CA GLU D 336 23.84 -10.02 13.92
C GLU D 336 24.80 -11.18 13.63
N TRP D 337 26.06 -10.99 14.01
CA TRP D 337 27.14 -11.94 13.77
C TRP D 337 26.91 -13.35 14.35
N ALA D 338 26.78 -13.45 15.67
CA ALA D 338 26.58 -14.74 16.34
C ALA D 338 25.39 -15.52 15.78
N TYR D 339 24.24 -14.86 15.71
CA TYR D 339 23.06 -15.54 15.20
C TYR D 339 23.33 -16.18 13.83
N SER D 340 24.00 -15.44 12.95
CA SER D 340 24.33 -15.93 11.63
C SER D 340 25.17 -17.20 11.70
N HIS D 341 26.17 -17.23 12.57
CA HIS D 341 26.99 -18.41 12.69
C HIS D 341 26.18 -19.57 13.22
N ARG D 342 25.20 -19.29 14.07
CA ARG D 342 24.37 -20.36 14.60
C ARG D 342 23.50 -20.98 13.49
N VAL D 343 23.02 -20.16 12.56
CA VAL D 343 22.20 -20.67 11.47
C VAL D 343 23.01 -21.65 10.65
N VAL D 344 24.28 -21.32 10.46
CA VAL D 344 25.18 -22.19 9.72
C VAL D 344 25.41 -23.47 10.51
N ASP D 345 25.71 -23.31 11.79
CA ASP D 345 25.93 -24.47 12.65
C ASP D 345 24.72 -25.39 12.64
N LEU D 346 23.53 -24.80 12.70
CA LEU D 346 22.30 -25.60 12.69
C LEU D 346 22.19 -26.40 11.40
N VAL D 347 22.46 -25.74 10.27
CA VAL D 347 22.39 -26.42 8.98
C VAL D 347 23.39 -27.58 8.90
N ARG D 348 24.65 -27.32 9.21
CA ARG D 348 25.65 -28.36 9.16
C ARG D 348 25.27 -29.54 10.05
N TYR D 349 24.69 -29.24 11.22
CA TYR D 349 24.27 -30.29 12.13
C TYR D 349 23.18 -31.16 11.50
N MET D 350 22.11 -30.52 11.08
CA MET D 350 21.01 -31.25 10.45
C MET D 350 21.54 -32.11 9.32
N ALA D 351 22.31 -31.50 8.44
CA ALA D 351 22.89 -32.19 7.27
C ALA D 351 23.70 -33.40 7.70
N ALA D 352 24.53 -33.23 8.70
CA ALA D 352 25.36 -34.33 9.16
C ALA D 352 24.48 -35.44 9.74
N LYS D 353 23.39 -35.04 10.38
CA LYS D 353 22.49 -36.01 10.98
C LYS D 353 21.55 -36.63 9.96
N ASP D 354 21.12 -35.84 8.98
CA ASP D 354 20.23 -36.37 7.95
C ASP D 354 20.94 -37.44 7.14
N ALA D 355 22.24 -37.27 6.99
CA ALA D 355 23.07 -38.20 6.23
C ALA D 355 23.35 -39.46 7.03
N ALA D 356 23.66 -39.28 8.30
CA ALA D 356 23.95 -40.39 9.21
C ALA D 356 22.80 -41.39 9.28
N SER D 357 21.59 -40.90 9.50
CA SER D 357 20.42 -41.79 9.59
C SER D 357 20.09 -42.38 8.22
N SER D 358 20.69 -41.83 7.17
CA SER D 358 20.45 -42.27 5.80
C SER D 358 18.99 -42.01 5.41
N ALA E 1 -68.37 18.43 -36.00
CA ALA E 1 -68.91 17.28 -36.77
C ALA E 1 -67.95 16.09 -36.65
N PRO E 2 -68.20 15.16 -35.72
CA PRO E 2 -67.33 13.99 -35.53
C PRO E 2 -67.26 13.14 -36.78
N ILE E 3 -66.06 12.73 -37.14
CA ILE E 3 -65.83 11.91 -38.32
C ILE E 3 -66.40 10.51 -38.11
N LYS E 4 -67.31 10.11 -38.98
CA LYS E 4 -67.92 8.77 -38.90
C LYS E 4 -66.99 7.75 -39.53
N VAL E 5 -66.42 6.87 -38.70
CA VAL E 5 -65.49 5.87 -39.22
C VAL E 5 -65.87 4.46 -38.81
N GLY E 6 -65.50 3.52 -39.68
CA GLY E 6 -65.75 2.12 -39.42
C GLY E 6 -64.51 1.31 -39.69
N ILE E 7 -64.16 0.39 -38.80
CA ILE E 7 -62.95 -0.43 -39.00
C ILE E 7 -63.34 -1.81 -39.51
N ASN E 8 -62.83 -2.18 -40.67
CA ASN E 8 -63.08 -3.51 -41.20
C ASN E 8 -61.85 -4.36 -40.94
N GLY E 9 -62.01 -5.34 -40.07
CA GLY E 9 -60.91 -6.19 -39.69
C GLY E 9 -60.36 -5.72 -38.36
N PHE E 10 -60.62 -6.47 -37.29
CA PHE E 10 -60.17 -6.06 -35.97
C PHE E 10 -59.01 -6.90 -35.41
N GLY E 11 -57.99 -7.13 -36.25
CA GLY E 11 -56.82 -7.84 -35.81
C GLY E 11 -55.82 -6.88 -35.18
N ARG E 12 -54.52 -7.22 -35.23
CA ARG E 12 -53.48 -6.37 -34.67
C ARG E 12 -53.53 -4.96 -35.24
N ILE E 13 -53.63 -4.86 -36.56
CA ILE E 13 -53.67 -3.58 -37.23
C ILE E 13 -54.93 -2.79 -36.84
N GLY E 14 -56.08 -3.41 -37.01
CA GLY E 14 -57.34 -2.76 -36.68
C GLY E 14 -57.37 -2.24 -35.26
N ARG E 15 -57.10 -3.12 -34.29
CA ARG E 15 -57.07 -2.72 -32.90
C ARG E 15 -56.08 -1.59 -32.67
N MET E 16 -54.86 -1.76 -33.19
CA MET E 16 -53.83 -0.73 -33.04
C MET E 16 -54.37 0.62 -33.50
N VAL E 17 -55.00 0.63 -34.67
CA VAL E 17 -55.56 1.86 -35.20
C VAL E 17 -56.60 2.42 -34.23
N PHE E 18 -57.48 1.56 -33.76
CA PHE E 18 -58.50 1.98 -32.82
C PHE E 18 -57.83 2.54 -31.55
N GLN E 19 -56.88 1.79 -31.03
CA GLN E 19 -56.18 2.22 -29.84
C GLN E 19 -55.51 3.57 -30.03
N ALA E 20 -54.96 3.79 -31.23
CA ALA E 20 -54.33 5.07 -31.52
C ALA E 20 -55.37 6.17 -31.42
N ILE E 21 -56.60 5.89 -31.86
CA ILE E 21 -57.67 6.88 -31.78
C ILE E 21 -57.97 7.21 -30.33
N CYS E 22 -58.19 6.16 -29.55
CA CYS E 22 -58.50 6.30 -28.13
C CYS E 22 -57.34 6.93 -27.38
N ASP E 23 -56.12 6.50 -27.69
CA ASP E 23 -54.92 7.02 -27.05
C ASP E 23 -54.78 8.53 -27.26
N GLN E 24 -55.10 9.00 -28.46
CA GLN E 24 -55.00 10.44 -28.74
C GLN E 24 -56.20 11.18 -28.15
N GLY E 25 -57.11 10.44 -27.52
CA GLY E 25 -58.29 11.04 -26.91
C GLY E 25 -59.24 11.63 -27.94
N LEU E 26 -59.24 11.06 -29.14
CA LEU E 26 -60.09 11.53 -30.22
C LEU E 26 -61.44 10.85 -30.20
N ILE E 27 -61.50 9.69 -29.58
CA ILE E 27 -62.73 8.93 -29.51
C ILE E 27 -63.87 9.76 -28.94
N GLY E 28 -64.94 9.89 -29.71
CA GLY E 28 -66.09 10.65 -29.26
C GLY E 28 -66.12 12.06 -29.81
N THR E 29 -65.24 12.91 -29.30
CA THR E 29 -65.17 14.31 -29.71
C THR E 29 -64.86 14.49 -31.20
N GLU E 30 -63.67 14.07 -31.61
CA GLU E 30 -63.21 14.21 -32.98
C GLU E 30 -63.62 13.06 -33.90
N ILE E 31 -63.46 11.82 -33.44
CA ILE E 31 -63.81 10.67 -34.26
C ILE E 31 -64.87 9.80 -33.62
N ASP E 32 -65.83 9.40 -34.42
CA ASP E 32 -66.91 8.56 -33.97
C ASP E 32 -66.75 7.18 -34.59
N VAL E 33 -66.15 6.24 -33.86
CA VAL E 33 -65.99 4.90 -34.38
C VAL E 33 -67.31 4.20 -34.22
N VAL E 34 -68.15 4.33 -35.24
CA VAL E 34 -69.48 3.76 -35.25
C VAL E 34 -69.46 2.26 -35.03
N ALA E 35 -68.51 1.57 -35.67
CA ALA E 35 -68.46 0.12 -35.51
C ALA E 35 -67.20 -0.52 -36.06
N VAL E 36 -66.88 -1.67 -35.50
CA VAL E 36 -65.75 -2.45 -35.95
C VAL E 36 -66.27 -3.77 -36.50
N VAL E 37 -65.69 -4.25 -37.59
CA VAL E 37 -66.19 -5.47 -38.19
C VAL E 37 -65.16 -6.58 -38.19
N ASP E 38 -65.59 -7.75 -37.77
CA ASP E 38 -64.73 -8.93 -37.76
C ASP E 38 -65.56 -10.22 -37.72
N MET E 39 -64.89 -11.36 -37.87
CA MET E 39 -65.54 -12.67 -37.87
C MET E 39 -66.31 -12.89 -36.57
N SER E 40 -65.87 -12.22 -35.51
CA SER E 40 -66.53 -12.34 -34.22
C SER E 40 -67.04 -10.99 -33.73
N THR E 41 -68.14 -11.02 -32.98
CA THR E 41 -68.70 -9.80 -32.43
C THR E 41 -68.66 -9.86 -30.90
N ASN E 42 -67.79 -10.74 -30.39
CA ASN E 42 -67.63 -10.92 -28.96
C ASN E 42 -66.89 -9.72 -28.36
N ALA E 43 -67.63 -8.73 -27.90
CA ALA E 43 -67.02 -7.53 -27.34
C ALA E 43 -66.18 -7.83 -26.10
N GLU E 44 -66.57 -8.83 -25.31
CA GLU E 44 -65.77 -9.14 -24.14
C GLU E 44 -64.35 -9.49 -24.55
N TYR E 45 -64.22 -10.34 -25.57
CA TYR E 45 -62.90 -10.73 -26.03
C TYR E 45 -62.14 -9.53 -26.61
N PHE E 46 -62.82 -8.64 -27.33
CA PHE E 46 -62.12 -7.47 -27.86
C PHE E 46 -61.63 -6.61 -26.71
N ALA E 47 -62.49 -6.45 -25.70
CA ALA E 47 -62.11 -5.68 -24.52
C ALA E 47 -60.81 -6.22 -23.95
N TYR E 48 -60.81 -7.52 -23.67
CA TYR E 48 -59.65 -8.23 -23.15
C TYR E 48 -58.40 -7.94 -23.98
N GLN E 49 -58.55 -8.00 -25.30
CA GLN E 49 -57.42 -7.75 -26.18
C GLN E 49 -56.95 -6.32 -26.09
N MET E 50 -57.87 -5.40 -25.86
CA MET E 50 -57.48 -4.01 -25.78
C MET E 50 -56.92 -3.61 -24.41
N LYS E 51 -57.39 -4.25 -23.34
CA LYS E 51 -56.94 -3.92 -22.00
C LYS E 51 -55.60 -4.56 -21.65
N HIS E 52 -55.12 -5.50 -22.46
CA HIS E 52 -53.87 -6.18 -22.16
C HIS E 52 -53.02 -6.41 -23.40
N ASP E 53 -51.96 -5.61 -23.53
CA ASP E 53 -51.06 -5.72 -24.68
C ASP E 53 -49.65 -6.04 -24.22
N THR E 54 -49.15 -7.19 -24.66
CA THR E 54 -47.81 -7.66 -24.32
C THR E 54 -46.72 -6.61 -24.52
N VAL E 55 -46.82 -5.85 -25.63
CA VAL E 55 -45.79 -4.87 -25.97
C VAL E 55 -46.12 -3.44 -25.54
N HIS E 56 -47.35 -3.01 -25.74
CA HIS E 56 -47.71 -1.63 -25.44
C HIS E 56 -48.29 -1.41 -24.04
N GLY E 57 -48.50 -2.50 -23.30
CA GLY E 57 -49.01 -2.38 -21.94
C GLY E 57 -50.50 -2.18 -21.82
N ARG E 58 -50.88 -1.44 -20.78
CA ARG E 58 -52.27 -1.14 -20.45
C ARG E 58 -52.70 0.20 -21.03
N PRO E 59 -53.97 0.31 -21.47
CA PRO E 59 -54.55 1.53 -22.06
C PRO E 59 -54.79 2.63 -21.02
N LYS E 60 -54.73 3.87 -21.48
CA LYS E 60 -54.93 5.03 -20.60
C LYS E 60 -56.42 5.35 -20.43
N TYR E 61 -57.24 4.63 -21.19
CA TYR E 61 -58.67 4.83 -21.17
C TYR E 61 -59.37 3.59 -20.63
N THR E 62 -60.65 3.72 -20.32
CA THR E 62 -61.43 2.60 -19.80
C THR E 62 -62.09 1.84 -20.94
N VAL E 63 -62.07 0.51 -20.86
CA VAL E 63 -62.71 -0.32 -21.85
C VAL E 63 -63.62 -1.33 -21.20
N GLU E 64 -64.88 -1.33 -21.61
CA GLU E 64 -65.87 -2.23 -21.07
C GLU E 64 -66.73 -2.81 -22.19
N ALA E 65 -67.27 -4.01 -21.97
CA ALA E 65 -68.11 -4.65 -22.96
C ALA E 65 -69.54 -4.75 -22.45
N VAL E 66 -70.48 -4.29 -23.26
CA VAL E 66 -71.88 -4.35 -22.88
C VAL E 66 -72.73 -4.98 -23.98
N LYS E 67 -74.01 -5.15 -23.68
CA LYS E 67 -74.95 -5.73 -24.61
C LYS E 67 -75.87 -4.68 -25.22
N SER E 68 -76.08 -4.76 -26.53
CA SER E 68 -76.95 -3.84 -27.23
C SER E 68 -78.36 -3.95 -26.65
N SER E 69 -78.75 -5.18 -26.34
CA SER E 69 -80.04 -5.52 -25.74
C SER E 69 -79.81 -6.52 -24.63
N PRO E 70 -80.54 -6.37 -23.52
CA PRO E 70 -80.34 -7.31 -22.41
C PRO E 70 -80.65 -8.76 -22.79
N SER E 71 -81.08 -8.99 -24.03
CA SER E 71 -81.42 -10.32 -24.51
C SER E 71 -80.19 -11.05 -25.05
N VAL E 72 -79.29 -10.34 -25.71
CA VAL E 72 -78.10 -10.96 -26.30
C VAL E 72 -77.30 -11.75 -25.27
N GLU E 73 -76.90 -12.98 -25.61
CA GLU E 73 -76.15 -13.81 -24.67
C GLU E 73 -74.75 -13.28 -24.41
N THR E 74 -74.05 -12.82 -25.45
CA THR E 74 -72.70 -12.30 -25.27
C THR E 74 -72.57 -10.88 -25.81
N ALA E 75 -71.97 -10.02 -24.99
CA ALA E 75 -71.77 -8.61 -25.29
C ALA E 75 -71.34 -8.39 -26.73
N ASP E 76 -72.03 -7.46 -27.41
CA ASP E 76 -71.72 -7.16 -28.80
C ASP E 76 -71.42 -5.67 -29.01
N VAL E 77 -71.24 -4.94 -27.92
CA VAL E 77 -70.95 -3.51 -27.98
C VAL E 77 -69.78 -3.14 -27.08
N LEU E 78 -68.85 -2.36 -27.64
CA LEU E 78 -67.66 -1.92 -26.92
C LEU E 78 -67.83 -0.49 -26.43
N VAL E 79 -67.48 -0.23 -25.18
CA VAL E 79 -67.63 1.12 -24.63
C VAL E 79 -66.29 1.67 -24.17
N VAL E 80 -65.79 2.66 -24.88
CA VAL E 80 -64.53 3.30 -24.56
C VAL E 80 -64.74 4.76 -24.16
N ASN E 81 -64.44 5.08 -22.91
CA ASN E 81 -64.62 6.43 -22.39
C ASN E 81 -66.04 6.92 -22.61
N GLY E 82 -67.02 6.05 -22.42
CA GLY E 82 -68.39 6.47 -22.59
C GLY E 82 -68.92 6.30 -23.99
N HIS E 83 -68.04 6.37 -24.98
CA HIS E 83 -68.47 6.21 -26.35
C HIS E 83 -68.81 4.74 -26.64
N ARG E 84 -69.88 4.52 -27.39
CA ARG E 84 -70.32 3.17 -27.73
C ARG E 84 -69.86 2.75 -29.14
N ILE E 85 -69.26 1.57 -29.24
CA ILE E 85 -68.81 1.05 -30.54
C ILE E 85 -69.50 -0.28 -30.86
N LYS E 86 -70.22 -0.29 -31.99
CA LYS E 86 -70.94 -1.48 -32.42
C LYS E 86 -70.00 -2.55 -32.98
N CYS E 87 -70.17 -3.78 -32.52
CA CYS E 87 -69.37 -4.90 -33.04
C CYS E 87 -70.22 -5.64 -34.07
N VAL E 88 -69.90 -5.45 -35.34
CA VAL E 88 -70.66 -6.05 -36.42
C VAL E 88 -69.98 -7.27 -37.05
N LYS E 89 -70.81 -8.20 -37.50
CA LYS E 89 -70.39 -9.44 -38.15
C LYS E 89 -69.79 -9.15 -39.50
N ALA E 90 -68.72 -9.86 -39.84
CA ALA E 90 -68.01 -9.65 -41.11
C ALA E 90 -68.77 -10.20 -42.33
N GLN E 91 -68.39 -9.71 -43.50
CA GLN E 91 -68.99 -10.15 -44.77
C GLN E 91 -67.90 -10.54 -45.76
N ARG E 92 -68.22 -11.44 -46.69
CA ARG E 92 -67.23 -11.86 -47.69
C ARG E 92 -66.96 -10.72 -48.67
N ASN E 93 -68.01 -10.01 -49.06
CA ASN E 93 -67.88 -8.88 -49.97
C ASN E 93 -68.24 -7.57 -49.27
N PRO E 94 -67.29 -6.62 -49.21
CA PRO E 94 -67.46 -5.31 -48.57
C PRO E 94 -68.77 -4.66 -48.95
N ALA E 95 -69.20 -4.85 -50.20
CA ALA E 95 -70.45 -4.27 -50.68
C ALA E 95 -71.66 -4.75 -49.85
N ASP E 96 -71.48 -5.81 -49.08
CA ASP E 96 -72.57 -6.32 -48.25
C ASP E 96 -72.55 -5.73 -46.86
N LEU E 97 -71.52 -4.93 -46.57
CA LEU E 97 -71.42 -4.27 -45.27
C LEU E 97 -72.40 -3.10 -45.17
N PRO E 98 -73.19 -3.07 -44.09
CA PRO E 98 -74.19 -2.02 -43.84
C PRO E 98 -73.59 -0.64 -43.51
N TRP E 99 -72.61 -0.19 -44.30
CA TRP E 99 -71.98 1.10 -44.05
C TRP E 99 -72.98 2.23 -44.10
N GLY E 100 -73.73 2.30 -45.20
CA GLY E 100 -74.75 3.32 -45.36
C GLY E 100 -75.78 3.30 -44.24
N LYS E 101 -76.20 2.10 -43.89
CA LYS E 101 -77.19 1.89 -42.85
C LYS E 101 -76.66 2.28 -41.48
N LEU E 102 -75.34 2.24 -41.32
CA LEU E 102 -74.74 2.58 -40.04
C LEU E 102 -74.33 4.04 -40.02
N GLY E 103 -74.28 4.65 -41.19
CA GLY E 103 -73.90 6.05 -41.29
C GLY E 103 -72.40 6.23 -41.23
N VAL E 104 -71.65 5.27 -41.74
CA VAL E 104 -70.21 5.35 -41.75
C VAL E 104 -69.72 5.99 -43.05
N ASP E 105 -68.85 6.99 -42.94
CA ASP E 105 -68.34 7.69 -44.13
C ASP E 105 -66.94 7.21 -44.48
N TYR E 106 -66.10 7.07 -43.48
CA TYR E 106 -64.72 6.65 -43.68
C TYR E 106 -64.50 5.25 -43.12
N VAL E 107 -64.13 4.33 -44.01
CA VAL E 107 -63.88 2.95 -43.64
C VAL E 107 -62.41 2.64 -43.62
N ILE E 108 -61.94 2.07 -42.52
CA ILE E 108 -60.54 1.70 -42.42
C ILE E 108 -60.40 0.23 -42.77
N GLU E 109 -59.91 -0.04 -43.97
CA GLU E 109 -59.74 -1.40 -44.45
C GLU E 109 -58.43 -1.99 -43.96
N SER E 110 -58.51 -2.86 -42.97
CA SER E 110 -57.32 -3.46 -42.39
C SER E 110 -57.39 -4.97 -42.27
N THR E 111 -58.13 -5.65 -43.14
CA THR E 111 -58.20 -7.11 -43.10
C THR E 111 -57.06 -7.73 -43.90
N GLY E 112 -56.48 -6.93 -44.80
CA GLY E 112 -55.42 -7.41 -45.64
C GLY E 112 -55.93 -8.18 -46.86
N LEU E 113 -57.24 -8.37 -46.95
CA LEU E 113 -57.82 -9.13 -48.05
C LEU E 113 -58.32 -8.22 -49.16
N PHE E 114 -58.43 -6.93 -48.90
CA PHE E 114 -58.95 -6.02 -49.89
C PHE E 114 -57.98 -4.92 -50.17
N THR E 115 -56.73 -5.28 -50.45
CA THR E 115 -55.70 -4.30 -50.74
C THR E 115 -55.77 -3.85 -52.19
N ASP E 116 -56.66 -4.47 -52.95
CA ASP E 116 -56.83 -4.09 -54.34
C ASP E 116 -57.85 -2.97 -54.47
N LYS E 117 -57.47 -1.91 -55.18
CA LYS E 117 -58.31 -0.74 -55.41
C LYS E 117 -59.76 -1.11 -55.76
N LEU E 118 -59.93 -2.05 -56.69
CA LEU E 118 -61.26 -2.46 -57.13
C LEU E 118 -62.05 -3.15 -56.02
N LYS E 119 -61.41 -4.03 -55.26
CA LYS E 119 -62.11 -4.71 -54.18
C LYS E 119 -62.46 -3.77 -53.04
N ALA E 120 -61.55 -2.87 -52.71
CA ALA E 120 -61.77 -1.92 -51.63
C ALA E 120 -62.97 -1.00 -51.90
N GLU E 121 -63.21 -0.69 -53.17
CA GLU E 121 -64.32 0.17 -53.53
C GLU E 121 -65.66 -0.45 -53.12
N GLY E 122 -65.63 -1.74 -52.83
CA GLY E 122 -66.84 -2.42 -52.41
C GLY E 122 -67.44 -1.77 -51.18
N HIS E 123 -66.59 -1.19 -50.35
CA HIS E 123 -67.04 -0.51 -49.15
C HIS E 123 -67.89 0.68 -49.51
N ILE E 124 -67.44 1.40 -50.53
CA ILE E 124 -68.17 2.55 -51.00
C ILE E 124 -69.51 2.12 -51.59
N LYS E 125 -69.49 0.97 -52.28
CA LYS E 125 -70.71 0.43 -52.83
C LYS E 125 -71.60 -0.06 -51.69
N GLY E 126 -70.96 -0.23 -50.53
CA GLY E 126 -71.68 -0.65 -49.34
C GLY E 126 -72.28 0.56 -48.62
N GLY E 127 -71.99 1.75 -49.12
CA GLY E 127 -72.53 2.95 -48.50
C GLY E 127 -71.47 3.91 -47.97
N ALA E 128 -70.21 3.48 -47.96
CA ALA E 128 -69.14 4.33 -47.47
C ALA E 128 -68.77 5.40 -48.50
N LYS E 129 -68.13 6.46 -48.03
CA LYS E 129 -67.73 7.58 -48.86
C LYS E 129 -66.24 7.50 -49.21
N LYS E 130 -65.42 7.12 -48.24
CA LYS E 130 -63.97 7.02 -48.45
C LYS E 130 -63.39 5.76 -47.79
N VAL E 131 -62.29 5.25 -48.32
CA VAL E 131 -61.65 4.06 -47.75
C VAL E 131 -60.16 4.24 -47.57
N VAL E 132 -59.67 3.97 -46.37
CA VAL E 132 -58.24 4.06 -46.10
C VAL E 132 -57.68 2.66 -45.89
N ILE E 133 -56.75 2.24 -46.74
CA ILE E 133 -56.18 0.91 -46.61
C ILE E 133 -54.92 0.94 -45.75
N SER E 134 -54.99 0.28 -44.61
CA SER E 134 -53.88 0.27 -43.68
C SER E 134 -52.79 -0.67 -44.13
N ALA E 135 -52.45 -0.57 -45.41
CA ALA E 135 -51.41 -1.43 -45.99
C ALA E 135 -51.10 -1.01 -47.41
N PRO E 136 -50.02 -1.56 -47.99
CA PRO E 136 -49.76 -1.15 -49.36
C PRO E 136 -50.92 -1.60 -50.24
N ALA E 137 -51.23 -0.81 -51.26
CA ALA E 137 -52.34 -1.14 -52.13
C ALA E 137 -51.90 -1.35 -53.57
N SER E 138 -52.76 -2.01 -54.32
CA SER E 138 -52.55 -2.30 -55.73
C SER E 138 -53.78 -1.85 -56.52
N GLY E 139 -53.65 -1.78 -57.83
CA GLY E 139 -54.79 -1.37 -58.63
C GLY E 139 -54.84 0.13 -58.88
N GLY E 140 -53.77 0.84 -58.51
CA GLY E 140 -53.73 2.26 -58.77
C GLY E 140 -54.43 3.11 -57.73
N ALA E 141 -54.32 2.72 -56.47
CA ALA E 141 -54.90 3.51 -55.40
C ALA E 141 -53.89 4.55 -54.95
N LYS E 142 -54.35 5.76 -54.67
CA LYS E 142 -53.45 6.84 -54.23
C LYS E 142 -52.74 6.47 -52.92
N THR E 143 -51.42 6.58 -52.92
CA THR E 143 -50.66 6.27 -51.71
C THR E 143 -50.17 7.55 -51.08
N ILE E 144 -50.41 7.70 -49.78
CA ILE E 144 -50.00 8.90 -49.08
C ILE E 144 -49.22 8.59 -47.80
N VAL E 145 -48.20 9.39 -47.58
CA VAL E 145 -47.37 9.30 -46.40
C VAL E 145 -47.37 10.65 -45.71
N MET E 146 -48.06 10.71 -44.57
CA MET E 146 -48.15 11.95 -43.82
C MET E 146 -46.77 12.55 -43.59
N GLY E 147 -46.68 13.85 -43.82
CA GLY E 147 -45.43 14.56 -43.65
C GLY E 147 -44.63 14.58 -44.93
N VAL E 148 -45.08 13.85 -45.94
CA VAL E 148 -44.35 13.78 -47.20
C VAL E 148 -45.17 14.22 -48.40
N ASN E 149 -46.44 13.82 -48.49
CA ASN E 149 -47.22 14.21 -49.66
C ASN E 149 -48.74 14.18 -49.44
N GLN E 150 -49.22 14.51 -48.24
CA GLN E 150 -50.66 14.50 -48.01
C GLN E 150 -51.38 15.58 -48.83
N HIS E 151 -50.62 16.61 -49.22
CA HIS E 151 -51.17 17.70 -50.01
C HIS E 151 -51.63 17.21 -51.39
N GLU E 152 -51.12 16.05 -51.81
CA GLU E 152 -51.49 15.49 -53.11
C GLU E 152 -52.82 14.75 -53.04
N TYR E 153 -53.50 14.83 -51.91
CA TYR E 153 -54.79 14.17 -51.78
C TYR E 153 -55.86 15.00 -52.49
N SER E 154 -56.63 14.36 -53.37
CA SER E 154 -57.70 15.04 -54.10
C SER E 154 -59.08 14.52 -53.68
N PRO E 155 -59.80 15.30 -52.86
CA PRO E 155 -61.13 14.97 -52.34
C PRO E 155 -62.10 14.45 -53.41
N ALA E 156 -61.96 14.94 -54.63
CA ALA E 156 -62.88 14.53 -55.69
C ALA E 156 -62.33 13.38 -56.55
N SER E 157 -61.02 13.17 -56.52
CA SER E 157 -60.41 12.13 -57.34
C SER E 157 -60.11 10.85 -56.58
N HIS E 158 -59.59 10.98 -55.36
CA HIS E 158 -59.20 9.83 -54.56
C HIS E 158 -60.25 9.41 -53.54
N HIS E 159 -60.77 8.20 -53.72
CA HIS E 159 -61.80 7.67 -52.82
C HIS E 159 -61.28 6.46 -52.05
N VAL E 160 -60.26 5.82 -52.62
CA VAL E 160 -59.59 4.70 -51.99
C VAL E 160 -58.11 5.04 -51.84
N VAL E 161 -57.71 5.38 -50.62
CA VAL E 161 -56.33 5.78 -50.34
C VAL E 161 -55.59 4.73 -49.49
N SER E 162 -54.28 4.62 -49.73
CA SER E 162 -53.42 3.69 -49.00
C SER E 162 -52.45 4.46 -48.13
N ASN E 163 -52.26 4.01 -46.89
CA ASN E 163 -51.33 4.65 -45.97
C ASN E 163 -49.94 4.03 -46.11
N ALA E 164 -49.77 3.22 -47.15
CA ALA E 164 -48.52 2.51 -47.42
C ALA E 164 -48.23 1.54 -46.29
N SER E 165 -46.95 1.36 -45.96
CA SER E 165 -46.57 0.44 -44.88
C SER E 165 -45.77 1.14 -43.80
N CYS E 166 -45.57 0.43 -42.69
CA CYS E 166 -44.80 0.97 -41.60
C CYS E 166 -43.39 1.32 -42.09
N THR E 167 -42.77 0.39 -42.79
CA THR E 167 -41.43 0.59 -43.31
C THR E 167 -41.35 1.81 -44.21
N THR E 168 -42.29 1.91 -45.16
CA THR E 168 -42.29 3.04 -46.08
C THR E 168 -42.52 4.35 -45.33
N ASN E 169 -43.27 4.30 -44.22
CA ASN E 169 -43.54 5.49 -43.44
C ASN E 169 -42.30 5.95 -42.67
N CYS E 170 -41.28 5.09 -42.64
CA CYS E 170 -40.06 5.42 -41.95
C CYS E 170 -39.02 5.92 -42.94
N LEU E 171 -38.91 5.26 -44.10
CA LEU E 171 -37.93 5.64 -45.10
C LEU E 171 -38.30 6.93 -45.83
N ALA E 172 -39.51 7.00 -46.36
CA ALA E 172 -39.97 8.18 -47.10
C ALA E 172 -39.57 9.50 -46.41
N PRO E 173 -39.89 9.66 -45.12
CA PRO E 173 -39.53 10.91 -44.44
C PRO E 173 -38.05 11.28 -44.65
N ILE E 174 -37.16 10.32 -44.39
CA ILE E 174 -35.72 10.53 -44.57
C ILE E 174 -35.39 10.92 -46.01
N VAL E 175 -35.86 10.11 -46.95
CA VAL E 175 -35.63 10.35 -48.37
C VAL E 175 -36.19 11.70 -48.77
N HIS E 176 -37.33 12.05 -48.18
CA HIS E 176 -37.98 13.33 -48.47
C HIS E 176 -37.07 14.50 -48.14
N VAL E 177 -36.52 14.54 -46.92
CA VAL E 177 -35.66 15.66 -46.57
C VAL E 177 -34.34 15.57 -47.31
N LEU E 178 -33.88 14.35 -47.60
CA LEU E 178 -32.63 14.19 -48.34
C LEU E 178 -32.73 14.83 -49.70
N THR E 179 -33.91 14.73 -50.32
CA THR E 179 -34.12 15.32 -51.64
C THR E 179 -34.54 16.78 -51.54
N LYS E 180 -35.34 17.12 -50.54
CA LYS E 180 -35.80 18.49 -50.38
C LYS E 180 -34.62 19.44 -50.04
N GLU E 181 -33.73 18.99 -49.17
CA GLU E 181 -32.59 19.81 -48.78
C GLU E 181 -31.51 19.79 -49.87
N ASN E 182 -31.90 19.35 -51.06
CA ASN E 182 -31.02 19.29 -52.22
C ASN E 182 -29.71 18.53 -52.00
N PHE E 183 -29.74 17.44 -51.25
CA PHE E 183 -28.55 16.65 -51.07
C PHE E 183 -28.41 15.71 -52.25
N GLY E 184 -29.57 15.41 -52.83
CA GLY E 184 -29.62 14.53 -53.98
C GLY E 184 -29.56 13.09 -53.58
N ILE E 185 -29.84 12.22 -54.54
CA ILE E 185 -29.81 10.79 -54.33
C ILE E 185 -29.73 10.06 -55.66
N GLU E 186 -28.52 9.77 -56.09
CA GLU E 186 -28.26 9.07 -57.34
C GLU E 186 -28.92 7.69 -57.33
N THR E 187 -28.57 6.89 -56.33
CA THR E 187 -29.13 5.56 -56.14
C THR E 187 -29.08 5.23 -54.66
N GLY E 188 -29.97 4.36 -54.19
CA GLY E 188 -29.95 4.05 -52.78
C GLY E 188 -30.49 2.68 -52.45
N LEU E 189 -29.83 2.00 -51.53
CA LEU E 189 -30.25 0.69 -51.09
C LEU E 189 -30.54 0.71 -49.60
N MET E 190 -31.70 0.20 -49.22
CA MET E 190 -32.04 0.20 -47.82
C MET E 190 -32.33 -1.19 -47.30
N THR E 191 -31.81 -1.46 -46.11
CA THR E 191 -32.04 -2.72 -45.43
C THR E 191 -32.82 -2.39 -44.17
N THR E 192 -33.78 -3.23 -43.82
CA THR E 192 -34.53 -2.96 -42.60
C THR E 192 -34.50 -4.15 -41.67
N ILE E 193 -34.03 -3.94 -40.45
CA ILE E 193 -34.03 -4.98 -39.42
C ILE E 193 -35.38 -4.88 -38.72
N HIS E 194 -36.32 -5.69 -39.19
CA HIS E 194 -37.72 -5.68 -38.76
C HIS E 194 -38.08 -6.73 -37.72
N SER E 195 -38.95 -6.33 -36.79
CA SER E 195 -39.45 -7.28 -35.79
C SER E 195 -40.44 -8.22 -36.45
N TYR E 196 -40.54 -9.46 -35.97
CA TYR E 196 -41.48 -10.39 -36.60
C TYR E 196 -42.91 -9.91 -36.40
N THR E 197 -43.81 -10.34 -37.29
CA THR E 197 -45.21 -9.92 -37.21
C THR E 197 -46.16 -11.10 -37.17
N ALA E 198 -47.44 -10.77 -37.15
CA ALA E 198 -48.53 -11.75 -37.07
C ALA E 198 -48.49 -12.79 -38.19
N THR E 199 -48.06 -12.41 -39.38
CA THR E 199 -48.03 -13.35 -40.50
C THR E 199 -46.99 -14.46 -40.31
N GLN E 200 -46.08 -14.30 -39.35
CA GLN E 200 -45.04 -15.30 -39.12
C GLN E 200 -45.48 -16.44 -38.22
N LYS E 201 -44.67 -17.50 -38.21
CA LYS E 201 -44.96 -18.71 -37.45
C LYS E 201 -44.08 -18.87 -36.21
N THR E 202 -44.68 -19.42 -35.17
CA THR E 202 -43.97 -19.66 -33.91
C THR E 202 -42.95 -20.77 -34.11
N VAL E 203 -43.36 -21.83 -34.80
CA VAL E 203 -42.50 -22.97 -35.13
C VAL E 203 -42.48 -23.16 -36.64
N ASP E 204 -41.50 -23.89 -37.18
CA ASP E 204 -41.47 -24.07 -38.63
C ASP E 204 -42.85 -24.43 -39.15
N GLY E 205 -43.49 -23.47 -39.82
CA GLY E 205 -44.82 -23.71 -40.33
C GLY E 205 -44.93 -23.60 -41.83
N VAL E 206 -46.17 -23.47 -42.28
CA VAL E 206 -46.52 -23.38 -43.68
C VAL E 206 -46.57 -21.95 -44.20
N SER E 207 -45.93 -21.72 -45.35
CA SER E 207 -45.88 -20.43 -46.01
C SER E 207 -45.41 -20.63 -47.45
N LEU E 208 -46.34 -21.06 -48.30
CA LEU E 208 -46.07 -21.35 -49.71
C LEU E 208 -45.51 -20.15 -50.49
N LYS E 209 -46.02 -18.96 -50.18
CA LYS E 209 -45.59 -17.74 -50.88
C LYS E 209 -44.20 -17.26 -50.43
N ASP E 210 -43.94 -17.35 -49.13
CA ASP E 210 -42.64 -16.93 -48.59
C ASP E 210 -42.03 -18.07 -47.77
N TRP E 211 -41.28 -18.93 -48.45
CA TRP E 211 -40.66 -20.09 -47.82
C TRP E 211 -39.95 -19.76 -46.52
N ARG E 212 -38.98 -18.84 -46.58
CA ARG E 212 -38.25 -18.46 -45.38
C ARG E 212 -39.22 -17.99 -44.29
N GLY E 213 -40.15 -17.13 -44.70
CA GLY E 213 -41.13 -16.54 -43.80
C GLY E 213 -41.96 -17.54 -43.00
N GLY E 214 -41.81 -18.84 -43.26
CA GLY E 214 -42.58 -19.81 -42.50
C GLY E 214 -41.80 -20.44 -41.37
N ARG E 215 -40.49 -20.19 -41.35
CA ARG E 215 -39.61 -20.74 -40.33
C ARG E 215 -39.80 -20.06 -38.99
N ALA E 216 -39.55 -20.80 -37.91
CA ALA E 216 -39.68 -20.26 -36.55
C ALA E 216 -39.20 -18.81 -36.50
N ALA E 217 -40.13 -17.91 -36.25
CA ALA E 217 -39.89 -16.48 -36.22
C ALA E 217 -39.00 -15.97 -35.08
N ALA E 218 -39.21 -16.45 -33.86
CA ALA E 218 -38.44 -15.94 -32.73
C ALA E 218 -37.12 -16.65 -32.49
N VAL E 219 -36.64 -17.40 -33.46
CA VAL E 219 -35.38 -18.10 -33.25
C VAL E 219 -34.48 -18.05 -34.48
N ASN E 220 -34.88 -17.26 -35.49
CA ASN E 220 -34.08 -17.13 -36.71
C ASN E 220 -34.02 -15.72 -37.24
N ILE E 221 -32.95 -15.46 -37.99
CA ILE E 221 -32.85 -14.22 -38.72
C ILE E 221 -33.47 -14.59 -40.06
N ILE E 222 -34.56 -13.94 -40.44
CA ILE E 222 -35.20 -14.36 -41.68
C ILE E 222 -35.23 -13.30 -42.76
N PRO E 223 -34.45 -13.50 -43.82
CA PRO E 223 -34.41 -12.54 -44.94
C PRO E 223 -35.70 -12.56 -45.71
N SER E 224 -36.05 -11.43 -46.30
CA SER E 224 -37.25 -11.35 -47.10
C SER E 224 -37.19 -10.11 -47.97
N THR E 225 -38.14 -9.99 -48.88
CA THR E 225 -38.15 -8.82 -49.74
C THR E 225 -39.13 -7.79 -49.20
N THR E 226 -39.06 -6.57 -49.73
CA THR E 226 -39.96 -5.52 -49.28
C THR E 226 -40.22 -4.52 -50.39
N GLY E 227 -41.47 -4.12 -50.53
CA GLY E 227 -41.81 -3.16 -51.54
C GLY E 227 -41.68 -1.74 -51.03
N ALA E 228 -41.43 -1.59 -49.74
CA ALA E 228 -41.30 -0.26 -49.15
C ALA E 228 -40.32 0.59 -49.97
N ALA E 229 -39.32 -0.06 -50.54
CA ALA E 229 -38.29 0.62 -51.33
C ALA E 229 -38.88 1.24 -52.60
N LYS E 230 -39.56 0.43 -53.40
CA LYS E 230 -40.17 0.91 -54.63
C LYS E 230 -41.31 1.86 -54.31
N ALA E 231 -42.09 1.53 -53.28
CA ALA E 231 -43.24 2.34 -52.86
C ALA E 231 -42.87 3.81 -52.66
N VAL E 232 -41.71 4.08 -52.06
CA VAL E 232 -41.33 5.47 -51.86
C VAL E 232 -41.21 6.16 -53.22
N GLY E 233 -41.02 5.37 -54.26
CA GLY E 233 -40.92 5.91 -55.60
C GLY E 233 -42.23 6.49 -56.09
N MET E 234 -43.34 6.11 -55.45
CA MET E 234 -44.63 6.64 -55.82
C MET E 234 -44.94 7.89 -55.00
N VAL E 235 -44.48 7.90 -53.75
CA VAL E 235 -44.70 9.04 -52.88
C VAL E 235 -43.72 10.15 -53.21
N ILE E 236 -42.57 9.76 -53.76
CA ILE E 236 -41.54 10.70 -54.16
C ILE E 236 -41.04 10.30 -55.56
N PRO E 237 -41.81 10.65 -56.60
CA PRO E 237 -41.58 10.39 -58.03
C PRO E 237 -40.12 10.44 -58.47
N SER E 238 -39.41 11.50 -58.11
CA SER E 238 -38.02 11.65 -58.52
C SER E 238 -37.15 10.42 -58.16
N THR E 239 -37.59 9.60 -57.20
CA THR E 239 -36.78 8.46 -56.79
C THR E 239 -37.10 7.16 -57.55
N LYS E 240 -38.13 7.17 -58.40
CA LYS E 240 -38.49 5.95 -59.15
C LYS E 240 -37.28 5.32 -59.80
N GLY E 241 -37.12 4.02 -59.61
CA GLY E 241 -36.01 3.31 -60.22
C GLY E 241 -34.67 3.61 -59.59
N LYS E 242 -34.65 4.42 -58.54
CA LYS E 242 -33.37 4.75 -57.89
C LYS E 242 -33.22 4.02 -56.56
N LEU E 243 -34.33 3.63 -55.95
CA LEU E 243 -34.32 2.97 -54.64
C LEU E 243 -34.80 1.53 -54.72
N THR E 244 -34.32 0.75 -53.76
CA THR E 244 -34.65 -0.66 -53.61
C THR E 244 -34.05 -1.17 -52.29
N GLY E 245 -34.68 -2.17 -51.68
CA GLY E 245 -34.13 -2.65 -50.43
C GLY E 245 -34.70 -3.98 -50.01
N MET E 246 -34.13 -4.55 -48.96
CA MET E 246 -34.58 -5.84 -48.44
C MET E 246 -34.83 -5.76 -46.95
N SER E 247 -35.38 -6.83 -46.41
CA SER E 247 -35.69 -6.89 -44.99
C SER E 247 -35.09 -8.10 -44.32
N PHE E 248 -34.88 -7.95 -43.02
CA PHE E 248 -34.37 -9.01 -42.17
C PHE E 248 -35.24 -9.13 -40.94
N ARG E 249 -36.12 -10.12 -40.92
CA ARG E 249 -37.00 -10.35 -39.79
C ARG E 249 -36.22 -10.98 -38.65
N VAL E 250 -36.21 -10.33 -37.49
CA VAL E 250 -35.48 -10.84 -36.33
C VAL E 250 -36.40 -11.15 -35.12
N PRO E 251 -35.88 -11.85 -34.10
CA PRO E 251 -36.60 -12.25 -32.88
C PRO E 251 -37.03 -11.12 -31.89
N THR E 252 -37.73 -10.09 -32.37
CA THR E 252 -38.27 -9.07 -31.48
C THR E 252 -39.75 -8.89 -31.80
N PRO E 253 -40.58 -8.71 -30.77
CA PRO E 253 -42.01 -8.55 -31.00
C PRO E 253 -42.39 -7.19 -31.57
N ASP E 254 -41.51 -6.21 -31.49
CA ASP E 254 -41.86 -4.92 -32.04
C ASP E 254 -40.66 -3.96 -32.11
N VAL E 255 -40.81 -2.93 -32.94
CA VAL E 255 -39.79 -1.93 -33.17
C VAL E 255 -38.78 -2.43 -34.18
N SER E 256 -38.56 -1.62 -35.20
CA SER E 256 -37.62 -1.98 -36.26
C SER E 256 -36.72 -0.80 -36.57
N VAL E 257 -35.72 -1.03 -37.41
CA VAL E 257 -34.82 0.05 -37.76
C VAL E 257 -34.42 -0.03 -39.22
N VAL E 258 -34.39 1.13 -39.87
CA VAL E 258 -34.00 1.22 -41.26
C VAL E 258 -32.55 1.64 -41.42
N ASP E 259 -31.85 0.92 -42.29
CA ASP E 259 -30.45 1.17 -42.61
C ASP E 259 -30.34 1.57 -44.08
N LEU E 260 -30.32 2.88 -44.34
CA LEU E 260 -30.28 3.39 -45.70
C LEU E 260 -28.88 3.78 -46.15
N THR E 261 -28.47 3.18 -47.26
CA THR E 261 -27.19 3.48 -47.86
C THR E 261 -27.46 4.11 -49.22
N PHE E 262 -26.94 5.31 -49.43
CA PHE E 262 -27.18 5.99 -50.71
C PHE E 262 -26.00 6.86 -51.12
N ARG E 263 -25.98 7.24 -52.39
CA ARG E 263 -24.95 8.11 -52.94
C ARG E 263 -25.58 9.44 -53.32
N ALA E 264 -25.06 10.51 -52.74
CA ALA E 264 -25.60 11.85 -52.99
C ALA E 264 -25.24 12.38 -54.38
N THR E 265 -26.00 13.37 -54.82
CA THR E 265 -25.81 13.98 -56.12
C THR E 265 -24.56 14.86 -56.14
N ARG E 266 -24.51 15.80 -55.20
CA ARG E 266 -23.38 16.71 -55.09
C ARG E 266 -22.55 16.40 -53.85
N ASP E 267 -21.30 16.84 -53.83
CA ASP E 267 -20.44 16.60 -52.67
C ASP E 267 -21.02 17.24 -51.42
N THR E 268 -20.93 16.53 -50.31
CA THR E 268 -21.44 16.99 -49.03
C THR E 268 -20.70 16.29 -47.90
N SER E 269 -21.32 16.20 -46.72
CA SER E 269 -20.70 15.52 -45.58
C SER E 269 -21.77 14.93 -44.67
N ILE E 270 -21.37 13.96 -43.87
CA ILE E 270 -22.31 13.32 -42.97
C ILE E 270 -22.80 14.30 -41.91
N GLN E 271 -21.94 15.25 -41.54
CA GLN E 271 -22.32 16.24 -40.54
C GLN E 271 -23.42 17.14 -41.11
N GLU E 272 -23.29 17.50 -42.38
CA GLU E 272 -24.29 18.31 -43.05
C GLU E 272 -25.62 17.58 -43.04
N ILE E 273 -25.61 16.34 -43.50
CA ILE E 273 -26.80 15.51 -43.53
C ILE E 273 -27.44 15.44 -42.15
N ASP E 274 -26.60 15.24 -41.14
CA ASP E 274 -27.07 15.13 -39.77
C ASP E 274 -27.86 16.36 -39.35
N LYS E 275 -27.22 17.52 -39.40
CA LYS E 275 -27.85 18.77 -39.00
C LYS E 275 -29.14 19.03 -39.75
N ALA E 276 -29.15 18.75 -41.06
CA ALA E 276 -30.35 18.96 -41.88
C ALA E 276 -31.51 18.07 -41.40
N ILE E 277 -31.24 16.80 -41.11
CA ILE E 277 -32.29 15.90 -40.63
C ILE E 277 -32.84 16.40 -39.30
N LYS E 278 -31.95 16.88 -38.43
CA LYS E 278 -32.38 17.41 -37.14
C LYS E 278 -33.22 18.68 -37.35
N LYS E 279 -32.76 19.55 -38.25
CA LYS E 279 -33.46 20.77 -38.52
C LYS E 279 -34.87 20.44 -39.04
N ALA E 280 -34.94 19.50 -39.97
CA ALA E 280 -36.23 19.07 -40.53
C ALA E 280 -37.11 18.48 -39.43
N ALA E 281 -36.52 17.67 -38.56
CA ALA E 281 -37.27 17.04 -37.48
C ALA E 281 -37.86 18.08 -36.54
N GLN E 282 -37.21 19.24 -36.45
CA GLN E 282 -37.66 20.30 -35.55
C GLN E 282 -38.60 21.27 -36.25
N THR E 283 -38.67 21.21 -37.57
CA THR E 283 -39.51 22.16 -38.28
C THR E 283 -40.65 21.53 -39.08
N TYR E 284 -40.52 21.50 -40.41
CA TYR E 284 -41.57 20.99 -41.28
C TYR E 284 -41.86 19.48 -41.18
N MET E 285 -41.09 18.72 -40.42
CA MET E 285 -41.35 17.28 -40.28
C MET E 285 -41.72 16.92 -38.85
N LYS E 286 -41.80 17.91 -37.98
CA LYS E 286 -42.11 17.64 -36.58
C LYS E 286 -43.36 16.79 -36.46
N GLY E 287 -43.30 15.82 -35.57
CA GLY E 287 -44.44 14.93 -35.37
C GLY E 287 -44.33 13.69 -36.24
N ILE E 288 -43.62 13.82 -37.35
CA ILE E 288 -43.44 12.72 -38.29
C ILE E 288 -42.03 12.15 -38.19
N LEU E 289 -41.06 13.03 -38.34
CA LEU E 289 -39.65 12.66 -38.28
C LEU E 289 -39.02 13.24 -37.01
N GLY E 290 -38.41 12.36 -36.21
CA GLY E 290 -37.74 12.79 -34.99
C GLY E 290 -36.31 12.30 -34.95
N PHE E 291 -35.60 12.58 -33.86
CA PHE E 291 -34.22 12.10 -33.77
C PHE E 291 -33.80 11.91 -32.32
N THR E 292 -32.67 11.25 -32.14
CA THR E 292 -32.13 10.99 -30.83
C THR E 292 -30.61 11.12 -30.83
N ASP E 293 -30.07 11.58 -29.71
CA ASP E 293 -28.64 11.74 -29.50
C ASP E 293 -28.18 10.74 -28.46
N GLU E 294 -29.12 9.94 -27.97
CA GLU E 294 -28.82 8.97 -26.93
C GLU E 294 -28.46 7.58 -27.46
N GLU E 295 -27.92 6.78 -26.55
CA GLU E 295 -27.51 5.41 -26.83
C GLU E 295 -28.70 4.49 -26.63
N LEU E 296 -29.64 4.52 -27.57
CA LEU E 296 -30.83 3.71 -27.41
C LEU E 296 -30.78 2.36 -28.10
N VAL E 297 -31.78 1.56 -27.77
CA VAL E 297 -31.98 0.23 -28.33
C VAL E 297 -33.46 0.10 -28.70
N SER E 298 -33.81 -0.95 -29.46
CA SER E 298 -35.19 -1.12 -29.91
C SER E 298 -36.22 -0.80 -28.82
N ALA E 299 -36.09 -1.45 -27.67
CA ALA E 299 -37.04 -1.26 -26.57
C ALA E 299 -37.30 0.21 -26.23
N ASP E 300 -36.34 1.08 -26.49
CA ASP E 300 -36.50 2.50 -26.15
C ASP E 300 -37.44 3.25 -27.09
N PHE E 301 -37.85 2.60 -28.16
CA PHE E 301 -38.75 3.24 -29.10
C PHE E 301 -40.17 2.72 -29.00
N ILE E 302 -40.42 1.87 -28.02
CA ILE E 302 -41.76 1.35 -27.86
C ILE E 302 -42.72 2.46 -27.40
N ASN E 303 -43.77 2.67 -28.18
CA ASN E 303 -44.80 3.70 -27.95
C ASN E 303 -44.38 5.05 -28.48
N ASP E 304 -43.31 5.06 -29.27
CA ASP E 304 -42.88 6.29 -29.90
C ASP E 304 -43.71 6.44 -31.17
N ASN E 305 -44.53 7.49 -31.23
CA ASN E 305 -45.43 7.64 -32.37
C ASN E 305 -44.84 8.35 -33.60
N ARG E 306 -43.54 8.63 -33.63
CA ARG E 306 -42.96 9.26 -34.83
C ARG E 306 -42.77 8.19 -35.92
N SER E 307 -43.14 8.53 -37.16
CA SER E 307 -43.00 7.60 -38.28
C SER E 307 -41.56 7.18 -38.49
N SER E 308 -40.64 8.06 -38.15
CA SER E 308 -39.22 7.79 -38.31
C SER E 308 -38.39 8.62 -37.33
N VAL E 309 -37.64 7.95 -36.46
CA VAL E 309 -36.80 8.67 -35.52
C VAL E 309 -35.32 8.37 -35.76
N TYR E 310 -34.69 9.34 -36.41
CA TYR E 310 -33.28 9.32 -36.83
C TYR E 310 -32.32 9.13 -35.66
N ASP E 311 -31.37 8.22 -35.87
CA ASP E 311 -30.35 7.92 -34.88
C ASP E 311 -29.07 8.68 -35.18
N SER E 312 -28.87 9.79 -34.48
CA SER E 312 -27.72 10.66 -34.72
C SER E 312 -26.38 9.97 -34.44
N LYS E 313 -26.20 9.48 -33.22
CA LYS E 313 -24.95 8.83 -32.81
C LYS E 313 -24.58 7.63 -33.70
N ALA E 314 -25.54 6.75 -33.93
CA ALA E 314 -25.30 5.57 -34.75
C ALA E 314 -24.84 5.97 -36.14
N THR E 315 -25.47 7.00 -36.69
CA THR E 315 -25.13 7.48 -38.01
C THR E 315 -23.73 8.11 -38.03
N LEU E 316 -23.56 9.20 -37.29
CA LEU E 316 -22.27 9.92 -37.25
C LEU E 316 -21.09 9.02 -36.96
N GLN E 317 -21.30 7.96 -36.18
CA GLN E 317 -20.22 7.07 -35.79
C GLN E 317 -19.92 5.95 -36.79
N ASN E 318 -20.74 5.75 -37.82
CA ASN E 318 -20.48 4.63 -38.71
C ASN E 318 -20.36 4.99 -40.18
N ASN E 319 -19.87 6.18 -40.49
CA ASN E 319 -19.65 6.57 -41.86
C ASN E 319 -18.15 6.75 -42.08
N LEU E 320 -17.74 6.97 -43.33
CA LEU E 320 -16.33 7.18 -43.62
C LEU E 320 -15.92 8.61 -43.26
N PRO E 321 -14.85 8.75 -42.46
CA PRO E 321 -14.25 10.00 -41.95
C PRO E 321 -14.44 11.25 -42.85
N GLY E 322 -14.07 11.20 -44.12
CA GLY E 322 -14.25 12.39 -44.94
C GLY E 322 -15.05 12.15 -46.22
N GLU E 323 -15.89 11.11 -46.22
CA GLU E 323 -16.67 10.79 -47.40
C GLU E 323 -17.51 11.97 -47.83
N LYS E 324 -17.72 12.12 -49.13
CA LYS E 324 -18.52 13.24 -49.64
C LYS E 324 -19.75 12.79 -50.41
N ARG E 325 -19.80 11.50 -50.80
CA ARG E 325 -20.95 11.01 -51.59
C ARG E 325 -21.66 9.78 -50.99
N PHE E 326 -20.93 8.70 -50.76
CA PHE E 326 -21.47 7.44 -50.24
C PHE E 326 -21.77 7.52 -48.73
N PHE E 327 -23.04 7.43 -48.33
CA PHE E 327 -23.43 7.54 -46.92
C PHE E 327 -24.44 6.49 -46.45
N LYS E 328 -24.52 6.35 -45.12
CA LYS E 328 -25.43 5.44 -44.42
C LYS E 328 -26.26 6.22 -43.37
N VAL E 329 -27.57 6.05 -43.40
CA VAL E 329 -28.42 6.74 -42.41
C VAL E 329 -29.26 5.72 -41.65
N VAL E 330 -29.30 5.87 -40.32
CA VAL E 330 -30.03 4.95 -39.47
C VAL E 330 -31.23 5.61 -38.81
N SER E 331 -32.40 4.99 -38.95
CA SER E 331 -33.61 5.55 -38.35
C SER E 331 -34.51 4.45 -37.80
N TRP E 332 -35.01 4.67 -36.59
CA TRP E 332 -35.86 3.70 -35.92
C TRP E 332 -37.33 3.97 -36.13
N TYR E 333 -38.14 3.00 -35.72
CA TYR E 333 -39.59 3.12 -35.81
C TYR E 333 -40.33 1.97 -35.13
N ASP E 334 -41.38 2.33 -34.40
CA ASP E 334 -42.26 1.38 -33.76
C ASP E 334 -43.24 0.94 -34.82
N ASN E 335 -42.88 -0.12 -35.58
CA ASN E 335 -43.68 -0.58 -36.70
C ASN E 335 -45.18 -0.68 -36.41
N GLU E 336 -45.56 -0.97 -35.17
CA GLU E 336 -46.98 -1.08 -34.85
C GLU E 336 -47.62 0.26 -34.47
N TRP E 337 -47.09 0.87 -33.42
CA TRP E 337 -47.59 2.13 -32.85
C TRP E 337 -47.63 3.32 -33.83
N ALA E 338 -46.47 3.75 -34.33
CA ALA E 338 -46.42 4.90 -35.24
C ALA E 338 -47.30 4.73 -36.47
N TYR E 339 -47.22 3.56 -37.11
CA TYR E 339 -48.03 3.33 -38.30
C TYR E 339 -49.51 3.55 -38.02
N SER E 340 -49.95 3.06 -36.86
CA SER E 340 -51.34 3.23 -36.46
C SER E 340 -51.71 4.69 -36.31
N HIS E 341 -50.81 5.48 -35.71
CA HIS E 341 -51.10 6.88 -35.52
C HIS E 341 -51.18 7.57 -36.86
N ARG E 342 -50.34 7.15 -37.79
CA ARG E 342 -50.34 7.75 -39.12
C ARG E 342 -51.66 7.50 -39.83
N VAL E 343 -52.22 6.30 -39.65
CA VAL E 343 -53.47 5.97 -40.28
C VAL E 343 -54.56 6.91 -39.82
N VAL E 344 -54.58 7.19 -38.52
CA VAL E 344 -55.56 8.09 -37.97
C VAL E 344 -55.33 9.48 -38.53
N ASP E 345 -54.07 9.88 -38.61
CA ASP E 345 -53.74 11.20 -39.13
C ASP E 345 -54.24 11.34 -40.57
N LEU E 346 -54.01 10.31 -41.38
CA LEU E 346 -54.46 10.33 -42.75
C LEU E 346 -55.97 10.49 -42.83
N VAL E 347 -56.68 9.79 -41.96
CA VAL E 347 -58.14 9.87 -41.96
C VAL E 347 -58.60 11.26 -41.60
N ARG E 348 -58.04 11.82 -40.53
CA ARG E 348 -58.40 13.15 -40.07
C ARG E 348 -58.06 14.19 -41.13
N TYR E 349 -57.02 13.92 -41.91
CA TYR E 349 -56.61 14.85 -42.97
C TYR E 349 -57.60 14.82 -44.11
N MET E 350 -57.88 13.63 -44.60
CA MET E 350 -58.83 13.48 -45.70
C MET E 350 -60.17 14.09 -45.32
N ALA E 351 -60.68 13.69 -44.16
CA ALA E 351 -61.97 14.20 -43.69
C ALA E 351 -62.01 15.73 -43.65
N ALA E 352 -60.93 16.32 -43.15
CA ALA E 352 -60.85 17.77 -43.06
C ALA E 352 -60.88 18.40 -44.45
N LYS E 353 -60.19 17.75 -45.38
CA LYS E 353 -60.09 18.25 -46.74
C LYS E 353 -61.36 17.94 -47.55
N ASP E 354 -61.98 16.80 -47.28
CA ASP E 354 -63.19 16.45 -48.00
C ASP E 354 -64.29 17.44 -47.66
N ALA E 355 -64.31 17.88 -46.39
CA ALA E 355 -65.31 18.82 -45.91
C ALA E 355 -65.03 20.22 -46.46
N ALA E 356 -63.77 20.63 -46.41
CA ALA E 356 -63.35 21.95 -46.88
C ALA E 356 -63.75 22.17 -48.34
N SER E 357 -63.48 21.20 -49.19
CA SER E 357 -63.84 21.34 -50.61
C SER E 357 -65.35 21.22 -50.80
N SER E 358 -66.04 20.78 -49.77
CA SER E 358 -67.49 20.60 -49.80
C SER E 358 -67.89 19.54 -50.84
N ALA F 1 -44.80 -57.97 -45.87
CA ALA F 1 -46.01 -57.21 -46.31
C ALA F 1 -46.00 -55.80 -45.72
N PRO F 2 -45.54 -54.81 -46.50
CA PRO F 2 -45.45 -53.41 -46.08
C PRO F 2 -46.81 -52.83 -45.66
N ILE F 3 -46.82 -52.15 -44.51
CA ILE F 3 -48.01 -51.53 -43.96
C ILE F 3 -48.44 -50.34 -44.80
N LYS F 4 -49.61 -50.41 -45.41
CA LYS F 4 -50.09 -49.31 -46.23
C LYS F 4 -50.66 -48.21 -45.35
N VAL F 5 -49.99 -47.06 -45.29
CA VAL F 5 -50.45 -45.97 -44.44
C VAL F 5 -50.67 -44.68 -45.21
N GLY F 6 -51.51 -43.83 -44.64
CA GLY F 6 -51.82 -42.54 -45.23
C GLY F 6 -51.85 -41.46 -44.17
N ILE F 7 -51.29 -40.30 -44.48
CA ILE F 7 -51.27 -39.21 -43.51
C ILE F 7 -52.27 -38.14 -43.86
N ASN F 8 -53.28 -37.94 -43.02
CA ASN F 8 -54.25 -36.89 -43.29
C ASN F 8 -53.86 -35.65 -42.49
N GLY F 9 -53.46 -34.60 -43.21
CA GLY F 9 -53.01 -33.39 -42.56
C GLY F 9 -51.50 -33.41 -42.45
N PHE F 10 -50.83 -32.64 -43.31
CA PHE F 10 -49.38 -32.64 -43.33
C PHE F 10 -48.79 -31.40 -42.66
N GLY F 11 -49.25 -31.13 -41.44
CA GLY F 11 -48.74 -29.99 -40.69
C GLY F 11 -47.53 -30.40 -39.88
N ARG F 12 -47.23 -29.69 -38.80
CA ARG F 12 -46.08 -30.04 -37.95
C ARG F 12 -46.13 -31.49 -37.54
N ILE F 13 -47.30 -31.89 -37.04
CA ILE F 13 -47.49 -33.26 -36.58
C ILE F 13 -47.32 -34.25 -37.72
N GLY F 14 -48.07 -34.03 -38.80
CA GLY F 14 -48.00 -34.92 -39.96
C GLY F 14 -46.57 -35.19 -40.40
N ARG F 15 -45.86 -34.11 -40.76
CA ARG F 15 -44.48 -34.23 -41.20
C ARG F 15 -43.63 -34.92 -40.15
N MET F 16 -43.72 -34.48 -38.90
CA MET F 16 -42.94 -35.06 -37.82
C MET F 16 -43.10 -36.57 -37.82
N VAL F 17 -44.35 -37.01 -37.93
CA VAL F 17 -44.65 -38.44 -37.97
C VAL F 17 -43.99 -39.07 -39.18
N PHE F 18 -44.14 -38.44 -40.34
CA PHE F 18 -43.53 -38.97 -41.54
C PHE F 18 -42.02 -39.06 -41.38
N GLN F 19 -41.41 -37.97 -40.91
CA GLN F 19 -39.98 -37.94 -40.70
C GLN F 19 -39.56 -39.04 -39.75
N ALA F 20 -40.38 -39.30 -38.75
CA ALA F 20 -40.10 -40.35 -37.78
C ALA F 20 -39.99 -41.70 -38.50
N ILE F 21 -40.89 -41.90 -39.47
CA ILE F 21 -40.89 -43.13 -40.24
C ILE F 21 -39.58 -43.26 -41.01
N CYS F 22 -39.31 -42.25 -41.83
CA CYS F 22 -38.10 -42.23 -42.63
C CYS F 22 -36.85 -42.29 -41.76
N ASP F 23 -36.86 -41.54 -40.65
CA ASP F 23 -35.73 -41.53 -39.74
C ASP F 23 -35.41 -42.94 -39.21
N GLN F 24 -36.46 -43.70 -38.88
CA GLN F 24 -36.26 -45.05 -38.37
C GLN F 24 -35.89 -46.01 -39.50
N GLY F 25 -35.81 -45.49 -40.72
CA GLY F 25 -35.46 -46.32 -41.86
C GLY F 25 -36.53 -47.36 -42.17
N LEU F 26 -37.77 -46.99 -41.86
CA LEU F 26 -38.91 -47.88 -42.10
C LEU F 26 -39.53 -47.65 -43.48
N ILE F 27 -39.36 -46.44 -44.01
CA ILE F 27 -39.91 -46.09 -45.30
C ILE F 27 -39.52 -47.11 -46.36
N GLY F 28 -40.53 -47.66 -47.04
CA GLY F 28 -40.27 -48.65 -48.08
C GLY F 28 -40.39 -50.07 -47.57
N THR F 29 -39.40 -50.53 -46.81
CA THR F 29 -39.37 -51.89 -46.26
C THR F 29 -40.57 -52.23 -45.38
N GLU F 30 -40.61 -51.61 -44.20
CA GLU F 30 -41.66 -51.84 -43.21
C GLU F 30 -42.97 -51.10 -43.49
N ILE F 31 -42.87 -49.80 -43.73
CA ILE F 31 -44.06 -48.98 -43.96
C ILE F 31 -44.06 -48.32 -45.34
N ASP F 32 -45.21 -48.42 -46.00
CA ASP F 32 -45.39 -47.83 -47.31
C ASP F 32 -46.31 -46.62 -47.22
N VAL F 33 -45.74 -45.43 -47.14
CA VAL F 33 -46.57 -44.22 -47.07
C VAL F 33 -47.14 -43.90 -48.44
N VAL F 34 -48.26 -44.55 -48.74
CA VAL F 34 -48.92 -44.39 -50.02
C VAL F 34 -49.16 -42.92 -50.39
N ALA F 35 -49.58 -42.10 -49.44
CA ALA F 35 -49.84 -40.70 -49.77
C ALA F 35 -50.16 -39.83 -48.55
N VAL F 36 -49.97 -38.53 -48.71
CA VAL F 36 -50.26 -37.54 -47.67
C VAL F 36 -51.34 -36.60 -48.16
N VAL F 37 -52.22 -36.19 -47.27
CA VAL F 37 -53.32 -35.31 -47.67
C VAL F 37 -53.28 -33.98 -46.96
N ASP F 38 -53.44 -32.91 -47.74
CA ASP F 38 -53.44 -31.55 -47.20
C ASP F 38 -54.05 -30.57 -48.20
N MET F 39 -54.21 -29.32 -47.76
CA MET F 39 -54.81 -28.26 -48.56
C MET F 39 -54.01 -27.96 -49.82
N SER F 40 -52.75 -28.37 -49.85
CA SER F 40 -51.92 -28.17 -51.03
C SER F 40 -51.22 -29.47 -51.44
N THR F 41 -50.96 -29.62 -52.73
CA THR F 41 -50.28 -30.80 -53.23
C THR F 41 -48.94 -30.41 -53.82
N ASN F 42 -48.47 -29.24 -53.42
CA ASN F 42 -47.18 -28.73 -53.88
C ASN F 42 -46.04 -29.48 -53.21
N ALA F 43 -45.58 -30.54 -53.86
CA ALA F 43 -44.52 -31.38 -53.34
C ALA F 43 -43.24 -30.59 -53.13
N GLU F 44 -42.99 -29.60 -53.98
CA GLU F 44 -41.78 -28.83 -53.84
C GLU F 44 -41.71 -28.14 -52.48
N TYR F 45 -42.84 -27.60 -52.05
CA TYR F 45 -42.89 -26.93 -50.76
C TYR F 45 -42.70 -27.92 -49.62
N PHE F 46 -43.32 -29.08 -49.74
CA PHE F 46 -43.19 -30.11 -48.71
C PHE F 46 -41.74 -30.55 -48.58
N ALA F 47 -41.09 -30.72 -49.72
CA ALA F 47 -39.69 -31.12 -49.71
C ALA F 47 -38.89 -30.11 -48.92
N TYR F 48 -39.17 -28.83 -49.20
CA TYR F 48 -38.52 -27.73 -48.52
C TYR F 48 -38.70 -27.83 -47.02
N GLN F 49 -39.95 -28.02 -46.61
CA GLN F 49 -40.29 -28.13 -45.20
C GLN F 49 -39.60 -29.32 -44.55
N MET F 50 -39.42 -30.40 -45.30
CA MET F 50 -38.79 -31.60 -44.76
C MET F 50 -37.27 -31.52 -44.75
N LYS F 51 -36.70 -30.87 -45.76
CA LYS F 51 -35.26 -30.77 -45.84
C LYS F 51 -34.67 -29.79 -44.84
N HIS F 52 -35.48 -28.88 -44.32
CA HIS F 52 -34.98 -27.89 -43.37
C HIS F 52 -35.86 -27.73 -42.14
N ASP F 53 -35.32 -28.08 -40.97
CA ASP F 53 -36.04 -27.97 -39.71
C ASP F 53 -35.25 -27.14 -38.69
N THR F 54 -35.82 -26.01 -38.30
CA THR F 54 -35.22 -25.10 -37.34
C THR F 54 -34.75 -25.80 -36.06
N VAL F 55 -35.55 -26.74 -35.57
CA VAL F 55 -35.24 -27.43 -34.31
C VAL F 55 -34.53 -28.78 -34.47
N HIS F 56 -34.96 -29.59 -35.42
CA HIS F 56 -34.39 -30.93 -35.57
C HIS F 56 -33.31 -31.02 -36.65
N GLY F 57 -33.05 -29.91 -37.33
CA GLY F 57 -32.00 -29.87 -38.34
C GLY F 57 -32.37 -30.49 -39.67
N ARG F 58 -31.37 -31.03 -40.35
CA ARG F 58 -31.52 -31.66 -41.66
C ARG F 58 -31.78 -33.17 -41.52
N PRO F 59 -32.56 -33.75 -42.44
CA PRO F 59 -32.90 -35.18 -42.45
C PRO F 59 -31.73 -36.06 -42.90
N LYS F 60 -31.66 -37.28 -42.37
CA LYS F 60 -30.59 -38.23 -42.69
C LYS F 60 -30.85 -38.93 -44.02
N TYR F 61 -32.01 -38.63 -44.61
CA TYR F 61 -32.43 -39.23 -45.88
C TYR F 61 -32.50 -38.20 -46.98
N THR F 62 -32.75 -38.64 -48.21
CA THR F 62 -32.83 -37.72 -49.35
C THR F 62 -34.28 -37.48 -49.76
N VAL F 63 -34.65 -36.22 -49.90
CA VAL F 63 -36.00 -35.87 -50.30
C VAL F 63 -36.01 -35.05 -51.57
N GLU F 64 -36.88 -35.44 -52.50
CA GLU F 64 -36.97 -34.78 -53.78
C GLU F 64 -38.42 -34.69 -54.23
N ALA F 65 -38.74 -33.66 -55.00
CA ALA F 65 -40.10 -33.47 -55.49
C ALA F 65 -40.17 -33.63 -56.99
N VAL F 66 -40.99 -34.58 -57.44
CA VAL F 66 -41.16 -34.86 -58.87
C VAL F 66 -42.61 -34.70 -59.28
N LYS F 67 -42.88 -34.96 -60.55
CA LYS F 67 -44.23 -34.86 -61.07
C LYS F 67 -44.78 -36.24 -61.42
N SER F 68 -46.04 -36.48 -61.09
CA SER F 68 -46.69 -37.74 -61.41
C SER F 68 -46.67 -37.98 -62.92
N SER F 69 -47.02 -36.91 -63.65
CA SER F 69 -47.03 -36.90 -65.11
C SER F 69 -46.25 -35.70 -65.61
N PRO F 70 -45.45 -35.88 -66.67
CA PRO F 70 -44.68 -34.73 -67.18
C PRO F 70 -45.59 -33.59 -67.63
N SER F 71 -46.90 -33.77 -67.42
CA SER F 71 -47.90 -32.78 -67.82
C SER F 71 -48.15 -31.75 -66.73
N VAL F 72 -48.31 -32.21 -65.50
CA VAL F 72 -48.56 -31.35 -64.34
C VAL F 72 -47.56 -30.18 -64.25
N GLU F 73 -48.04 -28.99 -63.87
CA GLU F 73 -47.17 -27.81 -63.79
C GLU F 73 -46.30 -27.83 -62.53
N THR F 74 -46.88 -28.23 -61.39
CA THR F 74 -46.13 -28.28 -60.13
C THR F 74 -46.13 -29.68 -59.51
N ALA F 75 -44.93 -30.15 -59.19
CA ALA F 75 -44.75 -31.47 -58.58
C ALA F 75 -45.89 -31.79 -57.64
N ASP F 76 -46.28 -33.06 -57.62
CA ASP F 76 -47.35 -33.52 -56.77
C ASP F 76 -47.00 -34.87 -56.16
N VAL F 77 -45.72 -35.23 -56.27
CA VAL F 77 -45.25 -36.49 -55.73
C VAL F 77 -43.94 -36.30 -55.00
N LEU F 78 -43.81 -36.95 -53.86
CA LEU F 78 -42.61 -36.87 -53.05
C LEU F 78 -41.79 -38.14 -53.20
N VAL F 79 -40.47 -38.02 -53.21
CA VAL F 79 -39.63 -39.19 -53.36
C VAL F 79 -38.59 -39.26 -52.25
N VAL F 80 -38.87 -40.08 -51.25
CA VAL F 80 -37.93 -40.23 -50.15
C VAL F 80 -37.16 -41.54 -50.31
N ASN F 81 -35.84 -41.45 -50.25
CA ASN F 81 -34.97 -42.60 -50.41
C ASN F 81 -35.47 -43.53 -51.53
N GLY F 82 -36.01 -42.93 -52.58
CA GLY F 82 -36.49 -43.71 -53.72
C GLY F 82 -37.99 -43.96 -53.69
N HIS F 83 -38.51 -44.26 -52.50
CA HIS F 83 -39.92 -44.53 -52.35
C HIS F 83 -40.76 -43.32 -52.84
N ARG F 84 -41.89 -43.59 -53.49
CA ARG F 84 -42.76 -42.54 -54.01
C ARG F 84 -43.99 -42.30 -53.11
N ILE F 85 -44.21 -41.05 -52.74
CA ILE F 85 -45.37 -40.68 -51.91
C ILE F 85 -46.30 -39.74 -52.68
N LYS F 86 -47.58 -40.06 -52.71
CA LYS F 86 -48.56 -39.27 -53.42
C LYS F 86 -49.07 -38.08 -52.59
N CYS F 87 -49.08 -36.89 -53.20
CA CYS F 87 -49.58 -35.69 -52.52
C CYS F 87 -51.03 -35.47 -52.92
N VAL F 88 -51.95 -35.97 -52.10
CA VAL F 88 -53.38 -35.89 -52.40
C VAL F 88 -54.07 -34.64 -51.84
N LYS F 89 -55.01 -34.13 -52.61
CA LYS F 89 -55.82 -32.96 -52.25
C LYS F 89 -56.71 -33.31 -51.05
N ALA F 90 -56.86 -32.35 -50.13
CA ALA F 90 -57.67 -32.56 -48.92
C ALA F 90 -59.16 -32.43 -49.17
N GLN F 91 -59.93 -33.12 -48.32
CA GLN F 91 -61.40 -33.11 -48.41
C GLN F 91 -62.02 -32.60 -47.11
N ARG F 92 -63.24 -32.08 -47.20
CA ARG F 92 -63.93 -31.60 -46.01
C ARG F 92 -64.37 -32.77 -45.13
N ASN F 93 -64.87 -33.81 -45.78
CA ASN F 93 -65.31 -35.00 -45.06
C ASN F 93 -64.42 -36.20 -45.41
N PRO F 94 -63.80 -36.81 -44.39
CA PRO F 94 -62.91 -37.97 -44.49
C PRO F 94 -63.46 -39.09 -45.36
N ALA F 95 -64.77 -39.24 -45.39
CA ALA F 95 -65.40 -40.30 -46.18
C ALA F 95 -65.22 -40.07 -47.68
N ASP F 96 -64.78 -38.86 -48.06
CA ASP F 96 -64.56 -38.54 -49.47
C ASP F 96 -63.13 -38.83 -49.91
N LEU F 97 -62.31 -39.30 -48.98
CA LEU F 97 -60.92 -39.62 -49.29
C LEU F 97 -60.82 -40.98 -49.99
N PRO F 98 -60.09 -41.03 -51.12
CA PRO F 98 -59.92 -42.26 -51.91
C PRO F 98 -59.01 -43.27 -51.23
N TRP F 99 -59.19 -43.48 -49.93
CA TRP F 99 -58.35 -44.43 -49.21
C TRP F 99 -58.42 -45.83 -49.82
N GLY F 100 -59.63 -46.30 -50.09
CA GLY F 100 -59.81 -47.61 -50.69
C GLY F 100 -59.23 -47.68 -52.09
N LYS F 101 -59.37 -46.59 -52.83
CA LYS F 101 -58.86 -46.49 -54.19
C LYS F 101 -57.32 -46.42 -54.21
N LEU F 102 -56.73 -45.99 -53.11
CA LEU F 102 -55.28 -45.89 -53.01
C LEU F 102 -54.67 -47.11 -52.31
N GLY F 103 -55.54 -47.93 -51.71
CA GLY F 103 -55.09 -49.13 -51.02
C GLY F 103 -54.51 -48.85 -49.65
N VAL F 104 -54.96 -47.76 -49.03
CA VAL F 104 -54.48 -47.38 -47.71
C VAL F 104 -55.29 -48.08 -46.62
N ASP F 105 -54.60 -48.79 -45.74
CA ASP F 105 -55.28 -49.50 -44.65
C ASP F 105 -55.23 -48.70 -43.36
N TYR F 106 -54.08 -48.12 -43.06
CA TYR F 106 -53.92 -47.34 -41.83
C TYR F 106 -53.79 -45.85 -42.12
N VAL F 107 -54.75 -45.07 -41.63
CA VAL F 107 -54.76 -43.62 -41.83
C VAL F 107 -54.36 -42.86 -40.58
N ILE F 108 -53.33 -42.03 -40.70
CA ILE F 108 -52.89 -41.23 -39.57
C ILE F 108 -53.59 -39.87 -39.61
N GLU F 109 -54.56 -39.72 -38.70
CA GLU F 109 -55.35 -38.50 -38.59
C GLU F 109 -54.63 -37.46 -37.75
N SER F 110 -54.08 -36.45 -38.41
CA SER F 110 -53.33 -35.42 -37.70
C SER F 110 -53.69 -34.01 -38.12
N THR F 111 -54.92 -33.80 -38.59
CA THR F 111 -55.34 -32.47 -38.98
C THR F 111 -55.84 -31.70 -37.77
N GLY F 112 -56.20 -32.45 -36.72
CA GLY F 112 -56.70 -31.85 -35.51
C GLY F 112 -58.18 -31.47 -35.59
N LEU F 113 -58.82 -31.73 -36.72
CA LEU F 113 -60.23 -31.39 -36.90
C LEU F 113 -61.15 -32.59 -36.72
N PHE F 114 -60.56 -33.78 -36.70
CA PHE F 114 -61.36 -34.99 -36.57
C PHE F 114 -60.93 -35.82 -35.39
N THR F 115 -60.78 -35.15 -34.24
CA THR F 115 -60.39 -35.84 -33.02
C THR F 115 -61.60 -36.55 -32.40
N ASP F 116 -62.74 -36.45 -33.09
CA ASP F 116 -63.97 -37.08 -32.64
C ASP F 116 -64.16 -38.45 -33.29
N LYS F 117 -64.27 -39.47 -32.44
CA LYS F 117 -64.47 -40.86 -32.83
C LYS F 117 -65.38 -41.01 -34.04
N LEU F 118 -66.57 -40.42 -33.98
CA LEU F 118 -67.54 -40.50 -35.07
C LEU F 118 -67.01 -39.90 -36.36
N LYS F 119 -66.39 -38.72 -36.28
CA LYS F 119 -65.86 -38.07 -37.48
C LYS F 119 -64.68 -38.85 -38.05
N ALA F 120 -63.83 -39.36 -37.16
CA ALA F 120 -62.64 -40.11 -37.56
C ALA F 120 -63.00 -41.37 -38.35
N GLU F 121 -64.14 -41.97 -38.05
CA GLU F 121 -64.59 -43.19 -38.72
C GLU F 121 -64.88 -42.94 -40.20
N GLY F 122 -64.99 -41.66 -40.57
CA GLY F 122 -65.24 -41.31 -41.95
C GLY F 122 -64.15 -41.86 -42.86
N HIS F 123 -62.95 -42.00 -42.31
CA HIS F 123 -61.82 -42.54 -43.05
C HIS F 123 -62.08 -44.00 -43.43
N ILE F 124 -62.65 -44.75 -42.50
CA ILE F 124 -62.95 -46.15 -42.75
C ILE F 124 -64.02 -46.26 -43.82
N LYS F 125 -64.97 -45.33 -43.79
CA LYS F 125 -66.04 -45.29 -44.79
C LYS F 125 -65.47 -44.85 -46.13
N GLY F 126 -64.26 -44.31 -46.08
CA GLY F 126 -63.59 -43.87 -47.29
C GLY F 126 -62.80 -44.99 -47.91
N GLY F 127 -62.62 -46.06 -47.16
CA GLY F 127 -61.89 -47.21 -47.66
C GLY F 127 -60.80 -47.69 -46.72
N ALA F 128 -60.55 -46.94 -45.66
CA ALA F 128 -59.51 -47.31 -44.71
C ALA F 128 -59.98 -48.37 -43.73
N LYS F 129 -59.01 -49.07 -43.14
CA LYS F 129 -59.26 -50.15 -42.20
C LYS F 129 -59.13 -49.66 -40.74
N LYS F 130 -58.03 -48.97 -40.45
CA LYS F 130 -57.78 -48.47 -39.12
C LYS F 130 -57.42 -46.97 -39.14
N VAL F 131 -57.64 -46.29 -38.03
CA VAL F 131 -57.34 -44.86 -37.93
C VAL F 131 -56.66 -44.52 -36.60
N VAL F 132 -55.49 -43.90 -36.69
CA VAL F 132 -54.78 -43.48 -35.49
C VAL F 132 -54.79 -41.96 -35.38
N ILE F 133 -55.37 -41.46 -34.30
CA ILE F 133 -55.43 -40.02 -34.08
C ILE F 133 -54.21 -39.56 -33.30
N SER F 134 -53.42 -38.69 -33.93
CA SER F 134 -52.19 -38.15 -33.34
C SER F 134 -52.51 -37.03 -32.37
N ALA F 135 -53.50 -37.27 -31.52
CA ALA F 135 -53.95 -36.29 -30.54
C ALA F 135 -54.99 -36.91 -29.63
N PRO F 136 -55.29 -36.24 -28.50
CA PRO F 136 -56.32 -36.84 -27.65
C PRO F 136 -57.62 -36.96 -28.43
N ALA F 137 -58.42 -37.96 -28.13
CA ALA F 137 -59.65 -38.15 -28.87
C ALA F 137 -60.88 -38.09 -27.98
N SER F 138 -62.01 -37.81 -28.61
CA SER F 138 -63.30 -37.75 -27.94
C SER F 138 -64.27 -38.68 -28.65
N GLY F 139 -65.39 -39.00 -28.00
CA GLY F 139 -66.34 -39.90 -28.63
C GLY F 139 -66.13 -41.35 -28.23
N GLY F 140 -65.26 -41.59 -27.25
CA GLY F 140 -65.03 -42.94 -26.78
C GLY F 140 -64.03 -43.75 -27.61
N ALA F 141 -63.00 -43.09 -28.13
CA ALA F 141 -62.00 -43.79 -28.91
C ALA F 141 -60.98 -44.41 -27.96
N LYS F 142 -60.47 -45.59 -28.33
CA LYS F 142 -59.49 -46.26 -27.47
C LYS F 142 -58.17 -45.47 -27.43
N THR F 143 -57.77 -45.08 -26.23
CA THR F 143 -56.54 -44.33 -26.05
C THR F 143 -55.43 -45.27 -25.60
N ILE F 144 -54.29 -45.20 -26.29
CA ILE F 144 -53.16 -46.06 -25.96
C ILE F 144 -51.84 -45.30 -25.88
N VAL F 145 -51.04 -45.69 -24.89
CA VAL F 145 -49.72 -45.11 -24.65
C VAL F 145 -48.67 -46.21 -24.66
N MET F 146 -47.96 -46.33 -25.77
CA MET F 146 -46.92 -47.35 -25.93
C MET F 146 -46.06 -47.49 -24.69
N GLY F 147 -45.90 -48.73 -24.23
CA GLY F 147 -45.09 -49.00 -23.05
C GLY F 147 -45.92 -49.01 -21.78
N VAL F 148 -47.22 -48.69 -21.90
CA VAL F 148 -48.10 -48.65 -20.75
C VAL F 148 -49.34 -49.54 -20.93
N ASN F 149 -49.95 -49.54 -22.11
CA ASN F 149 -51.15 -50.35 -22.29
C ASN F 149 -51.44 -50.69 -23.75
N GLN F 150 -50.42 -51.00 -24.55
CA GLN F 150 -50.69 -51.36 -25.94
C GLN F 150 -51.32 -52.75 -26.02
N HIS F 151 -51.10 -53.56 -24.99
CA HIS F 151 -51.65 -54.90 -24.95
C HIS F 151 -53.17 -54.87 -24.93
N GLU F 152 -53.76 -53.77 -24.48
CA GLU F 152 -55.22 -53.66 -24.42
C GLU F 152 -55.82 -53.37 -25.78
N TYR F 153 -55.00 -53.34 -26.82
CA TYR F 153 -55.54 -53.09 -28.14
C TYR F 153 -56.29 -54.31 -28.67
N SER F 154 -57.52 -54.09 -29.14
CA SER F 154 -58.32 -55.17 -29.69
C SER F 154 -58.55 -54.97 -31.18
N PRO F 155 -57.92 -55.81 -32.00
CA PRO F 155 -58.02 -55.76 -33.47
C PRO F 155 -59.47 -55.81 -33.98
N ALA F 156 -60.34 -56.47 -33.22
CA ALA F 156 -61.73 -56.62 -33.63
C ALA F 156 -62.64 -55.54 -33.07
N SER F 157 -62.25 -54.90 -31.96
CA SER F 157 -63.08 -53.88 -31.33
C SER F 157 -62.64 -52.45 -31.62
N HIS F 158 -61.33 -52.20 -31.59
CA HIS F 158 -60.79 -50.85 -31.80
C HIS F 158 -60.39 -50.57 -33.25
N HIS F 159 -61.11 -49.65 -33.90
CA HIS F 159 -60.84 -49.28 -35.29
C HIS F 159 -60.40 -47.83 -35.39
N VAL F 160 -60.63 -47.08 -34.32
CA VAL F 160 -60.20 -45.68 -34.22
C VAL F 160 -59.46 -45.51 -32.89
N VAL F 161 -58.14 -45.40 -32.97
CA VAL F 161 -57.30 -45.29 -31.78
C VAL F 161 -56.65 -43.92 -31.64
N SER F 162 -56.40 -43.53 -30.39
CA SER F 162 -55.77 -42.26 -30.08
C SER F 162 -54.43 -42.51 -29.43
N ASN F 163 -53.38 -41.82 -29.90
CA ASN F 163 -52.05 -41.99 -29.34
C ASN F 163 -51.86 -41.06 -28.14
N ALA F 164 -52.95 -40.44 -27.72
CA ALA F 164 -52.93 -39.50 -26.60
C ALA F 164 -52.16 -38.23 -26.98
N SER F 165 -51.53 -37.58 -26.00
CA SER F 165 -50.76 -36.36 -26.27
C SER F 165 -49.31 -36.53 -25.87
N CYS F 166 -48.46 -35.63 -26.35
CA CYS F 166 -47.06 -35.69 -26.03
C CYS F 166 -46.87 -35.69 -24.52
N THR F 167 -47.60 -34.81 -23.83
CA THR F 167 -47.51 -34.70 -22.38
C THR F 167 -47.94 -36.00 -21.70
N THR F 168 -49.06 -36.56 -22.15
CA THR F 168 -49.56 -37.81 -21.56
C THR F 168 -48.53 -38.93 -21.74
N ASN F 169 -47.87 -38.93 -22.90
CA ASN F 169 -46.85 -39.92 -23.22
C ASN F 169 -45.62 -39.77 -22.33
N CYS F 170 -45.52 -38.67 -21.60
CA CYS F 170 -44.38 -38.48 -20.71
C CYS F 170 -44.74 -38.80 -19.28
N LEU F 171 -45.95 -38.44 -18.88
CA LEU F 171 -46.39 -38.70 -17.53
C LEU F 171 -46.78 -40.16 -17.34
N ALA F 172 -47.63 -40.66 -18.23
CA ALA F 172 -48.13 -42.04 -18.18
C ALA F 172 -47.04 -43.04 -17.77
N PRO F 173 -45.90 -43.04 -18.49
CA PRO F 173 -44.78 -43.95 -18.18
C PRO F 173 -44.38 -43.89 -16.71
N ILE F 174 -44.21 -42.68 -16.19
CA ILE F 174 -43.80 -42.50 -14.79
C ILE F 174 -44.88 -43.03 -13.85
N VAL F 175 -46.12 -42.62 -14.08
CA VAL F 175 -47.22 -43.07 -13.24
C VAL F 175 -47.35 -44.59 -13.27
N HIS F 176 -47.11 -45.16 -14.46
CA HIS F 176 -47.21 -46.59 -14.68
C HIS F 176 -46.29 -47.39 -13.76
N VAL F 177 -45.01 -47.03 -13.71
CA VAL F 177 -44.10 -47.75 -12.85
C VAL F 177 -44.32 -47.38 -11.37
N LEU F 178 -44.87 -46.20 -11.12
CA LEU F 178 -45.14 -45.79 -9.74
C LEU F 178 -46.21 -46.68 -9.11
N THR F 179 -47.19 -47.06 -9.94
CA THR F 179 -48.28 -47.91 -9.49
C THR F 179 -47.89 -49.39 -9.57
N LYS F 180 -47.20 -49.76 -10.65
CA LYS F 180 -46.77 -51.14 -10.86
C LYS F 180 -45.77 -51.58 -9.78
N GLU F 181 -44.82 -50.72 -9.42
CA GLU F 181 -43.84 -51.07 -8.41
C GLU F 181 -44.43 -50.96 -7.01
N ASN F 182 -45.76 -50.88 -6.97
CA ASN F 182 -46.55 -50.81 -5.74
C ASN F 182 -46.17 -49.67 -4.81
N PHE F 183 -45.77 -48.53 -5.36
CA PHE F 183 -45.47 -47.39 -4.52
C PHE F 183 -46.77 -46.73 -4.12
N GLY F 184 -47.75 -46.88 -5.00
CA GLY F 184 -49.06 -46.32 -4.78
C GLY F 184 -49.16 -44.85 -5.15
N ILE F 185 -50.38 -44.37 -5.25
CA ILE F 185 -50.62 -42.98 -5.58
C ILE F 185 -52.01 -42.54 -5.13
N GLU F 186 -52.06 -41.99 -3.92
CA GLU F 186 -53.29 -41.50 -3.31
C GLU F 186 -53.94 -40.44 -4.19
N THR F 187 -53.16 -39.40 -4.49
CA THR F 187 -53.58 -38.29 -5.34
C THR F 187 -52.34 -37.64 -5.94
N GLY F 188 -52.49 -36.96 -7.07
CA GLY F 188 -51.34 -36.33 -7.67
C GLY F 188 -51.67 -35.15 -8.56
N LEU F 189 -50.79 -34.16 -8.51
CA LEU F 189 -50.92 -32.94 -9.31
C LEU F 189 -49.67 -32.77 -10.15
N MET F 190 -49.85 -32.52 -11.44
CA MET F 190 -48.69 -32.36 -12.28
C MET F 190 -48.72 -31.07 -13.05
N THR F 191 -47.57 -30.40 -13.05
CA THR F 191 -47.38 -29.17 -13.79
C THR F 191 -46.41 -29.46 -14.91
N THR F 192 -46.67 -28.94 -16.10
CA THR F 192 -45.73 -29.19 -17.18
C THR F 192 -45.23 -27.89 -17.80
N ILE F 193 -43.93 -27.65 -17.73
CA ILE F 193 -43.36 -26.48 -18.39
C ILE F 193 -43.15 -26.86 -19.86
N HIS F 194 -44.09 -26.42 -20.68
CA HIS F 194 -44.16 -26.79 -22.09
C HIS F 194 -43.66 -25.69 -23.06
N SER F 195 -42.98 -26.14 -24.12
CA SER F 195 -42.52 -25.24 -25.16
C SER F 195 -43.71 -24.80 -25.97
N TYR F 196 -43.67 -23.63 -26.60
CA TYR F 196 -44.84 -23.19 -27.36
C TYR F 196 -45.01 -24.01 -28.63
N THR F 197 -46.22 -24.01 -29.17
CA THR F 197 -46.53 -24.78 -30.36
C THR F 197 -47.17 -23.95 -31.46
N ALA F 198 -47.50 -24.63 -32.57
CA ALA F 198 -48.08 -24.02 -33.75
C ALA F 198 -49.41 -23.30 -33.50
N THR F 199 -50.15 -23.69 -32.46
CA THR F 199 -51.44 -23.05 -32.18
C THR F 199 -51.27 -21.65 -31.59
N GLN F 200 -50.07 -21.37 -31.07
CA GLN F 200 -49.80 -20.08 -30.45
C GLN F 200 -49.49 -18.98 -31.44
N LYS F 201 -49.50 -17.74 -30.94
CA LYS F 201 -49.26 -16.55 -31.76
C LYS F 201 -47.92 -15.87 -31.50
N THR F 202 -47.33 -15.34 -32.56
CA THR F 202 -46.07 -14.61 -32.47
C THR F 202 -46.27 -13.31 -31.68
N VAL F 203 -47.34 -12.59 -32.01
CA VAL F 203 -47.70 -11.36 -31.33
C VAL F 203 -49.12 -11.50 -30.77
N ASP F 204 -49.51 -10.68 -29.78
CA ASP F 204 -50.85 -10.79 -29.22
C ASP F 204 -51.89 -10.96 -30.34
N GLY F 205 -52.51 -12.13 -30.38
CA GLY F 205 -53.47 -12.41 -31.43
C GLY F 205 -54.83 -12.87 -30.93
N VAL F 206 -55.56 -13.51 -31.85
CA VAL F 206 -56.92 -14.01 -31.62
C VAL F 206 -56.96 -15.46 -31.17
N SER F 207 -57.75 -15.72 -30.13
CA SER F 207 -57.92 -17.05 -29.54
C SER F 207 -59.12 -17.05 -28.58
N LEU F 208 -60.31 -16.99 -29.13
CA LEU F 208 -61.56 -16.94 -28.37
C LEU F 208 -61.71 -18.07 -27.36
N LYS F 209 -61.17 -19.24 -27.67
CA LYS F 209 -61.28 -20.39 -26.78
C LYS F 209 -60.29 -20.34 -25.62
N ASP F 210 -59.09 -19.85 -25.88
CA ASP F 210 -58.06 -19.73 -24.86
C ASP F 210 -57.47 -18.34 -24.88
N TRP F 211 -58.06 -17.42 -24.13
CA TRP F 211 -57.60 -16.04 -24.11
C TRP F 211 -56.10 -15.91 -23.85
N ARG F 212 -55.60 -16.57 -22.80
CA ARG F 212 -54.18 -16.46 -22.51
C ARG F 212 -53.36 -17.00 -23.68
N GLY F 213 -53.83 -18.11 -24.24
CA GLY F 213 -53.14 -18.75 -25.35
C GLY F 213 -52.99 -17.88 -26.57
N GLY F 214 -53.60 -16.70 -26.59
CA GLY F 214 -53.48 -15.85 -27.77
C GLY F 214 -52.34 -14.85 -27.66
N ARG F 215 -51.83 -14.66 -26.45
CA ARG F 215 -50.76 -13.68 -26.22
C ARG F 215 -49.42 -14.09 -26.86
N ALA F 216 -48.57 -13.11 -27.15
CA ALA F 216 -47.26 -13.36 -27.74
C ALA F 216 -46.60 -14.54 -27.04
N ALA F 217 -46.31 -15.57 -27.81
CA ALA F 217 -45.76 -16.81 -27.27
C ALA F 217 -44.32 -16.75 -26.78
N ALA F 218 -43.40 -16.25 -27.60
CA ALA F 218 -41.97 -16.22 -27.24
C ALA F 218 -41.57 -15.08 -26.34
N VAL F 219 -42.51 -14.53 -25.59
CA VAL F 219 -42.15 -13.44 -24.70
C VAL F 219 -43.00 -13.44 -23.44
N ASN F 220 -43.72 -14.54 -23.21
CA ASN F 220 -44.60 -14.66 -22.05
C ASN F 220 -44.65 -16.07 -21.47
N ILE F 221 -44.86 -16.13 -20.16
CA ILE F 221 -45.12 -17.40 -19.52
C ILE F 221 -46.63 -17.50 -19.60
N ILE F 222 -47.15 -18.52 -20.27
CA ILE F 222 -48.58 -18.57 -20.47
C ILE F 222 -49.25 -19.79 -19.84
N PRO F 223 -50.07 -19.55 -18.81
CA PRO F 223 -50.76 -20.65 -18.16
C PRO F 223 -51.79 -21.23 -19.11
N SER F 224 -52.13 -22.48 -18.91
CA SER F 224 -53.13 -23.14 -19.73
C SER F 224 -53.49 -24.47 -19.12
N THR F 225 -54.72 -24.89 -19.32
CA THR F 225 -55.18 -26.16 -18.79
C THR F 225 -54.68 -27.30 -19.68
N THR F 226 -54.71 -28.52 -19.13
CA THR F 226 -54.26 -29.69 -19.88
C THR F 226 -55.05 -30.94 -19.48
N GLY F 227 -55.43 -31.73 -20.48
CA GLY F 227 -56.18 -32.94 -20.22
C GLY F 227 -55.27 -34.13 -20.00
N ALA F 228 -53.97 -33.94 -20.23
CA ALA F 228 -52.98 -34.99 -20.06
C ALA F 228 -53.10 -35.65 -18.69
N ALA F 229 -53.57 -34.87 -17.72
CA ALA F 229 -53.74 -35.36 -16.35
C ALA F 229 -54.87 -36.40 -16.27
N LYS F 230 -56.04 -36.02 -16.76
CA LYS F 230 -57.19 -36.90 -16.75
C LYS F 230 -56.99 -38.06 -17.73
N ALA F 231 -56.40 -37.74 -18.88
CA ALA F 231 -56.14 -38.73 -19.93
C ALA F 231 -55.37 -39.95 -19.40
N VAL F 232 -54.39 -39.72 -18.54
CA VAL F 232 -53.65 -40.85 -18.00
C VAL F 232 -54.58 -41.77 -17.21
N GLY F 233 -55.71 -41.22 -16.78
CA GLY F 233 -56.69 -42.00 -16.05
C GLY F 233 -57.37 -43.03 -16.93
N MET F 234 -57.31 -42.81 -18.24
CA MET F 234 -57.89 -43.72 -19.23
C MET F 234 -56.92 -44.81 -19.62
N VAL F 235 -55.63 -44.52 -19.51
CA VAL F 235 -54.61 -45.49 -19.84
C VAL F 235 -54.29 -46.34 -18.62
N ILE F 236 -54.45 -45.72 -17.45
CA ILE F 236 -54.24 -46.36 -16.16
C ILE F 236 -55.44 -46.05 -15.26
N PRO F 237 -56.51 -46.86 -15.40
CA PRO F 237 -57.78 -46.79 -14.67
C PRO F 237 -57.64 -46.37 -13.21
N SER F 238 -56.82 -47.12 -12.47
CA SER F 238 -56.59 -46.89 -11.05
C SER F 238 -56.34 -45.43 -10.70
N THR F 239 -55.91 -44.62 -11.67
CA THR F 239 -55.58 -43.21 -11.40
C THR F 239 -56.74 -42.24 -11.66
N LYS F 240 -57.84 -42.74 -12.22
CA LYS F 240 -59.00 -41.90 -12.50
C LYS F 240 -59.40 -41.06 -11.27
N GLY F 241 -59.61 -39.77 -11.49
CA GLY F 241 -60.03 -38.90 -10.41
C GLY F 241 -58.95 -38.65 -9.36
N LYS F 242 -57.79 -39.28 -9.54
CA LYS F 242 -56.68 -39.11 -8.60
C LYS F 242 -55.66 -38.12 -9.14
N LEU F 243 -55.62 -37.99 -10.45
CA LEU F 243 -54.66 -37.11 -11.11
C LEU F 243 -55.33 -35.95 -11.81
N THR F 244 -54.58 -34.86 -11.88
CA THR F 244 -54.99 -33.63 -12.53
C THR F 244 -53.75 -32.74 -12.68
N GLY F 245 -53.74 -31.87 -13.67
CA GLY F 245 -52.57 -31.03 -13.85
C GLY F 245 -52.76 -29.89 -14.81
N MET F 246 -51.80 -28.97 -14.81
CA MET F 246 -51.86 -27.81 -15.68
C MET F 246 -50.57 -27.65 -16.49
N SER F 247 -50.58 -26.65 -17.35
CA SER F 247 -49.45 -26.38 -18.21
C SER F 247 -49.02 -24.92 -18.17
N PHE F 248 -47.73 -24.70 -18.39
CA PHE F 248 -47.14 -23.37 -18.45
C PHE F 248 -46.32 -23.26 -19.74
N ARG F 249 -46.93 -22.68 -20.77
CA ARG F 249 -46.26 -22.48 -22.04
C ARG F 249 -45.18 -21.41 -21.91
N VAL F 250 -43.93 -21.77 -22.23
CA VAL F 250 -42.82 -20.81 -22.14
C VAL F 250 -42.14 -20.58 -23.49
N PRO F 251 -41.28 -19.55 -23.59
CA PRO F 251 -40.57 -19.20 -24.82
C PRO F 251 -39.45 -20.17 -25.29
N THR F 252 -39.85 -21.38 -25.66
CA THR F 252 -38.91 -22.35 -26.24
C THR F 252 -39.63 -23.06 -27.37
N PRO F 253 -38.99 -23.19 -28.53
CA PRO F 253 -39.59 -23.84 -29.70
C PRO F 253 -39.81 -25.34 -29.54
N ASP F 254 -39.10 -25.98 -28.62
CA ASP F 254 -39.29 -27.40 -28.44
C ASP F 254 -38.63 -27.94 -27.17
N VAL F 255 -39.18 -29.06 -26.69
CA VAL F 255 -38.75 -29.73 -25.47
C VAL F 255 -39.50 -29.20 -24.26
N SER F 256 -40.01 -30.10 -23.42
CA SER F 256 -40.76 -29.69 -22.26
C SER F 256 -40.41 -30.59 -21.08
N VAL F 257 -40.85 -30.21 -19.90
CA VAL F 257 -40.57 -31.00 -18.71
C VAL F 257 -41.80 -31.13 -17.81
N VAL F 258 -41.98 -32.33 -17.28
CA VAL F 258 -43.10 -32.63 -16.40
C VAL F 258 -42.65 -32.60 -14.94
N ASP F 259 -43.43 -31.91 -14.13
CA ASP F 259 -43.19 -31.80 -12.70
C ASP F 259 -44.33 -32.47 -11.96
N LEU F 260 -44.10 -33.71 -11.51
CA LEU F 260 -45.15 -34.45 -10.82
C LEU F 260 -44.96 -34.45 -9.31
N THR F 261 -46.03 -34.06 -8.64
CA THR F 261 -46.08 -34.02 -7.20
C THR F 261 -47.19 -34.96 -6.75
N PHE F 262 -46.84 -36.02 -6.03
CA PHE F 262 -47.85 -36.98 -5.61
C PHE F 262 -47.59 -37.54 -4.21
N ARG F 263 -48.65 -38.08 -3.61
CA ARG F 263 -48.57 -38.71 -2.30
C ARG F 263 -48.68 -40.22 -2.48
N ALA F 264 -47.72 -40.96 -1.94
CA ALA F 264 -47.70 -42.41 -2.07
C ALA F 264 -48.72 -43.08 -1.17
N THR F 265 -48.93 -44.37 -1.41
CA THR F 265 -49.85 -45.18 -0.62
C THR F 265 -49.22 -45.63 0.69
N ARG F 266 -48.04 -46.24 0.57
CA ARG F 266 -47.30 -46.73 1.73
C ARG F 266 -46.00 -45.97 1.92
N ASP F 267 -45.50 -45.92 3.14
CA ASP F 267 -44.25 -45.22 3.42
C ASP F 267 -43.15 -45.69 2.48
N THR F 268 -42.34 -44.75 2.03
CA THR F 268 -41.22 -45.03 1.13
C THR F 268 -40.20 -43.89 1.18
N SER F 269 -39.32 -43.82 0.19
CA SER F 269 -38.32 -42.76 0.14
C SER F 269 -38.07 -42.34 -1.30
N ILE F 270 -37.48 -41.17 -1.48
CA ILE F 270 -37.20 -40.71 -2.82
C ILE F 270 -36.15 -41.59 -3.49
N GLN F 271 -35.18 -42.06 -2.71
CA GLN F 271 -34.13 -42.94 -3.24
C GLN F 271 -34.76 -44.19 -3.85
N GLU F 272 -35.71 -44.77 -3.12
CA GLU F 272 -36.41 -45.96 -3.59
C GLU F 272 -37.05 -45.70 -4.94
N ILE F 273 -37.83 -44.62 -4.99
CA ILE F 273 -38.51 -44.22 -6.22
C ILE F 273 -37.51 -44.06 -7.36
N ASP F 274 -36.37 -43.43 -7.05
CA ASP F 274 -35.30 -43.18 -8.03
C ASP F 274 -34.81 -44.50 -8.63
N LYS F 275 -34.38 -45.41 -7.77
CA LYS F 275 -33.87 -46.71 -8.22
C LYS F 275 -34.92 -47.48 -9.01
N ALA F 276 -36.17 -47.41 -8.56
CA ALA F 276 -37.27 -48.10 -9.22
C ALA F 276 -37.48 -47.58 -10.65
N ILE F 277 -37.45 -46.26 -10.80
CA ILE F 277 -37.63 -45.66 -12.12
C ILE F 277 -36.47 -46.03 -13.03
N LYS F 278 -35.25 -45.98 -12.50
CA LYS F 278 -34.06 -46.34 -13.29
C LYS F 278 -34.13 -47.81 -13.71
N LYS F 279 -34.48 -48.67 -12.76
CA LYS F 279 -34.60 -50.10 -13.02
C LYS F 279 -35.60 -50.34 -14.14
N ALA F 280 -36.76 -49.70 -14.02
CA ALA F 280 -37.83 -49.82 -15.01
C ALA F 280 -37.38 -49.30 -16.37
N ALA F 281 -36.58 -48.24 -16.35
CA ALA F 281 -36.09 -47.63 -17.57
C ALA F 281 -35.14 -48.57 -18.30
N GLN F 282 -34.45 -49.40 -17.54
CA GLN F 282 -33.48 -50.34 -18.11
C GLN F 282 -34.11 -51.68 -18.44
N THR F 283 -35.32 -51.92 -17.96
CA THR F 283 -35.96 -53.21 -18.20
C THR F 283 -37.23 -53.14 -19.05
N TYR F 284 -38.39 -53.28 -18.42
CA TYR F 284 -39.67 -53.30 -19.15
C TYR F 284 -40.10 -51.95 -19.73
N MET F 285 -39.36 -50.88 -19.46
CA MET F 285 -39.75 -49.58 -19.99
C MET F 285 -38.72 -49.04 -20.99
N LYS F 286 -37.63 -49.78 -21.18
CA LYS F 286 -36.57 -49.34 -22.09
C LYS F 286 -37.13 -48.94 -23.46
N GLY F 287 -36.64 -47.82 -23.99
CA GLY F 287 -37.10 -47.34 -25.27
C GLY F 287 -38.23 -46.32 -25.13
N ILE F 288 -38.99 -46.45 -24.04
CA ILE F 288 -40.10 -45.57 -23.75
C ILE F 288 -39.72 -44.64 -22.62
N LEU F 289 -39.22 -45.23 -21.54
CA LEU F 289 -38.79 -44.49 -20.38
C LEU F 289 -37.27 -44.53 -20.24
N GLY F 290 -36.65 -43.36 -20.13
CA GLY F 290 -35.22 -43.29 -19.98
C GLY F 290 -34.86 -42.39 -18.82
N PHE F 291 -33.58 -42.21 -18.55
CA PHE F 291 -33.20 -41.33 -17.45
C PHE F 291 -31.84 -40.72 -17.67
N THR F 292 -31.49 -39.79 -16.79
CA THR F 292 -30.21 -39.11 -16.87
C THR F 292 -29.72 -38.73 -15.48
N ASP F 293 -28.40 -38.76 -15.32
CA ASP F 293 -27.73 -38.40 -14.07
C ASP F 293 -26.97 -37.12 -14.26
N GLU F 294 -27.01 -36.59 -15.47
CA GLU F 294 -26.27 -35.38 -15.82
C GLU F 294 -27.04 -34.09 -15.54
N GLU F 295 -26.30 -32.98 -15.57
CA GLU F 295 -26.84 -31.64 -15.36
C GLU F 295 -27.29 -31.06 -16.70
N LEU F 296 -28.37 -31.61 -17.25
CA LEU F 296 -28.86 -31.19 -18.56
C LEU F 296 -29.87 -30.05 -18.51
N VAL F 297 -30.17 -29.54 -19.70
CA VAL F 297 -31.15 -28.48 -19.94
C VAL F 297 -31.96 -28.84 -21.18
N SER F 298 -33.12 -28.22 -21.33
CA SER F 298 -33.99 -28.52 -22.45
C SER F 298 -33.26 -28.86 -23.75
N ALA F 299 -32.30 -28.04 -24.15
CA ALA F 299 -31.57 -28.26 -25.41
C ALA F 299 -31.01 -29.67 -25.56
N ASP F 300 -30.50 -30.23 -24.46
CA ASP F 300 -29.87 -31.56 -24.49
C ASP F 300 -30.84 -32.70 -24.81
N PHE F 301 -32.13 -32.43 -24.86
CA PHE F 301 -33.08 -33.49 -25.13
C PHE F 301 -33.62 -33.39 -26.53
N ILE F 302 -33.06 -32.47 -27.32
CA ILE F 302 -33.54 -32.35 -28.68
C ILE F 302 -33.21 -33.59 -29.45
N ASN F 303 -34.21 -34.13 -30.12
CA ASN F 303 -34.08 -35.35 -30.93
C ASN F 303 -33.99 -36.61 -30.08
N ASP F 304 -34.30 -36.49 -28.80
CA ASP F 304 -34.32 -37.66 -27.93
C ASP F 304 -35.69 -38.33 -28.15
N ASN F 305 -35.71 -39.60 -28.55
CA ASN F 305 -36.98 -40.26 -28.86
C ASN F 305 -37.66 -41.00 -27.72
N ARG F 306 -37.18 -40.87 -26.49
CA ARG F 306 -37.87 -41.54 -25.37
C ARG F 306 -39.10 -40.72 -24.94
N SER F 307 -40.26 -41.37 -24.88
CA SER F 307 -41.49 -40.67 -24.48
C SER F 307 -41.28 -39.82 -23.22
N SER F 308 -40.47 -40.32 -22.30
CA SER F 308 -40.23 -39.62 -21.04
C SER F 308 -38.86 -39.99 -20.46
N VAL F 309 -38.01 -39.00 -20.24
CA VAL F 309 -36.70 -39.28 -19.68
C VAL F 309 -36.51 -38.59 -18.33
N TYR F 310 -36.63 -39.41 -17.31
CA TYR F 310 -36.52 -39.04 -15.90
C TYR F 310 -35.20 -38.35 -15.54
N ASP F 311 -35.31 -37.26 -14.79
CA ASP F 311 -34.16 -36.47 -14.32
C ASP F 311 -33.80 -36.86 -12.89
N SER F 312 -32.82 -37.75 -12.74
CA SER F 312 -32.44 -38.23 -11.41
C SER F 312 -31.93 -37.14 -10.49
N LYS F 313 -30.98 -36.35 -10.95
CA LYS F 313 -30.40 -35.28 -10.13
C LYS F 313 -31.47 -34.26 -9.70
N ALA F 314 -32.21 -33.72 -10.67
CA ALA F 314 -33.26 -32.74 -10.38
C ALA F 314 -34.25 -33.25 -9.35
N THR F 315 -34.59 -34.53 -9.44
CA THR F 315 -35.52 -35.11 -8.50
C THR F 315 -34.88 -35.29 -7.12
N LEU F 316 -33.81 -36.07 -7.08
CA LEU F 316 -33.11 -36.35 -5.82
C LEU F 316 -32.73 -35.10 -5.05
N GLN F 317 -32.41 -34.03 -5.76
CA GLN F 317 -31.97 -32.80 -5.11
C GLN F 317 -33.09 -31.88 -4.64
N ASN F 318 -34.33 -32.12 -5.03
CA ASN F 318 -35.37 -31.16 -4.63
C ASN F 318 -36.54 -31.74 -3.83
N ASN F 319 -36.32 -32.89 -3.18
CA ASN F 319 -37.37 -33.47 -2.34
C ASN F 319 -37.02 -33.21 -0.88
N LEU F 320 -37.91 -33.56 0.04
CA LEU F 320 -37.62 -33.36 1.47
C LEU F 320 -36.68 -34.46 1.98
N PRO F 321 -35.66 -34.08 2.74
CA PRO F 321 -34.63 -34.95 3.33
C PRO F 321 -35.13 -36.34 3.76
N GLY F 322 -36.11 -36.41 4.66
CA GLY F 322 -36.58 -37.72 5.11
C GLY F 322 -38.06 -37.95 4.92
N GLU F 323 -38.64 -37.37 3.87
CA GLU F 323 -40.06 -37.55 3.62
C GLU F 323 -40.37 -39.00 3.28
N LYS F 324 -41.61 -39.40 3.54
CA LYS F 324 -42.01 -40.78 3.27
C LYS F 324 -43.25 -40.90 2.40
N ARG F 325 -43.96 -39.81 2.11
CA ARG F 325 -45.17 -39.90 1.30
C ARG F 325 -45.28 -38.84 0.19
N PHE F 326 -45.11 -37.57 0.55
CA PHE F 326 -45.21 -36.45 -0.40
C PHE F 326 -43.94 -36.31 -1.26
N PHE F 327 -44.03 -36.62 -2.55
CA PHE F 327 -42.85 -36.58 -3.43
C PHE F 327 -43.05 -35.82 -4.73
N LYS F 328 -41.93 -35.39 -5.30
CA LYS F 328 -41.90 -34.67 -6.57
C LYS F 328 -41.03 -35.44 -7.56
N VAL F 329 -41.48 -35.57 -8.80
CA VAL F 329 -40.72 -36.28 -9.83
C VAL F 329 -40.61 -35.44 -11.12
N VAL F 330 -39.38 -35.29 -11.62
CA VAL F 330 -39.12 -34.50 -12.82
C VAL F 330 -38.72 -35.38 -14.00
N SER F 331 -39.36 -35.15 -15.15
CA SER F 331 -39.05 -35.92 -16.35
C SER F 331 -39.20 -35.07 -17.61
N TRP F 332 -38.18 -35.09 -18.46
CA TRP F 332 -38.19 -34.33 -19.71
C TRP F 332 -38.77 -35.12 -20.86
N TYR F 333 -38.97 -34.42 -21.97
CA TYR F 333 -39.49 -35.02 -23.18
C TYR F 333 -39.49 -34.03 -24.33
N ASP F 334 -39.08 -34.50 -25.49
CA ASP F 334 -39.10 -33.69 -26.71
C ASP F 334 -40.52 -33.76 -27.27
N ASN F 335 -41.36 -32.84 -26.84
CA ASN F 335 -42.78 -32.86 -27.22
C ASN F 335 -43.06 -33.14 -28.70
N GLU F 336 -42.10 -32.89 -29.58
CA GLU F 336 -42.36 -33.17 -30.99
C GLU F 336 -41.84 -34.54 -31.42
N TRP F 337 -40.53 -34.70 -31.31
CA TRP F 337 -39.81 -35.89 -31.72
C TRP F 337 -40.34 -37.22 -31.15
N ALA F 338 -40.27 -37.38 -29.83
CA ALA F 338 -40.71 -38.61 -29.16
C ALA F 338 -42.14 -38.98 -29.47
N TYR F 339 -43.05 -38.01 -29.45
CA TYR F 339 -44.44 -38.29 -29.75
C TYR F 339 -44.58 -38.84 -31.16
N SER F 340 -43.88 -38.23 -32.10
CA SER F 340 -43.92 -38.67 -33.49
C SER F 340 -43.51 -40.13 -33.59
N HIS F 341 -42.45 -40.49 -32.87
CA HIS F 341 -42.00 -41.86 -32.89
C HIS F 341 -43.08 -42.79 -32.33
N ARG F 342 -43.69 -42.39 -31.22
CA ARG F 342 -44.75 -43.19 -30.60
C ARG F 342 -45.90 -43.44 -31.57
N VAL F 343 -46.25 -42.47 -32.40
CA VAL F 343 -47.34 -42.66 -33.35
C VAL F 343 -47.00 -43.79 -34.29
N VAL F 344 -45.76 -43.79 -34.75
CA VAL F 344 -45.30 -44.84 -35.64
C VAL F 344 -45.36 -46.17 -34.91
N ASP F 345 -44.75 -46.20 -33.73
CA ASP F 345 -44.73 -47.39 -32.91
C ASP F 345 -46.14 -47.95 -32.70
N LEU F 346 -47.11 -47.08 -32.48
CA LEU F 346 -48.48 -47.53 -32.28
C LEU F 346 -49.03 -48.16 -33.56
N VAL F 347 -48.74 -47.54 -34.71
CA VAL F 347 -49.22 -48.06 -35.97
C VAL F 347 -48.63 -49.44 -36.27
N ARG F 348 -47.32 -49.57 -36.08
CA ARG F 348 -46.65 -50.84 -36.31
C ARG F 348 -47.22 -51.91 -35.40
N TYR F 349 -47.52 -51.54 -34.16
CA TYR F 349 -48.07 -52.49 -33.19
C TYR F 349 -49.43 -52.98 -33.64
N MET F 350 -50.32 -52.03 -33.94
CA MET F 350 -51.66 -52.34 -34.39
C MET F 350 -51.64 -53.22 -35.62
N ALA F 351 -50.86 -52.82 -36.62
CA ALA F 351 -50.74 -53.59 -37.86
C ALA F 351 -50.27 -55.02 -37.57
N ALA F 352 -49.28 -55.15 -36.68
CA ALA F 352 -48.71 -56.45 -36.31
C ALA F 352 -49.72 -57.31 -35.55
N LYS F 353 -50.65 -56.68 -34.84
CA LYS F 353 -51.63 -57.43 -34.10
C LYS F 353 -52.88 -57.70 -34.94
N ASP F 354 -53.19 -56.78 -35.84
CA ASP F 354 -54.34 -56.95 -36.72
C ASP F 354 -54.11 -58.14 -37.62
N ALA F 355 -52.88 -58.27 -38.10
CA ALA F 355 -52.51 -59.36 -38.99
C ALA F 355 -52.46 -60.68 -38.23
N ALA F 356 -51.86 -60.65 -37.04
CA ALA F 356 -51.72 -61.84 -36.20
C ALA F 356 -53.07 -62.51 -35.94
N SER F 357 -54.06 -61.72 -35.55
CA SER F 357 -55.38 -62.26 -35.28
C SER F 357 -56.08 -62.68 -36.57
N SER F 358 -55.57 -62.19 -37.71
CA SER F 358 -56.13 -62.48 -39.03
C SER F 358 -57.49 -61.80 -39.20
#